data_6TTZ
#
_entry.id   6TTZ
#
_cell.length_a   96.520
_cell.length_b   96.520
_cell.length_c   586.820
_cell.angle_alpha   90.000
_cell.angle_beta   90.000
_cell.angle_gamma   120.000
#
_symmetry.space_group_name_H-M   'P 65 2 2'
#
loop_
_entity.id
_entity.type
_entity.pdbx_description
1 polymer 'ATP-dependent Clp protease proteolytic subunit'
2 non-polymer N-[(2S)-3-(3,5-difluorophenyl)-1-[[(3S,9S,13S,15R,19S,22S)-15,19-dimethyl-2,8,12,18,21-pentaoxo-11-oxa-1,7,17,20-tetrazatetracyclo[20.4.0.03,7.013,17]hexacosan-9-yl]amino]-1-oxopropan-2-yl]heptanamide
3 water water
#
_entity_poly.entity_id   1
_entity_poly.type   'polypeptide(L)'
_entity_poly.pdbx_seq_one_letter_code
;MNLIPTVIETTNRGERAYDIYSRLLKDRIIMLGSQIDDNVANSIVSQLLFLQAQDSEKDIYLYINSPGGSVTAGFAIYDT
IQHIKPDVQTICIGMAASMGSFLLAAGAKGKRFALPNAEVMIHQPLGGAQGQATEIEIAANHILKTREKLNRILSERTGQ
SIEKIQKDTDRDNFLTAEEAKEYGLIDEVMVPETKWSHPQFEK
;
_entity_poly.pdbx_strand_id   A,B,C,D,E,F,G
#
# COMPACT_ATOMS: atom_id res chain seq x y z
N LEU A 3 5.26 -1.23 11.74
CA LEU A 3 5.72 -2.24 12.73
C LEU A 3 5.06 -2.02 14.10
N ILE A 4 3.74 -2.19 14.12
CA ILE A 4 2.91 -2.07 15.32
C ILE A 4 2.81 -3.45 16.02
N PRO A 5 3.46 -3.60 17.20
CA PRO A 5 3.56 -4.91 17.84
C PRO A 5 2.25 -5.42 18.45
N THR A 6 2.12 -6.74 18.48
CA THR A 6 0.92 -7.42 18.98
C THR A 6 1.22 -8.02 20.36
N VAL A 7 0.30 -7.82 21.30
CA VAL A 7 0.45 -8.32 22.67
C VAL A 7 -0.61 -9.35 23.03
N ILE A 8 -0.20 -10.34 23.81
CA ILE A 8 -1.07 -11.43 24.23
C ILE A 8 -1.51 -11.24 25.68
N GLU A 9 -2.82 -11.09 25.86
CA GLU A 9 -3.43 -10.90 27.17
C GLU A 9 -4.22 -12.14 27.55
N THR A 10 -3.95 -12.66 28.74
CA THR A 10 -4.68 -13.81 29.27
C THR A 10 -5.64 -13.35 30.36
N THR A 11 -6.94 -13.50 30.10
CA THR A 11 -7.99 -13.18 31.05
C THR A 11 -8.81 -14.44 31.39
N ASN A 12 -9.95 -14.25 32.06
CA ASN A 12 -10.85 -15.36 32.40
C ASN A 12 -11.52 -16.03 31.20
N ARG A 13 -11.85 -15.23 30.17
CA ARG A 13 -12.44 -15.77 28.93
C ARG A 13 -11.42 -16.56 28.10
N GLY A 14 -10.15 -16.13 28.11
CA GLY A 14 -9.07 -16.86 27.47
C GLY A 14 -7.89 -16.01 27.07
N GLU A 15 -7.33 -16.32 25.90
CA GLU A 15 -6.20 -15.57 25.34
C GLU A 15 -6.65 -14.70 24.17
N ARG A 16 -6.22 -13.45 24.18
CA ARG A 16 -6.58 -12.47 23.15
C ARG A 16 -5.40 -11.62 22.68
N ALA A 17 -5.27 -11.51 21.36
CA ALA A 17 -4.25 -10.69 20.71
C ALA A 17 -4.78 -9.30 20.39
N TYR A 18 -4.11 -8.28 20.90
CA TYR A 18 -4.41 -6.88 20.62
C TYR A 18 -3.19 -6.23 19.97
N ASP A 19 -3.41 -5.24 19.11
CA ASP A 19 -2.34 -4.30 18.80
C ASP A 19 -2.15 -3.41 20.02
N ILE A 20 -0.91 -3.00 20.27
CA ILE A 20 -0.52 -2.31 21.52
C ILE A 20 -1.42 -1.10 21.87
N TYR A 21 -1.82 -0.33 20.85
CA TYR A 21 -2.66 0.85 21.05
C TYR A 21 -4.11 0.51 21.43
N SER A 22 -4.65 -0.57 20.85
CA SER A 22 -5.97 -1.08 21.23
C SER A 22 -5.98 -1.66 22.64
N ARG A 23 -4.86 -2.27 23.04
CA ARG A 23 -4.68 -2.80 24.39
C ARG A 23 -4.75 -1.70 25.45
N LEU A 24 -4.15 -0.56 25.18
CA LEU A 24 -4.21 0.56 26.08
C LEU A 24 -5.63 1.13 26.19
N LEU A 25 -6.32 1.17 25.06
CA LEU A 25 -7.69 1.69 24.99
C LEU A 25 -8.67 0.89 25.87
N LYS A 26 -8.42 -0.40 26.02
CA LYS A 26 -9.18 -1.29 26.91
C LYS A 26 -9.14 -0.82 28.37
N ASP A 27 -8.02 -0.20 28.75
CA ASP A 27 -7.83 0.41 30.08
C ASP A 27 -8.09 1.93 30.07
N ARG A 28 -8.82 2.40 29.05
CA ARG A 28 -9.26 3.81 28.92
C ARG A 28 -8.13 4.83 28.65
N ILE A 29 -7.05 4.35 28.01
CA ILE A 29 -5.96 5.23 27.58
C ILE A 29 -6.10 5.57 26.09
N ILE A 30 -6.13 6.87 25.79
CA ILE A 30 -6.10 7.38 24.43
C ILE A 30 -4.72 7.97 24.15
N MET A 31 -4.13 7.57 23.01
CA MET A 31 -2.82 8.07 22.59
C MET A 31 -2.96 9.17 21.54
N LEU A 32 -2.71 10.41 21.97
CA LEU A 32 -2.58 11.54 21.04
C LEU A 32 -1.10 11.75 20.75
N GLY A 33 -0.60 11.00 19.77
CA GLY A 33 0.84 10.94 19.51
C GLY A 33 1.28 11.37 18.12
N SER A 34 0.57 12.33 17.54
CA SER A 34 0.87 12.82 16.20
C SER A 34 0.36 14.25 15.99
N GLN A 35 0.68 14.82 14.83
CA GLN A 35 0.12 16.10 14.39
C GLN A 35 -1.42 16.01 14.36
N ILE A 36 -2.07 17.05 14.86
CA ILE A 36 -3.53 17.07 14.94
C ILE A 36 -4.13 17.59 13.63
N ASP A 37 -4.69 16.68 12.86
CA ASP A 37 -5.53 17.01 11.70
C ASP A 37 -6.95 16.49 11.94
N ASP A 38 -7.81 16.64 10.93
CA ASP A 38 -9.21 16.20 11.03
C ASP A 38 -9.36 14.70 11.29
N ASN A 39 -8.51 13.89 10.65
CA ASN A 39 -8.51 12.44 10.84
C ASN A 39 -8.19 12.02 12.28
N VAL A 40 -7.17 12.65 12.87
CA VAL A 40 -6.73 12.37 14.23
C VAL A 40 -7.81 12.83 15.24
N ALA A 41 -8.30 14.06 15.08
CA ALA A 41 -9.39 14.61 15.90
C ALA A 41 -10.61 13.69 15.94
N ASN A 42 -11.05 13.24 14.76
CA ASN A 42 -12.22 12.35 14.63
C ASN A 42 -12.03 11.00 15.32
N SER A 43 -10.79 10.52 15.33
CA SER A 43 -10.41 9.30 16.04
C SER A 43 -10.47 9.51 17.55
N ILE A 44 -9.84 10.59 18.03
CA ILE A 44 -9.83 10.96 19.47
C ILE A 44 -11.26 11.18 19.99
N VAL A 45 -12.07 11.93 19.22
CA VAL A 45 -13.47 12.23 19.56
C VAL A 45 -14.28 10.95 19.74
N SER A 46 -14.18 10.04 18.76
CA SER A 46 -14.88 8.75 18.79
C SER A 46 -14.42 7.86 19.95
N GLN A 47 -13.13 7.93 20.29
CA GLN A 47 -12.55 7.21 21.42
C GLN A 47 -13.08 7.70 22.77
N LEU A 48 -13.21 9.03 22.90
CA LEU A 48 -13.77 9.64 24.10
C LEU A 48 -15.25 9.28 24.30
N LEU A 49 -16.02 9.37 23.21
CA LEU A 49 -17.45 9.03 23.21
C LEU A 49 -17.71 7.56 23.51
N PHE A 50 -16.87 6.68 22.98
CA PHE A 50 -16.95 5.23 23.25
C PHE A 50 -16.70 4.89 24.72
N LEU A 51 -15.65 5.48 25.29
CA LEU A 51 -15.25 5.20 26.68
C LEU A 51 -16.27 5.72 27.70
N GLN A 52 -16.92 6.84 27.38
CA GLN A 52 -18.04 7.32 28.21
C GLN A 52 -19.20 6.34 28.17
N ALA A 53 -19.54 5.86 26.97
CA ALA A 53 -20.62 4.90 26.78
C ALA A 53 -20.40 3.59 27.57
N GLN A 54 -19.15 3.15 27.64
CA GLN A 54 -18.74 1.99 28.44
C GLN A 54 -18.93 2.24 29.95
N ASP A 55 -18.44 3.37 30.42
CA ASP A 55 -18.49 3.77 31.82
C ASP A 55 -18.42 5.29 31.91
N SER A 56 -19.52 5.91 32.36
CA SER A 56 -19.61 7.37 32.49
C SER A 56 -18.96 7.90 33.77
N GLU A 57 -18.45 7.00 34.60
CA GLU A 57 -17.89 7.35 35.91
C GLU A 57 -16.36 7.31 35.94
N LYS A 58 -15.78 6.22 35.46
CA LYS A 58 -14.32 5.98 35.47
C LYS A 58 -13.53 7.01 34.67
N ASP A 59 -12.38 7.41 35.21
CA ASP A 59 -11.46 8.35 34.56
C ASP A 59 -10.97 7.87 33.20
N ILE A 60 -10.73 8.83 32.30
CA ILE A 60 -10.07 8.59 31.02
C ILE A 60 -8.68 9.26 31.08
N TYR A 61 -7.72 8.65 30.39
CA TYR A 61 -6.33 9.08 30.43
C TYR A 61 -5.83 9.37 29.01
N LEU A 62 -5.53 10.66 28.76
CA LEU A 62 -5.06 11.12 27.46
C LEU A 62 -3.55 11.42 27.49
N TYR A 63 -2.77 10.57 26.82
CA TYR A 63 -1.32 10.75 26.74
C TYR A 63 -0.96 11.54 25.49
N ILE A 64 -0.21 12.62 25.68
CA ILE A 64 0.05 13.60 24.63
C ILE A 64 1.54 13.69 24.27
N ASN A 65 1.84 13.36 23.02
CA ASN A 65 3.12 13.65 22.39
C ASN A 65 2.81 14.21 21.00
N SER A 66 2.51 15.52 20.95
CA SER A 66 1.96 16.16 19.77
C SER A 66 2.51 17.57 19.57
N PRO A 67 2.83 17.95 18.31
CA PRO A 67 3.20 19.33 17.99
C PRO A 67 2.01 20.25 17.66
N GLY A 68 0.79 19.75 17.87
CA GLY A 68 -0.44 20.49 17.53
C GLY A 68 -0.80 20.27 16.07
N GLY A 69 -1.44 21.26 15.46
CA GLY A 69 -1.82 21.20 14.04
C GLY A 69 -2.96 22.12 13.66
N SER A 70 -4.13 21.54 13.43
CA SER A 70 -5.33 22.29 13.09
C SER A 70 -6.06 22.74 14.37
N VAL A 71 -6.37 24.03 14.43
CA VAL A 71 -7.05 24.64 15.59
C VAL A 71 -8.50 24.14 15.72
N THR A 72 -9.22 24.09 14.60
CA THR A 72 -10.59 23.57 14.57
C THR A 72 -10.66 22.08 14.96
N ALA A 73 -9.67 21.31 14.52
CA ALA A 73 -9.52 19.90 14.93
C ALA A 73 -9.24 19.77 16.42
N GLY A 74 -8.40 20.67 16.94
CA GLY A 74 -8.08 20.74 18.37
C GLY A 74 -9.29 21.04 19.22
N PHE A 75 -10.14 21.97 18.75
CA PHE A 75 -11.38 22.32 19.44
C PHE A 75 -12.46 21.23 19.42
N ALA A 76 -12.42 20.37 18.39
CA ALA A 76 -13.27 19.18 18.33
C ALA A 76 -13.00 18.24 19.52
N ILE A 77 -11.71 18.03 19.81
CA ILE A 77 -11.23 17.26 20.95
C ILE A 77 -11.54 17.98 22.28
N TYR A 78 -11.21 19.27 22.34
CA TYR A 78 -11.46 20.11 23.52
C TYR A 78 -12.93 20.03 23.98
N ASP A 79 -13.85 20.29 23.05
CA ASP A 79 -15.28 20.33 23.33
C ASP A 79 -15.87 18.98 23.74
N THR A 80 -15.26 17.89 23.25
CA THR A 80 -15.67 16.52 23.61
C THR A 80 -15.22 16.16 25.02
N ILE A 81 -13.99 16.57 25.38
CA ILE A 81 -13.47 16.42 26.74
C ILE A 81 -14.41 17.12 27.75
N GLN A 82 -14.76 18.37 27.47
CA GLN A 82 -15.63 19.16 28.35
C GLN A 82 -17.05 18.59 28.41
N HIS A 83 -17.56 18.11 27.28
CA HIS A 83 -18.92 17.58 27.20
C HIS A 83 -19.14 16.30 28.00
N ILE A 84 -18.21 15.35 27.89
CA ILE A 84 -18.34 14.06 28.56
C ILE A 84 -18.24 14.17 30.08
N LYS A 85 -18.94 13.29 30.77
CA LYS A 85 -18.99 13.25 32.23
C LYS A 85 -17.69 12.80 32.93
N PRO A 86 -16.97 11.76 32.39
CA PRO A 86 -15.75 11.36 33.10
C PRO A 86 -14.65 12.41 33.06
N ASP A 87 -13.88 12.48 34.16
CA ASP A 87 -12.65 13.27 34.21
C ASP A 87 -11.64 12.73 33.19
N VAL A 88 -11.10 13.63 32.39
CA VAL A 88 -10.02 13.30 31.44
C VAL A 88 -8.70 13.81 32.00
N GLN A 89 -7.85 12.86 32.39
CA GLN A 89 -6.49 13.16 32.83
C GLN A 89 -5.63 13.36 31.59
N THR A 90 -4.76 14.38 31.63
CA THR A 90 -3.80 14.61 30.54
C THR A 90 -2.37 14.40 31.02
N ILE A 91 -1.57 13.76 30.17
CA ILE A 91 -0.18 13.43 30.49
C ILE A 91 0.71 13.77 29.30
N CYS A 92 1.62 14.72 29.52
CA CYS A 92 2.58 15.13 28.51
C CYS A 92 3.82 14.23 28.51
N ILE A 93 4.00 13.49 27.41
CA ILE A 93 5.21 12.70 27.17
C ILE A 93 5.95 13.30 25.98
N GLY A 94 7.23 13.61 26.16
CA GLY A 94 8.06 14.18 25.10
C GLY A 94 7.79 15.62 24.70
N MET A 95 6.62 15.87 24.09
CA MET A 95 6.30 17.17 23.49
C MET A 95 4.80 17.48 23.49
N ALA A 96 4.41 18.62 24.07
CA ALA A 96 3.07 19.18 23.88
C ALA A 96 3.19 20.63 23.42
N ALA A 97 3.12 20.81 22.11
CA ALA A 97 3.32 22.12 21.48
C ALA A 97 2.04 22.60 20.81
N SER A 98 1.83 23.92 20.87
CA SER A 98 0.71 24.61 20.21
C SER A 98 -0.64 24.12 20.75
N MET A 99 -1.42 23.46 19.88
CA MET A 99 -2.74 22.94 20.23
C MET A 99 -2.62 21.70 21.14
N GLY A 100 -1.45 21.05 21.10
CA GLY A 100 -1.10 19.98 22.04
C GLY A 100 -0.99 20.45 23.48
N SER A 101 -0.35 21.61 23.69
CA SER A 101 -0.28 22.22 25.03
C SER A 101 -1.64 22.70 25.51
N PHE A 102 -2.44 23.21 24.56
CA PHE A 102 -3.82 23.67 24.83
C PHE A 102 -4.70 22.54 25.36
N LEU A 103 -4.55 21.36 24.74
CA LEU A 103 -5.30 20.18 25.16
C LEU A 103 -4.76 19.56 26.45
N LEU A 104 -3.46 19.74 26.69
CA LEU A 104 -2.83 19.35 27.96
C LEU A 104 -3.42 20.15 29.13
N ALA A 105 -3.62 21.46 28.92
CA ALA A 105 -4.19 22.37 29.91
C ALA A 105 -5.70 22.17 30.10
N ALA A 106 -6.32 21.49 29.13
CA ALA A 106 -7.76 21.23 29.09
C ALA A 106 -8.19 20.05 29.97
N GLY A 107 -7.22 19.27 30.45
CA GLY A 107 -7.48 18.12 31.31
C GLY A 107 -8.16 18.48 32.61
N ALA A 108 -8.77 17.48 33.26
CA ALA A 108 -9.46 17.66 34.53
C ALA A 108 -8.54 18.32 35.55
N LYS A 109 -9.03 19.40 36.16
CA LYS A 109 -8.22 20.20 37.08
C LYS A 109 -7.80 19.38 38.29
N GLY A 110 -6.49 19.41 38.55
CA GLY A 110 -5.87 18.54 39.55
C GLY A 110 -5.27 17.28 38.94
N LYS A 111 -5.51 17.05 37.65
CA LYS A 111 -5.14 15.78 36.99
C LYS A 111 -4.39 15.95 35.65
N ARG A 112 -3.72 17.08 35.49
CA ARG A 112 -2.88 17.35 34.32
C ARG A 112 -1.41 17.17 34.72
N PHE A 113 -0.69 16.37 33.92
CA PHE A 113 0.68 15.96 34.25
C PHE A 113 1.65 16.17 33.09
N ALA A 114 2.91 16.41 33.43
CA ALA A 114 4.02 16.31 32.48
C ALA A 114 5.16 15.53 33.10
N LEU A 115 5.77 14.66 32.30
CA LEU A 115 6.96 13.92 32.73
C LEU A 115 8.18 14.87 32.83
N PRO A 116 9.19 14.51 33.66
CA PRO A 116 10.22 15.48 34.08
C PRO A 116 10.97 16.22 32.94
N ASN A 117 11.24 15.50 31.85
CA ASN A 117 12.00 16.06 30.72
C ASN A 117 11.14 16.37 29.48
N ALA A 118 9.82 16.33 29.65
CA ALA A 118 8.89 16.68 28.58
C ALA A 118 8.91 18.18 28.28
N GLU A 119 8.73 18.52 27.00
CA GLU A 119 8.68 19.91 26.53
C GLU A 119 7.25 20.38 26.33
N VAL A 120 6.96 21.58 26.84
CA VAL A 120 5.68 22.26 26.63
C VAL A 120 5.95 23.55 25.84
N MET A 121 5.18 23.76 24.78
CA MET A 121 5.31 24.97 23.97
C MET A 121 3.97 25.66 23.74
N ILE A 122 3.93 26.96 24.01
CA ILE A 122 2.75 27.80 23.75
C ILE A 122 3.07 28.91 22.75
N HIS A 123 2.12 29.16 21.84
CA HIS A 123 2.28 30.17 20.78
C HIS A 123 0.92 30.71 20.32
N GLN A 124 0.94 31.71 19.44
CA GLN A 124 -0.29 32.21 18.80
C GLN A 124 -0.66 31.37 17.55
N PRO A 125 -1.94 31.39 17.12
CA PRO A 125 -2.33 30.63 15.93
C PRO A 125 -1.67 31.12 14.64
N LEU A 126 -1.41 30.19 13.73
CA LEU A 126 -0.83 30.47 12.42
C LEU A 126 -1.89 30.31 11.34
N GLY A 127 -1.72 31.04 10.24
CA GLY A 127 -2.63 30.98 9.10
C GLY A 127 -2.11 31.61 7.83
N GLY A 128 -3.02 31.88 6.91
CA GLY A 128 -2.69 32.46 5.60
C GLY A 128 -3.84 33.20 4.96
N ALA A 129 -3.50 34.02 3.96
CA ALA A 129 -4.48 34.77 3.16
C ALA A 129 -3.84 35.21 1.84
N GLN A 130 -4.55 34.97 0.74
CA GLN A 130 -4.13 35.40 -0.60
C GLN A 130 -5.35 35.89 -1.39
N GLY A 131 -5.25 37.11 -1.91
CA GLY A 131 -6.29 37.68 -2.77
C GLY A 131 -6.58 39.15 -2.53
N GLN A 132 -7.86 39.51 -2.63
CA GLN A 132 -8.34 40.89 -2.51
C GLN A 132 -8.22 41.41 -1.07
N ALA A 133 -8.14 42.74 -0.93
CA ALA A 133 -8.06 43.40 0.37
C ALA A 133 -9.23 43.04 1.30
N THR A 134 -10.43 42.94 0.71
CA THR A 134 -11.65 42.49 1.42
C THR A 134 -11.51 41.05 1.95
N GLU A 135 -10.92 40.17 1.15
CA GLU A 135 -10.69 38.78 1.51
C GLU A 135 -9.67 38.62 2.66
N ILE A 136 -8.55 39.35 2.55
CA ILE A 136 -7.47 39.34 3.56
C ILE A 136 -7.99 39.87 4.91
N GLU A 137 -8.82 40.91 4.86
CA GLU A 137 -9.48 41.49 6.04
C GLU A 137 -10.31 40.45 6.80
N ILE A 138 -11.12 39.69 6.07
CA ILE A 138 -11.97 38.64 6.62
C ILE A 138 -11.14 37.52 7.27
N ALA A 139 -10.08 37.10 6.59
CA ALA A 139 -9.15 36.10 7.11
C ALA A 139 -8.42 36.57 8.36
N ALA A 140 -7.95 37.81 8.36
CA ALA A 140 -7.28 38.42 9.52
C ALA A 140 -8.23 38.55 10.72
N ASN A 141 -9.46 39.00 10.46
CA ASN A 141 -10.49 39.11 11.51
C ASN A 141 -10.89 37.76 12.09
N HIS A 142 -10.91 36.73 11.24
CA HIS A 142 -11.22 35.37 11.69
C HIS A 142 -10.14 34.77 12.58
N ILE A 143 -8.87 34.92 12.18
CA ILE A 143 -7.74 34.38 12.96
C ILE A 143 -7.48 35.15 14.27
N LEU A 144 -7.77 36.45 14.28
CA LEU A 144 -7.66 37.26 15.49
C LEU A 144 -8.73 36.89 16.52
N LYS A 145 -9.96 36.64 16.04
CA LYS A 145 -11.06 36.12 16.86
C LYS A 145 -10.74 34.72 17.41
N THR A 146 -10.08 33.91 16.59
CA THR A 146 -9.59 32.59 17.00
C THR A 146 -8.57 32.69 18.15
N ARG A 147 -7.64 33.66 18.06
CA ARG A 147 -6.68 33.93 19.14
C ARG A 147 -7.37 34.43 20.42
N GLU A 148 -8.39 35.27 20.26
CA GLU A 148 -9.22 35.74 21.39
C GLU A 148 -9.86 34.59 22.16
N LYS A 149 -10.45 33.66 21.40
CA LYS A 149 -11.10 32.44 21.92
C LYS A 149 -10.10 31.56 22.67
N LEU A 150 -8.92 31.34 22.07
CA LEU A 150 -7.86 30.52 22.66
C LEU A 150 -7.27 31.12 23.94
N ASN A 151 -6.98 32.43 23.92
CA ASN A 151 -6.41 33.14 25.05
C ASN A 151 -7.35 33.22 26.25
N ARG A 152 -8.65 33.38 25.98
CA ARG A 152 -9.69 33.42 27.00
C ARG A 152 -9.77 32.10 27.78
N ILE A 153 -9.77 30.97 27.05
CA ILE A 153 -9.83 29.63 27.65
C ILE A 153 -8.54 29.29 28.40
N LEU A 154 -7.38 29.58 27.79
CA LEU A 154 -6.07 29.42 28.44
C LEU A 154 -5.93 30.24 29.73
N SER A 155 -6.50 31.45 29.73
CA SER A 155 -6.58 32.29 30.92
C SER A 155 -7.34 31.57 32.05
N GLU A 156 -8.51 31.03 31.72
CA GLU A 156 -9.36 30.30 32.67
C GLU A 156 -8.71 29.02 33.21
N ARG A 157 -7.99 28.31 32.32
CA ARG A 157 -7.34 27.03 32.67
C ARG A 157 -6.08 27.17 33.52
N THR A 158 -5.37 28.30 33.37
CA THR A 158 -4.09 28.52 34.05
C THR A 158 -4.21 29.39 35.30
N GLY A 159 -5.17 30.31 35.29
CA GLY A 159 -5.32 31.30 36.35
C GLY A 159 -4.64 32.62 36.03
N GLN A 160 -3.85 32.63 34.96
CA GLN A 160 -3.16 33.85 34.48
C GLN A 160 -4.16 34.74 33.75
N SER A 161 -3.87 36.05 33.71
CA SER A 161 -4.74 37.01 33.01
C SER A 161 -4.55 36.92 31.50
N ILE A 162 -5.55 37.42 30.76
CA ILE A 162 -5.51 37.50 29.29
C ILE A 162 -4.31 38.31 28.80
N GLU A 163 -4.05 39.45 29.45
CA GLU A 163 -2.89 40.32 29.19
C GLU A 163 -1.55 39.55 29.18
N LYS A 164 -1.36 38.69 30.19
CA LYS A 164 -0.15 37.86 30.31
C LYS A 164 -0.10 36.74 29.27
N ILE A 165 -1.23 36.06 29.04
CA ILE A 165 -1.34 35.03 27.99
C ILE A 165 -0.94 35.63 26.63
N GLN A 166 -1.46 36.83 26.34
CA GLN A 166 -1.16 37.59 25.11
C GLN A 166 0.35 37.86 24.92
N LYS A 167 1.00 38.39 25.96
CA LYS A 167 2.43 38.69 25.94
C LYS A 167 3.28 37.41 25.79
N ASP A 168 2.88 36.36 26.51
CA ASP A 168 3.63 35.10 26.56
C ASP A 168 3.40 34.17 25.36
N THR A 169 2.38 34.44 24.56
CA THR A 169 2.12 33.66 23.32
C THR A 169 2.44 34.43 22.02
N ASP A 170 2.92 35.65 22.16
CA ASP A 170 3.29 36.51 21.02
C ASP A 170 4.36 35.85 20.12
N ARG A 171 5.35 35.23 20.76
CA ARG A 171 6.36 34.41 20.10
C ARG A 171 6.36 33.01 20.73
N ASP A 172 6.90 32.03 20.00
CA ASP A 172 7.09 30.66 20.51
C ASP A 172 7.72 30.70 21.90
N ASN A 173 7.03 30.10 22.87
CA ASN A 173 7.47 30.08 24.25
C ASN A 173 7.64 28.64 24.75
N PHE A 174 8.89 28.25 24.94
CA PHE A 174 9.24 26.93 25.47
C PHE A 174 9.27 26.94 27.00
N LEU A 175 8.70 25.88 27.59
CA LEU A 175 8.64 25.71 29.03
C LEU A 175 9.05 24.30 29.44
N THR A 176 9.74 24.20 30.58
CA THR A 176 10.03 22.91 31.21
C THR A 176 8.76 22.38 31.88
N ALA A 177 8.82 21.14 32.38
CA ALA A 177 7.74 20.56 33.19
C ALA A 177 7.46 21.40 34.45
N GLU A 178 8.52 21.80 35.15
CA GLU A 178 8.39 22.63 36.36
C GLU A 178 7.85 24.04 36.06
N GLU A 179 8.26 24.62 34.93
CA GLU A 179 7.76 25.91 34.47
C GLU A 179 6.28 25.86 34.05
N ALA A 180 5.87 24.76 33.44
CA ALA A 180 4.47 24.53 33.06
C ALA A 180 3.55 24.39 34.29
N LYS A 181 4.07 23.83 35.38
CA LYS A 181 3.35 23.72 36.65
C LYS A 181 3.15 25.09 37.30
N GLU A 182 4.23 25.86 37.38
CA GLU A 182 4.21 27.24 37.90
C GLU A 182 3.28 28.13 37.07
N TYR A 183 3.29 27.93 35.75
CA TYR A 183 2.41 28.65 34.83
C TYR A 183 0.93 28.31 35.02
N GLY A 184 0.66 27.06 35.42
CA GLY A 184 -0.70 26.57 35.62
C GLY A 184 -1.25 25.81 34.43
N LEU A 185 -0.36 25.37 33.54
CA LEU A 185 -0.71 24.55 32.39
C LEU A 185 -0.87 23.08 32.79
N ILE A 186 -0.08 22.67 33.78
CA ILE A 186 -0.23 21.37 34.45
C ILE A 186 -0.36 21.56 35.97
N ASP A 187 -0.74 20.49 36.66
CA ASP A 187 -0.91 20.50 38.10
C ASP A 187 0.30 19.93 38.83
N GLU A 188 0.83 18.82 38.33
CA GLU A 188 1.97 18.13 38.93
C GLU A 188 2.98 17.68 37.88
N VAL A 189 4.25 17.65 38.25
CA VAL A 189 5.28 16.98 37.47
C VAL A 189 5.30 15.53 37.95
N MET A 190 5.10 14.58 37.03
CA MET A 190 5.01 13.16 37.39
C MET A 190 6.37 12.53 37.66
N VAL A 191 6.52 12.05 38.90
CA VAL A 191 7.78 11.53 39.44
C VAL A 191 7.56 10.06 39.87
N PRO A 192 8.50 9.14 39.52
CA PRO A 192 8.45 7.70 39.81
C PRO A 192 7.81 7.28 41.14
N ILE B 4 -6.21 4.21 13.40
CA ILE B 4 -7.64 3.85 13.72
C ILE B 4 -7.65 2.66 14.68
N PRO B 5 -8.23 2.85 15.90
CA PRO B 5 -8.15 1.81 16.92
C PRO B 5 -9.29 0.77 16.87
N THR B 6 -9.02 -0.38 17.46
CA THR B 6 -9.96 -1.49 17.54
C THR B 6 -10.57 -1.59 18.94
N VAL B 7 -11.89 -1.77 18.99
CA VAL B 7 -12.62 -2.02 20.25
C VAL B 7 -13.30 -3.39 20.23
N ILE B 8 -13.44 -3.99 21.40
CA ILE B 8 -14.00 -5.35 21.55
C ILE B 8 -15.40 -5.29 22.16
N GLU B 9 -16.35 -5.97 21.52
CA GLU B 9 -17.73 -6.05 22.00
C GLU B 9 -18.19 -7.46 22.35
N THR B 10 -19.33 -7.54 23.05
CA THR B 10 -19.91 -8.80 23.51
C THR B 10 -20.43 -9.67 22.37
N GLU B 15 -17.21 -12.83 21.51
CA GLU B 15 -16.53 -11.54 21.38
C GLU B 15 -16.24 -11.19 19.92
N ARG B 16 -16.41 -9.91 19.59
CA ARG B 16 -16.11 -9.40 18.24
C ARG B 16 -15.36 -8.07 18.29
N ALA B 17 -14.39 -7.94 17.37
CA ALA B 17 -13.57 -6.74 17.22
C ALA B 17 -14.15 -5.81 16.15
N TYR B 18 -14.32 -4.54 16.51
CA TYR B 18 -14.79 -3.48 15.61
C TYR B 18 -13.72 -2.41 15.49
N ASP B 19 -13.58 -1.81 14.31
CA ASP B 19 -12.93 -0.51 14.20
C ASP B 19 -13.91 0.52 14.79
N ILE B 20 -13.38 1.60 15.35
CA ILE B 20 -14.20 2.54 16.14
C ILE B 20 -15.38 3.17 15.37
N TYR B 21 -15.19 3.48 14.08
CA TYR B 21 -16.25 4.06 13.26
C TYR B 21 -17.39 3.09 12.98
N SER B 22 -17.04 1.82 12.73
CA SER B 22 -18.03 0.75 12.57
C SER B 22 -18.81 0.50 13.86
N ARG B 23 -18.13 0.64 15.00
CA ARG B 23 -18.75 0.51 16.32
C ARG B 23 -19.78 1.63 16.58
N LEU B 24 -19.48 2.83 16.13
CA LEU B 24 -20.41 3.92 16.21
C LEU B 24 -21.60 3.72 15.31
N LEU B 25 -21.37 3.20 14.11
CA LEU B 25 -22.44 2.91 13.15
C LEU B 25 -23.46 1.89 13.66
N LYS B 26 -23.01 0.96 14.50
CA LYS B 26 -23.88 0.00 15.20
C LYS B 26 -24.97 0.72 16.02
N ASP B 27 -24.63 1.91 16.50
CA ASP B 27 -25.54 2.74 17.28
C ASP B 27 -26.07 3.94 16.48
N ARG B 28 -26.12 3.77 15.15
CA ARG B 28 -26.79 4.70 14.20
C ARG B 28 -26.12 6.08 14.07
N ILE B 29 -24.80 6.11 14.31
CA ILE B 29 -23.98 7.32 14.16
C ILE B 29 -23.14 7.25 12.88
N ILE B 30 -23.27 8.28 12.05
CA ILE B 30 -22.49 8.41 10.82
C ILE B 30 -21.49 9.57 10.95
N MET B 31 -20.22 9.27 10.67
CA MET B 31 -19.14 10.25 10.66
C MET B 31 -18.93 10.88 9.27
N LEU B 32 -19.16 12.19 9.20
CA LEU B 32 -18.76 13.00 8.05
C LEU B 32 -17.57 13.84 8.51
N GLY B 33 -16.38 13.25 8.40
CA GLY B 33 -15.17 13.80 9.01
C GLY B 33 -14.02 14.10 8.06
N SER B 34 -14.34 14.32 6.80
CA SER B 34 -13.34 14.65 5.79
C SER B 34 -13.93 15.57 4.73
N GLN B 35 -13.10 15.95 3.76
CA GLN B 35 -13.54 16.64 2.54
C GLN B 35 -14.60 15.80 1.82
N ILE B 36 -15.65 16.46 1.34
CA ILE B 36 -16.74 15.77 0.67
C ILE B 36 -16.40 15.54 -0.82
N ASP B 37 -16.11 14.29 -1.16
CA ASP B 37 -16.04 13.85 -2.55
C ASP B 37 -17.08 12.75 -2.81
N ASP B 38 -17.09 12.19 -4.02
CA ASP B 38 -18.05 11.15 -4.40
C ASP B 38 -17.95 9.88 -3.54
N ASN B 39 -16.71 9.46 -3.25
CA ASN B 39 -16.44 8.29 -2.39
C ASN B 39 -17.05 8.44 -1.00
N VAL B 40 -16.91 9.62 -0.42
CA VAL B 40 -17.47 9.97 0.90
C VAL B 40 -19.00 9.99 0.81
N ALA B 41 -19.52 10.68 -0.20
CA ALA B 41 -20.97 10.78 -0.45
C ALA B 41 -21.64 9.40 -0.50
N ASN B 42 -21.12 8.53 -1.36
CA ASN B 42 -21.63 7.18 -1.58
C ASN B 42 -21.57 6.32 -0.31
N SER B 43 -20.55 6.56 0.50
CA SER B 43 -20.40 5.91 1.80
C SER B 43 -21.47 6.36 2.81
N ILE B 44 -21.69 7.68 2.92
CA ILE B 44 -22.75 8.25 3.78
C ILE B 44 -24.13 7.77 3.30
N VAL B 45 -24.36 7.83 1.98
CA VAL B 45 -25.62 7.41 1.35
C VAL B 45 -25.93 5.95 1.69
N SER B 46 -24.97 5.05 1.46
CA SER B 46 -25.12 3.63 1.76
C SER B 46 -25.38 3.37 3.25
N GLN B 47 -24.72 4.13 4.11
CA GLN B 47 -24.90 4.06 5.56
C GLN B 47 -26.31 4.48 5.99
N LEU B 48 -26.78 5.61 5.46
CA LEU B 48 -28.13 6.13 5.72
C LEU B 48 -29.24 5.15 5.31
N LEU B 49 -29.09 4.59 4.10
CA LEU B 49 -30.03 3.62 3.55
C LEU B 49 -30.08 2.33 4.38
N PHE B 50 -28.91 1.83 4.78
CA PHE B 50 -28.79 0.64 5.63
C PHE B 50 -29.50 0.79 6.98
N LEU B 51 -29.31 1.96 7.62
CA LEU B 51 -29.88 2.23 8.94
C LEU B 51 -31.41 2.36 8.95
N GLN B 52 -31.97 2.91 7.86
CA GLN B 52 -33.43 2.93 7.68
C GLN B 52 -33.96 1.49 7.54
N ALA B 53 -33.26 0.68 6.73
CA ALA B 53 -33.60 -0.73 6.52
C ALA B 53 -33.53 -1.57 7.80
N GLN B 54 -32.64 -1.20 8.72
CA GLN B 54 -32.58 -1.80 10.05
C GLN B 54 -33.76 -1.36 10.92
N ASP B 55 -34.05 -0.05 10.89
CA ASP B 55 -35.11 0.56 11.69
C ASP B 55 -35.52 1.90 11.08
N SER B 56 -36.75 1.97 10.57
CA SER B 56 -37.23 3.20 9.92
C SER B 56 -37.82 4.23 10.91
N GLU B 57 -37.77 3.91 12.20
CA GLU B 57 -38.34 4.78 13.25
C GLU B 57 -37.26 5.53 14.04
N LYS B 58 -36.26 4.78 14.53
CA LYS B 58 -35.16 5.33 15.34
C LYS B 58 -34.39 6.43 14.61
N ASP B 59 -33.97 7.43 15.37
CA ASP B 59 -33.15 8.54 14.85
C ASP B 59 -31.78 8.08 14.37
N ILE B 60 -31.25 8.83 13.40
CA ILE B 60 -29.88 8.69 12.91
C ILE B 60 -29.13 9.97 13.27
N TYR B 61 -27.83 9.84 13.57
CA TYR B 61 -27.01 10.97 14.02
C TYR B 61 -25.81 11.17 13.11
N LEU B 62 -25.80 12.31 12.41
CA LEU B 62 -24.71 12.69 11.53
C LEU B 62 -23.80 13.70 12.24
N TYR B 63 -22.56 13.27 12.48
CA TYR B 63 -21.55 14.09 13.15
C TYR B 63 -20.68 14.70 12.07
N ILE B 64 -20.60 16.03 12.05
CA ILE B 64 -19.96 16.76 10.96
C ILE B 64 -18.70 17.50 11.42
N ASN B 65 -17.57 17.11 10.81
CA ASN B 65 -16.31 17.85 10.88
C ASN B 65 -15.71 17.86 9.47
N SER B 66 -16.17 18.79 8.64
CA SER B 66 -15.90 18.78 7.21
C SER B 66 -15.72 20.19 6.64
N PRO B 67 -14.71 20.39 5.77
CA PRO B 67 -14.54 21.67 5.08
C PRO B 67 -15.42 21.82 3.83
N GLY B 68 -16.29 20.84 3.59
CA GLY B 68 -17.10 20.78 2.37
C GLY B 68 -16.39 20.02 1.27
N GLY B 69 -16.63 20.43 0.03
CA GLY B 69 -16.06 19.78 -1.16
C GLY B 69 -16.98 19.89 -2.36
N SER B 70 -17.26 18.75 -2.99
CA SER B 70 -18.13 18.67 -4.16
C SER B 70 -19.60 18.95 -3.81
N VAL B 71 -20.20 19.90 -4.54
CA VAL B 71 -21.61 20.29 -4.36
C VAL B 71 -22.55 19.11 -4.67
N THR B 72 -22.31 18.45 -5.80
CA THR B 72 -23.14 17.30 -6.24
C THR B 72 -23.06 16.12 -5.27
N ALA B 73 -21.86 15.87 -4.73
CA ALA B 73 -21.65 14.85 -3.68
C ALA B 73 -22.37 15.21 -2.39
N GLY B 74 -22.38 16.50 -2.05
CA GLY B 74 -23.12 17.02 -0.91
C GLY B 74 -24.63 16.84 -1.07
N PHE B 75 -25.13 17.04 -2.29
CA PHE B 75 -26.55 16.86 -2.59
C PHE B 75 -27.01 15.40 -2.64
N ALA B 76 -26.09 14.50 -3.00
CA ALA B 76 -26.33 13.06 -2.90
C ALA B 76 -26.65 12.68 -1.44
N ILE B 77 -25.91 13.28 -0.52
CA ILE B 77 -26.13 13.13 0.93
C ILE B 77 -27.43 13.84 1.36
N TYR B 78 -27.62 15.09 0.93
CA TYR B 78 -28.82 15.88 1.26
C TYR B 78 -30.13 15.18 0.91
N ASP B 79 -30.22 14.69 -0.33
CA ASP B 79 -31.43 14.04 -0.84
C ASP B 79 -31.75 12.73 -0.15
N THR B 80 -30.71 11.96 0.21
CA THR B 80 -30.89 10.72 0.96
C THR B 80 -31.39 11.00 2.39
N ILE B 81 -30.90 12.07 3.00
CA ILE B 81 -31.39 12.55 4.30
C ILE B 81 -32.89 12.85 4.25
N GLN B 82 -33.30 13.66 3.27
CA GLN B 82 -34.71 14.07 3.13
C GLN B 82 -35.66 12.92 2.73
N HIS B 83 -35.14 11.96 1.95
CA HIS B 83 -35.94 10.84 1.44
C HIS B 83 -36.35 9.81 2.48
N ILE B 84 -35.41 9.45 3.36
CA ILE B 84 -35.63 8.39 4.35
C ILE B 84 -36.61 8.82 5.46
N LYS B 85 -37.29 7.84 6.04
CA LYS B 85 -38.26 8.06 7.14
C LYS B 85 -37.67 8.60 8.45
N PRO B 86 -36.53 8.05 8.94
CA PRO B 86 -36.02 8.51 10.25
C PRO B 86 -35.57 9.96 10.26
N ASP B 87 -35.67 10.60 11.44
CA ASP B 87 -35.05 11.89 11.69
C ASP B 87 -33.53 11.75 11.64
N VAL B 88 -32.88 12.68 10.93
CA VAL B 88 -31.43 12.76 10.89
C VAL B 88 -30.97 13.95 11.73
N GLN B 89 -30.38 13.65 12.88
CA GLN B 89 -29.82 14.68 13.76
C GLN B 89 -28.43 15.07 13.27
N THR B 90 -28.16 16.37 13.22
CA THR B 90 -26.83 16.87 12.83
C THR B 90 -26.11 17.54 13.99
N ILE B 91 -24.85 17.17 14.17
CA ILE B 91 -24.00 17.69 15.26
C ILE B 91 -22.67 18.18 14.69
N CYS B 92 -22.43 19.48 14.77
CA CYS B 92 -21.17 20.08 14.31
C CYS B 92 -20.08 19.99 15.37
N ILE B 93 -19.03 19.23 15.04
CA ILE B 93 -17.85 19.12 15.88
C ILE B 93 -16.67 19.74 15.13
N GLY B 94 -15.90 20.59 15.81
CA GLY B 94 -14.76 21.29 15.21
C GLY B 94 -15.09 22.38 14.20
N MET B 95 -15.42 21.97 12.97
CA MET B 95 -15.74 22.89 11.87
C MET B 95 -16.72 22.25 10.88
N ALA B 96 -17.72 23.03 10.46
CA ALA B 96 -18.58 22.67 9.32
C ALA B 96 -18.62 23.82 8.34
N ALA B 97 -17.86 23.68 7.25
CA ALA B 97 -17.71 24.73 6.25
C ALA B 97 -18.30 24.34 4.89
N SER B 98 -18.76 25.36 4.16
CA SER B 98 -19.27 25.24 2.78
CA SER B 98 -19.27 25.24 2.78
C SER B 98 -20.43 24.26 2.65
N MET B 99 -20.22 23.12 1.98
CA MET B 99 -21.24 22.09 1.86
C MET B 99 -21.43 21.32 3.17
N GLY B 100 -20.44 21.39 4.05
CA GLY B 100 -20.53 20.87 5.41
C GLY B 100 -21.53 21.64 6.28
N SER B 101 -21.58 22.96 6.10
CA SER B 101 -22.53 23.82 6.82
C SER B 101 -23.94 23.66 6.26
N PHE B 102 -24.02 23.50 4.94
CA PHE B 102 -25.27 23.23 4.25
C PHE B 102 -25.94 21.96 4.77
N LEU B 103 -25.13 20.91 4.96
CA LEU B 103 -25.62 19.62 5.48
C LEU B 103 -25.94 19.65 6.98
N LEU B 104 -25.25 20.52 7.72
CA LEU B 104 -25.59 20.80 9.12
C LEU B 104 -27.02 21.37 9.22
N ALA B 105 -27.33 22.35 8.39
CA ALA B 105 -28.66 22.97 8.31
C ALA B 105 -29.75 22.00 7.84
N ALA B 106 -29.34 20.92 7.17
CA ALA B 106 -30.24 19.93 6.57
C ALA B 106 -30.82 18.91 7.55
N GLY B 107 -30.28 18.87 8.77
CA GLY B 107 -30.77 18.00 9.83
C GLY B 107 -32.20 18.31 10.20
N ALA B 108 -32.86 17.32 10.84
CA ALA B 108 -34.27 17.45 11.25
C ALA B 108 -34.47 18.67 12.13
N LYS B 109 -35.56 19.40 11.88
CA LYS B 109 -35.93 20.61 12.62
C LYS B 109 -36.04 20.29 14.12
N GLY B 110 -35.32 21.07 14.92
CA GLY B 110 -35.22 20.83 16.37
C GLY B 110 -34.01 20.00 16.78
N LYS B 111 -33.40 19.32 15.82
CA LYS B 111 -32.34 18.34 16.09
C LYS B 111 -31.00 18.66 15.40
N ARG B 112 -30.71 19.96 15.23
CA ARG B 112 -29.43 20.42 14.68
C ARG B 112 -28.63 21.10 15.78
N PHE B 113 -27.41 20.60 15.97
CA PHE B 113 -26.56 20.95 17.11
C PHE B 113 -25.17 21.40 16.67
N ALA B 114 -24.56 22.23 17.51
CA ALA B 114 -23.12 22.53 17.41
C ALA B 114 -22.52 22.65 18.81
N LEU B 115 -21.31 22.11 18.95
CA LEU B 115 -20.52 22.22 20.19
C LEU B 115 -20.07 23.68 20.37
N PRO B 116 -19.91 24.15 21.64
CA PRO B 116 -19.73 25.59 21.94
C PRO B 116 -18.65 26.31 21.13
N ASN B 117 -17.51 25.64 20.91
CA ASN B 117 -16.37 26.22 20.20
C ASN B 117 -16.23 25.78 18.73
N ALA B 118 -17.23 25.05 18.23
CA ALA B 118 -17.26 24.64 16.83
C ALA B 118 -17.51 25.83 15.91
N GLU B 119 -16.83 25.83 14.76
CA GLU B 119 -16.95 26.91 13.79
C GLU B 119 -17.83 26.50 12.60
N VAL B 120 -18.66 27.44 12.17
CA VAL B 120 -19.54 27.25 11.01
C VAL B 120 -19.16 28.30 9.96
N MET B 121 -19.01 27.88 8.72
CA MET B 121 -18.72 28.80 7.62
C MET B 121 -19.66 28.60 6.45
N ILE B 122 -20.24 29.72 6.01
CA ILE B 122 -21.11 29.75 4.83
C ILE B 122 -20.52 30.63 3.74
N HIS B 123 -20.67 30.19 2.49
CA HIS B 123 -20.11 30.87 1.34
C HIS B 123 -20.85 30.49 0.05
N GLN B 124 -20.47 31.12 -1.06
CA GLN B 124 -21.02 30.75 -2.37
C GLN B 124 -20.21 29.61 -3.03
N PRO B 125 -20.84 28.86 -3.96
CA PRO B 125 -20.14 27.76 -4.66
C PRO B 125 -18.92 28.19 -5.46
N LEU B 126 -17.96 27.27 -5.58
CA LEU B 126 -16.73 27.50 -6.31
C LEU B 126 -16.65 26.63 -7.56
N GLY B 127 -15.97 27.14 -8.58
CA GLY B 127 -15.81 26.43 -9.85
C GLY B 127 -14.76 27.03 -10.76
N GLY B 128 -14.95 26.82 -12.06
CA GLY B 128 -14.00 27.30 -13.06
C GLY B 128 -14.31 26.81 -14.47
N ALA B 129 -13.99 27.65 -15.45
CA ALA B 129 -14.21 27.35 -16.86
C ALA B 129 -13.04 27.85 -17.71
N GLN B 130 -12.62 27.03 -18.66
CA GLN B 130 -11.58 27.41 -19.63
C GLN B 130 -11.96 26.94 -21.03
N GLY B 131 -11.90 27.88 -21.99
CA GLY B 131 -12.18 27.59 -23.39
C GLY B 131 -12.87 28.71 -24.15
N GLN B 132 -13.78 28.33 -25.03
CA GLN B 132 -14.54 29.26 -25.87
C GLN B 132 -15.53 30.07 -25.03
N ALA B 133 -15.87 31.28 -25.51
CA ALA B 133 -16.83 32.17 -24.85
C ALA B 133 -18.18 31.50 -24.60
N THR B 134 -18.64 30.71 -25.58
CA THR B 134 -19.85 29.87 -25.47
C THR B 134 -19.76 28.90 -24.28
N GLU B 135 -18.61 28.24 -24.13
CA GLU B 135 -18.37 27.26 -23.07
C GLU B 135 -18.34 27.89 -21.67
N ILE B 136 -17.69 29.06 -21.57
CA ILE B 136 -17.63 29.85 -20.34
C ILE B 136 -19.03 30.27 -19.88
N GLU B 137 -19.85 30.72 -20.83
CA GLU B 137 -21.26 31.10 -20.59
C GLU B 137 -22.08 29.95 -19.98
N ILE B 138 -21.99 28.77 -20.59
CA ILE B 138 -22.66 27.56 -20.10
C ILE B 138 -22.29 27.24 -18.64
N ALA B 139 -20.99 27.27 -18.34
CA ALA B 139 -20.46 27.01 -17.00
C ALA B 139 -20.85 28.09 -15.99
N ALA B 140 -20.88 29.35 -16.45
CA ALA B 140 -21.33 30.47 -15.63
C ALA B 140 -22.81 30.31 -15.25
N ASN B 141 -23.64 30.05 -16.27
CA ASN B 141 -25.08 29.82 -16.08
C ASN B 141 -25.37 28.64 -15.15
N HIS B 142 -24.58 27.57 -15.30
CA HIS B 142 -24.69 26.35 -14.47
C HIS B 142 -24.38 26.60 -12.98
N ILE B 143 -23.27 27.29 -12.71
CA ILE B 143 -22.87 27.56 -11.32
C ILE B 143 -23.77 28.61 -10.63
N LEU B 144 -24.30 29.56 -11.40
CA LEU B 144 -25.25 30.54 -10.89
C LEU B 144 -26.60 29.90 -10.53
N LYS B 145 -27.05 28.99 -11.40
CA LYS B 145 -28.24 28.16 -11.16
C LYS B 145 -28.04 27.24 -9.95
N THR B 146 -26.82 26.74 -9.77
CA THR B 146 -26.43 25.94 -8.59
C THR B 146 -26.53 26.77 -7.29
N ARG B 147 -26.06 28.02 -7.33
CA ARG B 147 -26.14 28.94 -6.18
C ARG B 147 -27.58 29.26 -5.78
N GLU B 148 -28.43 29.49 -6.78
CA GLU B 148 -29.88 29.70 -6.60
C GLU B 148 -30.52 28.56 -5.82
N LYS B 149 -30.24 27.34 -6.26
CA LYS B 149 -30.71 26.11 -5.63
C LYS B 149 -30.24 26.03 -4.16
N LEU B 150 -28.96 26.31 -3.93
CA LEU B 150 -28.36 26.32 -2.60
C LEU B 150 -28.97 27.36 -1.68
N ASN B 151 -29.23 28.56 -2.22
CA ASN B 151 -29.83 29.67 -1.48
C ASN B 151 -31.30 29.43 -1.14
N ARG B 152 -32.05 28.89 -2.09
CA ARG B 152 -33.46 28.56 -1.95
C ARG B 152 -33.70 27.54 -0.84
N ILE B 153 -32.86 26.50 -0.80
CA ILE B 153 -32.93 25.46 0.24
C ILE B 153 -32.50 26.01 1.60
N LEU B 154 -31.39 26.77 1.63
CA LEU B 154 -30.95 27.45 2.87
C LEU B 154 -32.00 28.42 3.41
N SER B 155 -32.78 29.04 2.52
CA SER B 155 -33.89 29.92 2.89
C SER B 155 -34.94 29.17 3.72
N GLU B 156 -35.43 28.05 3.17
CA GLU B 156 -36.37 27.14 3.85
C GLU B 156 -35.86 26.72 5.23
N ARG B 157 -34.57 26.37 5.28
CA ARG B 157 -33.93 25.78 6.45
C ARG B 157 -33.67 26.73 7.60
N THR B 158 -33.39 27.99 7.28
CA THR B 158 -32.97 28.99 8.28
C THR B 158 -34.08 29.98 8.68
N GLY B 159 -35.07 30.15 7.80
CA GLY B 159 -36.13 31.14 7.98
C GLY B 159 -35.73 32.53 7.52
N GLN B 160 -34.59 32.61 6.83
CA GLN B 160 -34.08 33.87 6.30
C GLN B 160 -34.49 34.02 4.85
N SER B 161 -34.73 35.27 4.43
CA SER B 161 -35.04 35.60 3.03
C SER B 161 -33.89 35.20 2.09
N ILE B 162 -34.24 34.90 0.84
CA ILE B 162 -33.27 34.56 -0.22
C ILE B 162 -32.22 35.67 -0.42
N GLU B 163 -32.68 36.93 -0.38
CA GLU B 163 -31.84 38.12 -0.53
C GLU B 163 -30.76 38.25 0.55
N LYS B 164 -31.12 37.94 1.80
CA LYS B 164 -30.17 38.00 2.93
C LYS B 164 -29.07 36.95 2.83
N ILE B 165 -29.47 35.71 2.54
CA ILE B 165 -28.52 34.60 2.29
C ILE B 165 -27.57 34.94 1.13
N GLN B 166 -28.11 35.49 0.05
CA GLN B 166 -27.33 36.00 -1.10
C GLN B 166 -26.26 37.02 -0.67
N LYS B 167 -26.67 37.99 0.15
CA LYS B 167 -25.75 39.01 0.67
C LYS B 167 -24.72 38.44 1.65
N ASP B 168 -25.18 37.54 2.53
CA ASP B 168 -24.32 36.98 3.59
C ASP B 168 -23.36 35.88 3.13
N THR B 169 -23.58 35.35 1.92
CA THR B 169 -22.71 34.31 1.36
C THR B 169 -21.84 34.79 0.19
N ASP B 170 -21.90 36.10 -0.10
CA ASP B 170 -21.08 36.73 -1.14
C ASP B 170 -19.59 36.53 -0.88
N ARG B 171 -19.18 36.74 0.38
CA ARG B 171 -17.83 36.43 0.85
C ARG B 171 -17.90 35.38 1.97
N ASP B 172 -16.76 34.78 2.30
CA ASP B 172 -16.67 33.78 3.37
C ASP B 172 -17.15 34.38 4.70
N ASN B 173 -18.20 33.76 5.25
CA ASN B 173 -18.82 34.21 6.49
C ASN B 173 -18.62 33.14 7.57
N PHE B 174 -17.77 33.48 8.54
CA PHE B 174 -17.48 32.60 9.67
C PHE B 174 -18.43 32.95 10.82
N LEU B 175 -19.06 31.92 11.38
CA LEU B 175 -20.01 32.06 12.46
C LEU B 175 -19.59 31.23 13.66
N THR B 176 -19.80 31.78 14.87
CA THR B 176 -19.69 31.00 16.10
C THR B 176 -20.95 30.13 16.25
N ALA B 177 -20.93 29.21 17.21
CA ALA B 177 -22.08 28.33 17.50
C ALA B 177 -23.36 29.12 17.80
N GLU B 178 -23.25 30.14 18.65
CA GLU B 178 -24.34 31.04 19.02
C GLU B 178 -24.88 31.82 17.82
N GLU B 179 -23.96 32.30 16.97
CA GLU B 179 -24.30 33.01 15.74
C GLU B 179 -25.02 32.09 14.76
N ALA B 180 -24.59 30.84 14.68
CA ALA B 180 -25.21 29.81 13.85
C ALA B 180 -26.65 29.48 14.31
N LYS B 181 -26.85 29.50 15.63
CA LYS B 181 -28.18 29.32 16.25
C LYS B 181 -29.11 30.50 15.96
N GLU B 182 -28.60 31.71 16.15
CA GLU B 182 -29.33 32.96 15.88
C GLU B 182 -29.67 33.11 14.39
N TYR B 183 -28.78 32.62 13.53
CA TYR B 183 -28.98 32.64 12.08
C TYR B 183 -30.05 31.65 11.61
N GLY B 184 -30.18 30.53 12.32
CA GLY B 184 -31.12 29.47 11.95
C GLY B 184 -30.48 28.26 11.27
N LEU B 185 -29.14 28.20 11.28
CA LEU B 185 -28.40 27.05 10.74
C LEU B 185 -28.47 25.85 11.67
N ILE B 186 -28.39 26.12 12.98
CA ILE B 186 -28.63 25.11 14.03
C ILE B 186 -29.78 25.52 14.95
N ASP B 187 -30.32 24.53 15.67
CA ASP B 187 -31.40 24.75 16.63
C ASP B 187 -30.92 24.96 18.05
N GLU B 188 -29.77 24.37 18.39
CA GLU B 188 -29.25 24.40 19.76
C GLU B 188 -27.73 24.32 19.82
N VAL B 189 -27.15 25.04 20.78
CA VAL B 189 -25.74 24.89 21.13
C VAL B 189 -25.66 23.84 22.25
N MET B 190 -24.97 22.74 21.96
CA MET B 190 -24.86 21.61 22.88
C MET B 190 -23.91 21.95 24.03
N VAL B 191 -24.46 22.02 25.24
CA VAL B 191 -23.73 22.45 26.44
C VAL B 191 -23.32 21.31 27.37
N PRO B 192 -22.10 21.38 27.95
CA PRO B 192 -21.66 20.37 28.92
C PRO B 192 -22.45 20.40 30.23
N GLU B 193 -22.78 19.21 30.74
CA GLU B 193 -23.50 19.04 32.01
C GLU B 193 -22.66 18.26 33.02
N LEU C 3 -12.21 4.25 6.98
CA LEU C 3 -12.42 4.18 5.51
C LEU C 3 -13.86 3.70 5.20
N ILE C 4 -14.00 2.51 4.63
CA ILE C 4 -15.32 1.92 4.34
C ILE C 4 -15.78 1.08 5.55
N PRO C 5 -16.93 1.46 6.15
CA PRO C 5 -17.42 0.82 7.37
C PRO C 5 -17.89 -0.62 7.19
N THR C 6 -17.82 -1.38 8.29
CA THR C 6 -18.27 -2.76 8.37
C THR C 6 -19.61 -2.81 9.11
N VAL C 7 -20.53 -3.64 8.60
CA VAL C 7 -21.84 -3.86 9.23
C VAL C 7 -22.04 -5.34 9.60
N ILE C 8 -22.76 -5.57 10.69
CA ILE C 8 -22.97 -6.91 11.23
C ILE C 8 -24.43 -7.33 11.08
N GLU C 9 -24.64 -8.46 10.39
CA GLU C 9 -25.97 -9.07 10.25
C GLU C 9 -26.09 -10.30 11.15
N THR C 10 -27.26 -10.47 11.76
CA THR C 10 -27.57 -11.63 12.59
C THR C 10 -28.60 -12.51 11.89
N THR C 11 -28.15 -13.68 11.43
CA THR C 11 -28.98 -14.76 10.87
C THR C 11 -28.14 -15.94 10.38
N ARG C 16 -23.09 -12.27 9.88
CA ARG C 16 -21.69 -12.08 9.51
C ARG C 16 -21.34 -10.62 9.20
N ALA C 17 -20.04 -10.37 9.02
CA ALA C 17 -19.50 -9.04 8.73
C ALA C 17 -19.46 -8.76 7.23
N TYR C 18 -19.97 -7.59 6.85
CA TYR C 18 -19.94 -7.09 5.47
C TYR C 18 -19.35 -5.71 5.43
N ASP C 19 -18.59 -5.40 4.38
CA ASP C 19 -18.37 -4.00 4.01
C ASP C 19 -19.70 -3.48 3.47
N ILE C 20 -19.98 -2.19 3.69
CA ILE C 20 -21.30 -1.58 3.39
C ILE C 20 -21.78 -1.81 1.94
N TYR C 21 -20.86 -1.79 0.97
CA TYR C 21 -21.17 -2.00 -0.44
C TYR C 21 -21.59 -3.43 -0.76
N SER C 22 -20.89 -4.40 -0.18
CA SER C 22 -21.24 -5.83 -0.28
C SER C 22 -22.57 -6.17 0.37
N ARG C 23 -22.93 -5.46 1.45
CA ARG C 23 -24.23 -5.63 2.12
C ARG C 23 -25.39 -5.19 1.23
N LEU C 24 -25.21 -4.12 0.50
CA LEU C 24 -26.16 -3.63 -0.45
C LEU C 24 -26.35 -4.59 -1.62
N LEU C 25 -25.28 -5.21 -2.05
CA LEU C 25 -25.30 -6.17 -3.15
C LEU C 25 -26.13 -7.42 -2.82
N LYS C 26 -26.14 -7.80 -1.54
CA LYS C 26 -26.98 -8.89 -1.01
C LYS C 26 -28.47 -8.66 -1.25
N ASP C 27 -28.88 -7.39 -1.29
CA ASP C 27 -30.26 -7.00 -1.63
C ASP C 27 -30.43 -6.53 -3.10
N ARG C 28 -29.43 -6.86 -3.93
CA ARG C 28 -29.43 -6.63 -5.39
C ARG C 28 -29.22 -5.16 -5.82
N ILE C 29 -28.49 -4.40 -5.00
CA ILE C 29 -28.11 -3.02 -5.33
C ILE C 29 -26.64 -2.99 -5.79
N ILE C 30 -26.42 -2.37 -6.96
CA ILE C 30 -25.07 -2.17 -7.51
C ILE C 30 -24.75 -0.68 -7.49
N MET C 31 -23.62 -0.33 -6.87
CA MET C 31 -23.13 1.06 -6.84
C MET C 31 -22.22 1.39 -8.03
N LEU C 32 -22.67 2.31 -8.87
CA LEU C 32 -21.82 2.93 -9.89
C LEU C 32 -21.48 4.34 -9.41
N GLY C 33 -20.43 4.41 -8.58
CA GLY C 33 -20.11 5.64 -7.86
C GLY C 33 -18.71 6.18 -8.07
N SER C 34 -18.20 6.04 -9.29
CA SER C 34 -16.85 6.48 -9.65
C SER C 34 -16.73 6.71 -11.16
N GLN C 35 -15.59 7.25 -11.57
CA GLN C 35 -15.25 7.40 -12.98
C GLN C 35 -15.25 6.01 -13.63
N ILE C 36 -15.92 5.91 -14.78
CA ILE C 36 -16.07 4.63 -15.48
C ILE C 36 -14.81 4.32 -16.29
N ASP C 37 -14.00 3.40 -15.76
CA ASP C 37 -12.93 2.78 -16.53
C ASP C 37 -13.23 1.29 -16.68
N ASP C 38 -12.28 0.54 -17.26
CA ASP C 38 -12.43 -0.90 -17.46
C ASP C 38 -12.56 -1.69 -16.16
N ASN C 39 -11.78 -1.30 -15.14
CA ASN C 39 -11.86 -1.91 -13.80
C ASN C 39 -13.26 -1.80 -13.18
N VAL C 40 -13.86 -0.61 -13.32
CA VAL C 40 -15.22 -0.34 -12.84
C VAL C 40 -16.22 -1.15 -13.67
N ALA C 41 -16.05 -1.13 -14.99
CA ALA C 41 -16.97 -1.79 -15.92
C ALA C 41 -17.07 -3.30 -15.71
N ASN C 42 -15.93 -3.94 -15.54
CA ASN C 42 -15.85 -5.40 -15.38
C ASN C 42 -16.43 -5.85 -14.03
N SER C 43 -16.27 -5.02 -13.00
CA SER C 43 -16.89 -5.25 -11.69
C SER C 43 -18.42 -5.18 -11.75
N ILE C 44 -18.96 -4.15 -12.42
CA ILE C 44 -20.41 -3.97 -12.60
C ILE C 44 -21.00 -5.13 -13.42
N VAL C 45 -20.32 -5.49 -14.50
CA VAL C 45 -20.73 -6.59 -15.39
C VAL C 45 -20.84 -7.89 -14.58
N SER C 46 -19.78 -8.21 -13.83
CA SER C 46 -19.72 -9.41 -13.00
C SER C 46 -20.81 -9.43 -11.92
N GLN C 47 -21.10 -8.26 -11.35
CA GLN C 47 -22.19 -8.10 -10.37
C GLN C 47 -23.56 -8.35 -10.99
N LEU C 48 -23.81 -7.74 -12.16
CA LEU C 48 -25.03 -7.95 -12.92
C LEU C 48 -25.26 -9.43 -13.27
N LEU C 49 -24.20 -10.10 -13.71
CA LEU C 49 -24.27 -11.52 -14.09
C LEU C 49 -24.49 -12.45 -12.90
N PHE C 50 -23.86 -12.12 -11.77
CA PHE C 50 -24.02 -12.90 -10.52
C PHE C 50 -25.44 -12.80 -9.97
N LEU C 51 -26.01 -11.60 -9.99
CA LEU C 51 -27.37 -11.37 -9.49
C LEU C 51 -28.44 -12.04 -10.35
N GLN C 52 -28.22 -12.10 -11.67
CA GLN C 52 -29.10 -12.89 -12.56
C GLN C 52 -29.00 -14.39 -12.24
N ALA C 53 -27.77 -14.87 -12.05
CA ALA C 53 -27.51 -16.27 -11.69
C ALA C 53 -28.16 -16.67 -10.35
N GLN C 54 -28.23 -15.72 -9.41
CA GLN C 54 -28.90 -15.92 -8.13
C GLN C 54 -30.42 -15.99 -8.27
N ASP C 55 -30.99 -15.03 -9.01
CA ASP C 55 -32.41 -14.96 -9.30
C ASP C 55 -32.65 -14.23 -10.62
N SER C 56 -33.22 -14.97 -11.56
CA SER C 56 -33.44 -14.52 -12.94
C SER C 56 -34.65 -13.57 -13.10
N GLU C 57 -35.48 -13.47 -12.07
CA GLU C 57 -36.77 -12.77 -12.17
C GLU C 57 -36.84 -11.46 -11.37
N LYS C 58 -36.20 -11.45 -10.19
CA LYS C 58 -36.20 -10.31 -9.28
C LYS C 58 -35.44 -9.12 -9.83
N ASP C 59 -35.99 -7.92 -9.60
CA ASP C 59 -35.39 -6.66 -10.06
C ASP C 59 -34.00 -6.40 -9.49
N ILE C 60 -33.17 -5.73 -10.29
CA ILE C 60 -31.84 -5.27 -9.89
C ILE C 60 -31.86 -3.74 -9.85
N TYR C 61 -31.09 -3.17 -8.92
CA TYR C 61 -31.08 -1.73 -8.70
C TYR C 61 -29.68 -1.14 -8.87
N LEU C 62 -29.51 -0.33 -9.92
CA LEU C 62 -28.23 0.33 -10.21
C LEU C 62 -28.25 1.80 -9.77
N TYR C 63 -27.47 2.09 -8.72
CA TYR C 63 -27.38 3.45 -8.16
C TYR C 63 -26.21 4.17 -8.83
N ILE C 64 -26.46 5.38 -9.33
CA ILE C 64 -25.49 6.09 -10.18
C ILE C 64 -25.09 7.46 -9.63
N ASN C 65 -23.81 7.59 -9.26
CA ASN C 65 -23.18 8.86 -8.92
C ASN C 65 -21.83 8.92 -9.64
N SER C 66 -21.87 9.27 -10.91
CA SER C 66 -20.72 9.11 -11.81
C SER C 66 -20.57 10.25 -12.82
N PRO C 67 -19.31 10.70 -13.06
CA PRO C 67 -19.04 11.67 -14.14
C PRO C 67 -18.83 11.01 -15.52
N GLY C 68 -19.04 9.70 -15.60
CA GLY C 68 -18.77 8.94 -16.84
C GLY C 68 -17.31 8.53 -16.91
N GLY C 69 -16.79 8.43 -18.14
CA GLY C 69 -15.37 8.11 -18.37
C GLY C 69 -15.13 7.55 -19.75
N SER C 70 -14.88 6.25 -19.82
CA SER C 70 -14.68 5.54 -21.08
C SER C 70 -16.02 5.09 -21.68
N VAL C 71 -16.17 5.33 -22.98
CA VAL C 71 -17.37 4.97 -23.75
C VAL C 71 -17.50 3.45 -23.87
N THR C 72 -16.41 2.78 -24.25
CA THR C 72 -16.35 1.32 -24.40
C THR C 72 -16.62 0.60 -23.07
N ALA C 73 -16.02 1.10 -21.98
CA ALA C 73 -16.32 0.61 -20.63
C ALA C 73 -17.81 0.77 -20.28
N GLY C 74 -18.38 1.92 -20.64
CA GLY C 74 -19.82 2.18 -20.48
C GLY C 74 -20.74 1.27 -21.28
N PHE C 75 -20.29 0.87 -22.47
CA PHE C 75 -21.06 -0.06 -23.31
C PHE C 75 -21.02 -1.51 -22.84
N ALA C 76 -19.94 -1.88 -22.16
CA ALA C 76 -19.85 -3.17 -21.47
C ALA C 76 -20.98 -3.30 -20.43
N ILE C 77 -21.21 -2.22 -19.68
CA ILE C 77 -22.31 -2.13 -18.71
C ILE C 77 -23.67 -2.10 -19.41
N TYR C 78 -23.80 -1.27 -20.46
CA TYR C 78 -25.06 -1.11 -21.20
C TYR C 78 -25.57 -2.43 -21.76
N ASP C 79 -24.71 -3.12 -22.50
CA ASP C 79 -25.05 -4.40 -23.14
C ASP C 79 -25.38 -5.50 -22.14
N THR C 80 -24.69 -5.51 -21.00
CA THR C 80 -24.96 -6.46 -19.91
C THR C 80 -26.31 -6.19 -19.24
N ILE C 81 -26.68 -4.92 -19.10
CA ILE C 81 -28.03 -4.55 -18.63
C ILE C 81 -29.11 -5.12 -19.57
N GLN C 82 -29.00 -4.85 -20.87
CA GLN C 82 -30.01 -5.25 -21.85
C GLN C 82 -30.08 -6.77 -22.07
N HIS C 83 -28.94 -7.46 -21.93
CA HIS C 83 -28.84 -8.90 -22.16
C HIS C 83 -29.54 -9.74 -21.10
N ILE C 84 -29.42 -9.35 -19.84
CA ILE C 84 -29.97 -10.12 -18.72
C ILE C 84 -31.48 -10.00 -18.60
N LYS C 85 -32.11 -11.05 -18.08
CA LYS C 85 -33.57 -11.13 -17.95
C LYS C 85 -34.19 -10.14 -16.94
N PRO C 86 -33.59 -9.97 -15.73
CA PRO C 86 -34.20 -9.03 -14.76
C PRO C 86 -34.25 -7.58 -15.23
N ASP C 87 -35.27 -6.86 -14.77
CA ASP C 87 -35.33 -5.42 -14.93
C ASP C 87 -34.24 -4.78 -14.09
N VAL C 88 -33.43 -3.93 -14.73
CA VAL C 88 -32.42 -3.15 -14.04
C VAL C 88 -32.97 -1.74 -13.84
N GLN C 89 -33.38 -1.46 -12.59
CA GLN C 89 -33.80 -0.12 -12.17
C GLN C 89 -32.57 0.78 -12.02
N THR C 90 -32.71 2.04 -12.41
CA THR C 90 -31.62 3.03 -12.27
C THR C 90 -32.04 4.23 -11.41
N ILE C 91 -31.15 4.64 -10.51
CA ILE C 91 -31.38 5.78 -9.61
C ILE C 91 -30.18 6.74 -9.65
N CYS C 92 -30.46 7.99 -10.04
CA CYS C 92 -29.45 9.05 -10.03
C CYS C 92 -29.37 9.68 -8.64
N ILE C 93 -28.19 9.59 -8.04
CA ILE C 93 -27.88 10.29 -6.79
C ILE C 93 -26.73 11.26 -7.06
N GLY C 94 -26.93 12.53 -6.71
CA GLY C 94 -25.91 13.57 -6.93
C GLY C 94 -25.72 14.02 -8.37
N MET C 95 -24.93 13.25 -9.13
CA MET C 95 -24.64 13.55 -10.53
C MET C 95 -24.50 12.29 -11.38
N ALA C 96 -25.23 12.26 -12.49
CA ALA C 96 -24.97 11.31 -13.57
C ALA C 96 -24.66 12.12 -14.82
N ALA C 97 -23.38 12.09 -15.21
CA ALA C 97 -22.87 12.88 -16.31
C ALA C 97 -22.27 11.98 -17.39
N SER C 98 -22.41 12.43 -18.64
CA SER C 98 -21.85 11.79 -19.82
CA SER C 98 -21.86 11.79 -19.82
C SER C 98 -22.35 10.35 -19.99
N MET C 99 -21.43 9.37 -19.91
CA MET C 99 -21.78 7.95 -20.02
C MET C 99 -22.55 7.45 -18.80
N GLY C 100 -22.40 8.15 -17.67
CA GLY C 100 -23.21 7.92 -16.47
C GLY C 100 -24.67 8.27 -16.67
N SER C 101 -24.93 9.32 -17.44
CA SER C 101 -26.30 9.72 -17.81
C SER C 101 -26.89 8.80 -18.87
N PHE C 102 -26.02 8.32 -19.77
CA PHE C 102 -26.37 7.32 -20.79
C PHE C 102 -26.87 6.04 -20.14
N LEU C 103 -26.17 5.61 -19.09
CA LEU C 103 -26.54 4.40 -18.35
C LEU C 103 -27.77 4.59 -17.45
N LEU C 104 -27.98 5.82 -16.98
CA LEU C 104 -29.20 6.18 -16.27
C LEU C 104 -30.43 5.99 -17.16
N ALA C 105 -30.32 6.42 -18.41
CA ALA C 105 -31.35 6.27 -19.43
C ALA C 105 -31.56 4.82 -19.88
N ALA C 106 -30.56 3.97 -19.63
CA ALA C 106 -30.56 2.56 -20.05
C ALA C 106 -31.39 1.64 -19.15
N GLY C 107 -31.83 2.15 -17.99
CA GLY C 107 -32.65 1.37 -17.06
C GLY C 107 -33.98 0.94 -17.66
N ALA C 108 -34.60 -0.07 -17.04
CA ALA C 108 -35.90 -0.60 -17.50
C ALA C 108 -36.95 0.52 -17.57
N LYS C 109 -37.67 0.55 -18.69
CA LYS C 109 -38.69 1.57 -18.97
C LYS C 109 -39.74 1.60 -17.86
N GLY C 110 -39.91 2.76 -17.25
CA GLY C 110 -40.81 2.93 -16.09
C GLY C 110 -40.10 2.89 -14.74
N LYS C 111 -38.84 2.48 -14.75
CA LYS C 111 -38.06 2.26 -13.52
C LYS C 111 -36.72 3.02 -13.49
N ARG C 112 -36.70 4.21 -14.10
CA ARG C 112 -35.54 5.10 -14.07
C ARG C 112 -35.87 6.34 -13.25
N PHE C 113 -35.05 6.59 -12.24
CA PHE C 113 -35.30 7.61 -11.22
C PHE C 113 -34.14 8.59 -11.07
N ALA C 114 -34.46 9.79 -10.61
CA ALA C 114 -33.47 10.74 -10.11
C ALA C 114 -34.02 11.38 -8.84
N LEU C 115 -33.13 11.58 -7.87
CA LEU C 115 -33.48 12.32 -6.65
C LEU C 115 -33.69 13.80 -6.98
N PRO C 116 -34.51 14.53 -6.17
CA PRO C 116 -34.96 15.88 -6.58
C PRO C 116 -33.85 16.89 -6.94
N ASN C 117 -32.74 16.87 -6.22
CA ASN C 117 -31.63 17.81 -6.44
C ASN C 117 -30.45 17.18 -7.20
N ALA C 118 -30.67 16.00 -7.78
CA ALA C 118 -29.65 15.32 -8.60
C ALA C 118 -29.49 15.98 -9.96
N GLU C 119 -28.25 16.04 -10.42
CA GLU C 119 -27.90 16.66 -11.70
C GLU C 119 -27.61 15.61 -12.77
N VAL C 120 -28.06 15.90 -14.00
CA VAL C 120 -27.85 15.02 -15.15
C VAL C 120 -27.21 15.84 -16.26
N MET C 121 -26.15 15.32 -16.87
CA MET C 121 -25.43 16.02 -17.93
C MET C 121 -25.31 15.17 -19.19
N ILE C 122 -25.71 15.75 -20.33
CA ILE C 122 -25.54 15.13 -21.63
C ILE C 122 -24.54 15.94 -22.48
N HIS C 123 -23.70 15.21 -23.21
CA HIS C 123 -22.61 15.79 -24.01
C HIS C 123 -22.20 14.85 -25.15
N GLN C 124 -21.40 15.36 -26.08
CA GLN C 124 -20.82 14.52 -27.13
C GLN C 124 -19.54 13.84 -26.64
N PRO C 125 -19.19 12.65 -27.21
CA PRO C 125 -17.96 11.94 -26.78
C PRO C 125 -16.68 12.77 -26.96
N LEU C 126 -15.73 12.55 -26.06
CA LEU C 126 -14.43 13.22 -26.08
C LEU C 126 -13.34 12.25 -26.50
N GLY C 127 -12.29 12.80 -27.13
CA GLY C 127 -11.15 12.00 -27.59
C GLY C 127 -10.01 12.85 -28.11
N GLY C 128 -9.12 12.21 -28.86
CA GLY C 128 -7.96 12.89 -29.44
C GLY C 128 -7.06 11.99 -30.27
N ALA C 129 -6.33 12.63 -31.19
CA ALA C 129 -5.33 11.97 -32.02
C ALA C 129 -4.19 12.92 -32.36
N GLN C 130 -2.98 12.37 -32.40
CA GLN C 130 -1.81 13.11 -32.85
C GLN C 130 -0.95 12.24 -33.78
N GLY C 131 -0.61 12.79 -34.94
CA GLY C 131 0.20 12.11 -35.94
C GLY C 131 -0.11 12.54 -37.36
N GLN C 132 -0.09 11.57 -38.28
CA GLN C 132 -0.32 11.80 -39.70
C GLN C 132 -1.78 12.13 -40.00
N ALA C 133 -2.01 12.87 -41.09
CA ALA C 133 -3.36 13.23 -41.55
C ALA C 133 -4.29 12.01 -41.68
N THR C 134 -3.75 10.90 -42.20
CA THR C 134 -4.47 9.62 -42.29
C THR C 134 -4.88 9.06 -40.93
N GLU C 135 -3.96 9.12 -39.96
CA GLU C 135 -4.22 8.64 -38.58
C GLU C 135 -5.30 9.48 -37.89
N ILE C 136 -5.25 10.79 -38.13
CA ILE C 136 -6.25 11.75 -37.64
C ILE C 136 -7.61 11.52 -38.31
N GLU C 137 -7.61 11.19 -39.61
CA GLU C 137 -8.84 10.85 -40.35
C GLU C 137 -9.55 9.64 -39.73
N ILE C 138 -8.78 8.57 -39.48
CA ILE C 138 -9.28 7.34 -38.85
C ILE C 138 -9.92 7.61 -37.48
N ALA C 139 -9.22 8.34 -36.62
CA ALA C 139 -9.71 8.66 -35.27
C ALA C 139 -10.93 9.57 -35.27
N ALA C 140 -11.03 10.48 -36.25
CA ALA C 140 -12.20 11.33 -36.43
C ALA C 140 -13.42 10.54 -36.88
N ASN C 141 -13.24 9.69 -37.90
CA ASN C 141 -14.31 8.81 -38.41
C ASN C 141 -14.81 7.84 -37.34
N HIS C 142 -13.87 7.28 -36.55
CA HIS C 142 -14.21 6.41 -35.43
C HIS C 142 -15.05 7.10 -34.34
N ILE C 143 -14.64 8.32 -33.93
CA ILE C 143 -15.35 9.05 -32.87
C ILE C 143 -16.73 9.59 -33.32
N LEU C 144 -16.83 9.96 -34.59
CA LEU C 144 -18.10 10.40 -35.19
C LEU C 144 -19.10 9.25 -35.30
N LYS C 145 -18.60 8.04 -35.60
CA LYS C 145 -19.42 6.83 -35.67
C LYS C 145 -19.86 6.39 -34.26
N THR C 146 -19.00 6.59 -33.28
CA THR C 146 -19.30 6.38 -31.86
C THR C 146 -20.44 7.30 -31.39
N ARG C 147 -20.40 8.57 -31.83
CA ARG C 147 -21.45 9.54 -31.50
C ARG C 147 -22.79 9.18 -32.15
N GLU C 148 -22.75 8.74 -33.41
CA GLU C 148 -23.93 8.25 -34.13
C GLU C 148 -24.60 7.09 -33.40
N LYS C 149 -23.78 6.17 -32.88
CA LYS C 149 -24.22 5.01 -32.11
C LYS C 149 -24.88 5.42 -30.79
N LEU C 150 -24.28 6.42 -30.12
CA LEU C 150 -24.80 6.96 -28.86
C LEU C 150 -26.14 7.67 -29.05
N ASN C 151 -26.23 8.53 -30.07
CA ASN C 151 -27.43 9.32 -30.37
C ASN C 151 -28.63 8.45 -30.75
N ARG C 152 -28.35 7.38 -31.50
CA ARG C 152 -29.35 6.41 -31.94
C ARG C 152 -30.00 5.67 -30.77
N ILE C 153 -29.18 5.22 -29.82
CA ILE C 153 -29.66 4.53 -28.62
C ILE C 153 -30.42 5.50 -27.72
N LEU C 154 -29.82 6.66 -27.45
CA LEU C 154 -30.49 7.74 -26.69
C LEU C 154 -31.84 8.17 -27.29
N SER C 155 -31.93 8.13 -28.62
CA SER C 155 -33.19 8.38 -29.35
C SER C 155 -34.27 7.36 -28.97
N GLU C 156 -33.93 6.08 -29.09
CA GLU C 156 -34.80 4.96 -28.71
C GLU C 156 -35.15 4.96 -27.22
N ARG C 157 -34.21 5.44 -26.40
CA ARG C 157 -34.36 5.47 -24.93
C ARG C 157 -35.25 6.59 -24.40
N THR C 158 -35.15 7.77 -25.00
CA THR C 158 -35.82 8.99 -24.52
C THR C 158 -37.09 9.33 -25.29
N GLY C 159 -37.18 8.85 -26.53
CA GLY C 159 -38.28 9.19 -27.42
C GLY C 159 -38.08 10.49 -28.19
N GLN C 160 -36.89 11.08 -28.03
CA GLN C 160 -36.49 12.26 -28.79
C GLN C 160 -35.85 11.81 -30.10
N SER C 161 -35.89 12.67 -31.11
CA SER C 161 -35.29 12.37 -32.42
C SER C 161 -33.75 12.47 -32.37
N ILE C 162 -33.10 11.79 -33.31
CA ILE C 162 -31.63 11.81 -33.48
C ILE C 162 -31.12 13.24 -33.72
N GLU C 163 -31.87 14.01 -34.51
CA GLU C 163 -31.57 15.41 -34.85
C GLU C 163 -31.56 16.33 -33.63
N LYS C 164 -32.57 16.19 -32.77
CA LYS C 164 -32.68 16.96 -31.53
C LYS C 164 -31.55 16.64 -30.53
N ILE C 165 -31.21 15.35 -30.39
CA ILE C 165 -30.13 14.90 -29.51
C ILE C 165 -28.77 15.41 -29.98
N GLN C 166 -28.52 15.35 -31.30
CA GLN C 166 -27.34 15.94 -31.93
C GLN C 166 -27.18 17.43 -31.58
N LYS C 167 -28.29 18.18 -31.68
CA LYS C 167 -28.33 19.61 -31.39
C LYS C 167 -28.14 19.94 -29.91
N ASP C 168 -28.76 19.13 -29.04
CA ASP C 168 -28.76 19.36 -27.60
C ASP C 168 -27.48 18.90 -26.88
N THR C 169 -26.73 18.01 -27.51
CA THR C 169 -25.47 17.49 -26.94
C THR C 169 -24.22 18.13 -27.57
N ASP C 170 -24.42 19.01 -28.55
CA ASP C 170 -23.35 19.74 -29.23
C ASP C 170 -22.40 20.41 -28.24
N ARG C 171 -22.98 21.08 -27.25
CA ARG C 171 -22.27 21.59 -26.08
C ARG C 171 -22.69 20.78 -24.86
N ASP C 172 -22.00 21.00 -23.74
CA ASP C 172 -22.40 20.42 -22.45
C ASP C 172 -23.78 20.94 -22.04
N ASN C 173 -24.69 20.02 -21.78
CA ASN C 173 -26.05 20.33 -21.41
C ASN C 173 -26.29 19.82 -20.00
N PHE C 174 -26.51 20.76 -19.07
CA PHE C 174 -26.79 20.44 -17.67
C PHE C 174 -28.29 20.48 -17.42
N LEU C 175 -28.81 19.38 -16.87
CA LEU C 175 -30.23 19.21 -16.66
C LEU C 175 -30.57 18.96 -15.18
N THR C 176 -31.66 19.58 -14.72
CA THR C 176 -32.23 19.27 -13.41
C THR C 176 -32.93 17.91 -13.49
N ALA C 177 -33.24 17.32 -12.34
CA ALA C 177 -34.00 16.06 -12.27
C ALA C 177 -35.34 16.16 -13.01
N GLU C 178 -35.99 17.32 -12.90
CA GLU C 178 -37.23 17.66 -13.61
C GLU C 178 -37.02 17.64 -15.13
N GLU C 179 -35.96 18.33 -15.57
CA GLU C 179 -35.58 18.44 -17.00
C GLU C 179 -35.20 17.08 -17.61
N ALA C 180 -34.62 16.22 -16.77
CA ALA C 180 -34.27 14.85 -17.17
C ALA C 180 -35.51 13.98 -17.47
N LYS C 181 -36.58 14.16 -16.69
CA LYS C 181 -37.87 13.49 -16.92
C LYS C 181 -38.54 13.97 -18.20
N GLU C 182 -38.64 15.30 -18.34
CA GLU C 182 -39.17 15.97 -19.52
C GLU C 182 -38.50 15.48 -20.81
N TYR C 183 -37.17 15.40 -20.79
CA TYR C 183 -36.38 14.89 -21.91
C TYR C 183 -36.62 13.41 -22.20
N GLY C 184 -36.93 12.65 -21.15
CA GLY C 184 -37.17 11.22 -21.26
C GLY C 184 -35.97 10.37 -20.85
N LEU C 185 -35.00 11.00 -20.18
CA LEU C 185 -33.83 10.30 -19.65
C LEU C 185 -34.21 9.46 -18.42
N ILE C 186 -35.17 9.96 -17.65
CA ILE C 186 -35.77 9.23 -16.51
C ILE C 186 -37.29 9.20 -16.61
N ASP C 187 -37.91 8.38 -15.78
CA ASP C 187 -39.38 8.22 -15.76
C ASP C 187 -40.03 9.00 -14.62
N GLU C 188 -39.39 9.01 -13.45
CA GLU C 188 -39.94 9.64 -12.25
C GLU C 188 -38.84 10.37 -11.46
N VAL C 189 -39.22 11.50 -10.86
CA VAL C 189 -38.42 12.13 -9.82
C VAL C 189 -38.86 11.50 -8.51
N MET C 190 -37.95 10.77 -7.87
CA MET C 190 -38.22 10.11 -6.59
C MET C 190 -38.36 11.14 -5.48
N VAL C 191 -39.53 11.17 -4.84
CA VAL C 191 -39.92 12.23 -3.89
C VAL C 191 -39.87 11.78 -2.43
N PRO C 192 -39.53 12.70 -1.49
CA PRO C 192 -39.36 12.34 -0.07
C PRO C 192 -40.66 11.96 0.64
N LEU D 3 -12.00 -1.58 -5.25
CA LEU D 3 -13.30 -1.78 -4.56
C LEU D 3 -14.02 -3.01 -5.14
N ILE D 4 -13.42 -4.18 -4.92
CA ILE D 4 -13.95 -5.45 -5.41
C ILE D 4 -14.96 -6.02 -4.40
N PRO D 5 -16.25 -6.16 -4.81
CA PRO D 5 -17.31 -6.57 -3.88
C PRO D 5 -17.24 -8.05 -3.51
N THR D 6 -17.68 -8.35 -2.29
CA THR D 6 -17.73 -9.70 -1.76
C THR D 6 -19.14 -10.25 -1.90
N VAL D 7 -19.23 -11.48 -2.40
CA VAL D 7 -20.50 -12.21 -2.52
C VAL D 7 -20.53 -13.43 -1.61
N ILE D 8 -21.74 -13.77 -1.14
CA ILE D 8 -21.93 -14.83 -0.16
C ILE D 8 -22.83 -15.93 -0.75
N GLU D 9 -22.42 -17.18 -0.56
CA GLU D 9 -23.22 -18.33 -0.99
C GLU D 9 -23.43 -19.41 0.08
N THR D 10 -24.64 -19.95 0.10
CA THR D 10 -25.06 -20.96 1.08
C THR D 10 -24.56 -22.37 0.74
N THR D 11 -24.27 -23.13 1.80
CA THR D 11 -23.77 -24.50 1.72
C THR D 11 -24.49 -25.35 2.78
N ASN D 12 -24.58 -26.67 2.52
CA ASN D 12 -25.18 -27.64 3.44
C ASN D 12 -24.50 -27.65 4.81
N GLY D 14 -22.37 -24.34 5.46
CA GLY D 14 -22.92 -23.08 5.99
C GLY D 14 -22.91 -21.96 4.96
N GLU D 15 -21.87 -21.13 5.02
CA GLU D 15 -21.69 -20.00 4.09
C GLU D 15 -20.23 -19.83 3.67
N ARG D 16 -20.05 -19.31 2.45
CA ARG D 16 -18.75 -19.12 1.85
C ARG D 16 -18.68 -17.76 1.12
N ALA D 17 -17.61 -17.02 1.40
CA ALA D 17 -17.38 -15.70 0.80
C ALA D 17 -16.44 -15.78 -0.40
N TYR D 18 -16.77 -14.99 -1.42
CA TYR D 18 -15.93 -14.84 -2.61
C TYR D 18 -15.82 -13.37 -2.98
N ASP D 19 -14.64 -12.97 -3.45
CA ASP D 19 -14.55 -11.78 -4.29
C ASP D 19 -15.24 -12.14 -5.61
N ILE D 20 -15.83 -11.15 -6.28
CA ILE D 20 -16.67 -11.37 -7.46
C ILE D 20 -15.99 -12.18 -8.60
N TYR D 21 -14.70 -11.95 -8.81
CA TYR D 21 -13.94 -12.60 -9.88
C TYR D 21 -13.64 -14.07 -9.61
N SER D 22 -13.30 -14.38 -8.36
CA SER D 22 -13.06 -15.75 -7.91
C SER D 22 -14.33 -16.59 -7.96
N ARG D 23 -15.48 -15.93 -7.70
CA ARG D 23 -16.80 -16.56 -7.80
C ARG D 23 -17.12 -16.96 -9.24
N LEU D 24 -16.77 -16.12 -10.18
CA LEU D 24 -16.95 -16.41 -11.59
C LEU D 24 -16.07 -17.55 -12.07
N LEU D 25 -14.85 -17.61 -11.57
CA LEU D 25 -13.89 -18.69 -11.89
C LEU D 25 -14.38 -20.08 -11.46
N LYS D 26 -15.10 -20.12 -10.34
CA LYS D 26 -15.77 -21.33 -9.86
C LYS D 26 -16.72 -21.94 -10.91
N ASP D 27 -17.34 -21.07 -11.72
CA ASP D 27 -18.15 -21.49 -12.86
C ASP D 27 -17.41 -21.44 -14.21
N ARG D 28 -16.07 -21.46 -14.13
CA ARG D 28 -15.17 -21.62 -15.30
C ARG D 28 -15.06 -20.38 -16.23
N ILE D 29 -15.35 -19.20 -15.65
CA ILE D 29 -15.21 -17.92 -16.35
C ILE D 29 -13.89 -17.26 -15.94
N ILE D 30 -13.07 -16.94 -16.95
CA ILE D 30 -11.83 -16.18 -16.76
C ILE D 30 -12.04 -14.77 -17.32
N MET D 31 -11.73 -13.76 -16.50
CA MET D 31 -11.81 -12.36 -16.90
C MET D 31 -10.48 -11.84 -17.44
N LEU D 32 -10.48 -11.50 -18.73
CA LEU D 32 -9.36 -10.77 -19.34
C LEU D 32 -9.81 -9.33 -19.55
N GLY D 33 -9.73 -8.56 -18.46
CA GLY D 33 -10.28 -7.21 -18.42
C GLY D 33 -9.29 -6.10 -18.11
N SER D 34 -8.07 -6.25 -18.63
CA SER D 34 -7.01 -5.25 -18.47
C SER D 34 -5.99 -5.32 -19.60
N GLN D 35 -5.06 -4.37 -19.61
CA GLN D 35 -3.92 -4.36 -20.52
C GLN D 35 -3.12 -5.65 -20.33
N ILE D 36 -2.76 -6.29 -21.43
CA ILE D 36 -2.06 -7.57 -21.38
C ILE D 36 -0.56 -7.37 -21.16
N ASP D 37 -0.11 -7.65 -19.95
CA ASP D 37 1.31 -7.77 -19.63
C ASP D 37 1.63 -9.18 -19.15
N ASP D 38 2.89 -9.44 -18.79
CA ASP D 38 3.32 -10.77 -18.33
C ASP D 38 2.58 -11.24 -17.07
N ASN D 39 2.37 -10.32 -16.12
CA ASN D 39 1.59 -10.60 -14.90
C ASN D 39 0.16 -11.10 -15.20
N VAL D 40 -0.51 -10.42 -16.13
CA VAL D 40 -1.85 -10.80 -16.59
C VAL D 40 -1.82 -12.15 -17.31
N ALA D 41 -0.84 -12.32 -18.22
CA ALA D 41 -0.67 -13.56 -18.99
C ALA D 41 -0.52 -14.80 -18.10
N ASN D 42 0.37 -14.72 -17.10
CA ASN D 42 0.66 -15.84 -16.21
C ASN D 42 -0.53 -16.18 -15.32
N SER D 43 -1.31 -15.17 -14.95
CA SER D 43 -2.56 -15.35 -14.22
C SER D 43 -3.61 -16.09 -15.06
N ILE D 44 -3.79 -15.64 -16.31
CA ILE D 44 -4.74 -16.25 -17.26
C ILE D 44 -4.33 -17.70 -17.58
N VAL D 45 -3.02 -17.89 -17.82
CA VAL D 45 -2.46 -19.22 -18.14
C VAL D 45 -2.73 -20.22 -17.02
N SER D 46 -2.46 -19.81 -15.77
CA SER D 46 -2.70 -20.63 -14.58
C SER D 46 -4.17 -21.01 -14.37
N GLN D 47 -5.08 -20.06 -14.65
CA GLN D 47 -6.53 -20.30 -14.58
C GLN D 47 -6.99 -21.33 -15.62
N LEU D 48 -6.52 -21.19 -16.86
CA LEU D 48 -6.80 -22.14 -17.94
C LEU D 48 -6.33 -23.55 -17.58
N LEU D 49 -5.11 -23.66 -17.04
CA LEU D 49 -4.53 -24.94 -16.64
C LEU D 49 -5.24 -25.58 -15.45
N PHE D 50 -5.67 -24.75 -14.48
CA PHE D 50 -6.43 -25.19 -13.31
C PHE D 50 -7.79 -25.77 -13.69
N LEU D 51 -8.47 -25.07 -14.60
CA LEU D 51 -9.83 -25.45 -15.02
C LEU D 51 -9.85 -26.73 -15.84
N GLN D 52 -8.80 -26.96 -16.64
CA GLN D 52 -8.62 -28.26 -17.31
C GLN D 52 -8.42 -29.38 -16.29
N ALA D 53 -7.64 -29.10 -15.25
CA ALA D 53 -7.35 -30.07 -14.19
C ALA D 53 -8.60 -30.48 -13.40
N GLN D 54 -9.51 -29.53 -13.21
CA GLN D 54 -10.79 -29.77 -12.55
C GLN D 54 -11.72 -30.61 -13.43
N ASP D 55 -11.83 -30.22 -14.70
CA ASP D 55 -12.67 -30.92 -15.67
C ASP D 55 -12.13 -30.74 -17.09
N SER D 56 -11.69 -31.86 -17.68
CA SER D 56 -11.14 -31.89 -19.03
C SER D 56 -12.20 -31.84 -20.14
N GLU D 57 -13.48 -31.96 -19.76
CA GLU D 57 -14.60 -32.05 -20.70
C GLU D 57 -15.38 -30.73 -20.86
N LYS D 58 -15.68 -30.08 -19.75
CA LYS D 58 -16.54 -28.89 -19.72
C LYS D 58 -15.86 -27.65 -20.30
N ASP D 59 -16.64 -26.81 -20.99
CA ASP D 59 -16.16 -25.60 -21.63
C ASP D 59 -15.61 -24.56 -20.64
N ILE D 60 -14.64 -23.77 -21.11
CA ILE D 60 -14.14 -22.62 -20.38
C ILE D 60 -14.63 -21.36 -21.10
N TYR D 61 -14.81 -20.27 -20.36
CA TYR D 61 -15.33 -19.02 -20.92
C TYR D 61 -14.39 -17.86 -20.62
N LEU D 62 -13.84 -17.28 -21.69
CA LEU D 62 -12.93 -16.13 -21.58
C LEU D 62 -13.68 -14.86 -21.96
N TYR D 63 -13.86 -13.99 -20.96
CA TYR D 63 -14.54 -12.71 -21.15
C TYR D 63 -13.48 -11.63 -21.37
N ILE D 64 -13.57 -10.95 -22.51
CA ILE D 64 -12.51 -10.04 -22.95
C ILE D 64 -12.97 -8.59 -23.03
N ASN D 65 -12.38 -7.76 -22.17
CA ASN D 65 -12.46 -6.31 -22.27
C ASN D 65 -11.03 -5.79 -22.10
N SER D 66 -10.27 -5.86 -23.19
CA SER D 66 -8.85 -5.59 -23.15
C SER D 66 -8.40 -4.75 -24.34
N PRO D 67 -7.50 -3.75 -24.11
CA PRO D 67 -6.90 -3.01 -25.20
C PRO D 67 -5.64 -3.68 -25.75
N GLY D 68 -5.46 -4.96 -25.41
CA GLY D 68 -4.25 -5.71 -25.75
C GLY D 68 -3.06 -5.27 -24.91
N GLY D 69 -1.85 -5.45 -25.43
CA GLY D 69 -0.64 -5.01 -24.75
C GLY D 69 0.63 -5.65 -25.31
N SER D 70 1.18 -6.61 -24.57
CA SER D 70 2.35 -7.38 -25.01
C SER D 70 1.93 -8.52 -25.95
N VAL D 71 2.67 -8.65 -27.05
CA VAL D 71 2.45 -9.73 -28.03
C VAL D 71 2.86 -11.11 -27.47
N THR D 72 4.04 -11.17 -26.84
CA THR D 72 4.57 -12.42 -26.27
C THR D 72 3.68 -12.93 -25.13
N ALA D 73 3.21 -12.01 -24.29
CA ALA D 73 2.25 -12.31 -23.23
C ALA D 73 0.92 -12.81 -23.82
N GLY D 74 0.51 -12.21 -24.94
CA GLY D 74 -0.67 -12.63 -25.68
C GLY D 74 -0.57 -14.07 -26.18
N PHE D 75 0.59 -14.41 -26.74
CA PHE D 75 0.85 -15.75 -27.26
C PHE D 75 0.98 -16.83 -26.19
N ALA D 76 1.35 -16.44 -24.97
CA ALA D 76 1.33 -17.31 -23.80
C ALA D 76 -0.09 -17.81 -23.53
N ILE D 77 -1.05 -16.87 -23.60
CA ILE D 77 -2.47 -17.16 -23.45
C ILE D 77 -2.99 -17.96 -24.65
N TYR D 78 -2.65 -17.50 -25.87
CA TYR D 78 -3.02 -18.19 -27.11
C TYR D 78 -2.62 -19.66 -27.12
N ASP D 79 -1.35 -19.94 -26.81
CA ASP D 79 -0.81 -21.30 -26.84
C ASP D 79 -1.42 -22.21 -25.76
N THR D 80 -1.80 -21.63 -24.63
CA THR D 80 -2.46 -22.38 -23.55
C THR D 80 -3.89 -22.77 -23.95
N ILE D 81 -4.59 -21.85 -24.63
CA ILE D 81 -5.93 -22.11 -25.20
C ILE D 81 -5.90 -23.31 -26.16
N GLN D 82 -4.91 -23.31 -27.07
CA GLN D 82 -4.74 -24.37 -28.07
C GLN D 82 -4.35 -25.70 -27.43
N HIS D 83 -3.46 -25.63 -26.42
CA HIS D 83 -2.93 -26.83 -25.76
C HIS D 83 -3.99 -27.63 -25.01
N ILE D 84 -4.75 -26.96 -24.14
CA ILE D 84 -5.76 -27.60 -23.30
C ILE D 84 -6.89 -28.25 -24.12
N LYS D 85 -7.48 -29.31 -23.58
CA LYS D 85 -8.58 -30.02 -24.22
C LYS D 85 -9.94 -29.29 -24.19
N PRO D 86 -10.32 -28.64 -23.06
CA PRO D 86 -11.61 -27.93 -23.07
C PRO D 86 -11.71 -26.84 -24.15
N ASP D 87 -12.91 -26.70 -24.72
CA ASP D 87 -13.23 -25.61 -25.64
C ASP D 87 -13.25 -24.29 -24.88
N VAL D 88 -12.51 -23.31 -25.38
CA VAL D 88 -12.48 -21.98 -24.77
C VAL D 88 -13.38 -21.04 -25.59
N GLN D 89 -14.53 -20.70 -25.01
CA GLN D 89 -15.43 -19.71 -25.58
C GLN D 89 -14.89 -18.31 -25.28
N THR D 90 -15.00 -17.41 -26.24
CA THR D 90 -14.58 -16.01 -26.07
C THR D 90 -15.76 -15.06 -26.22
N ILE D 91 -15.90 -14.14 -25.27
CA ILE D 91 -16.96 -13.12 -25.30
C ILE D 91 -16.34 -11.73 -25.15
N CYS D 92 -16.57 -10.88 -26.15
CA CYS D 92 -16.12 -9.50 -26.11
C CYS D 92 -17.19 -8.61 -25.49
N ILE D 93 -16.83 -7.97 -24.39
CA ILE D 93 -17.65 -6.90 -23.78
C ILE D 93 -16.86 -5.59 -23.82
N GLY D 94 -17.50 -4.51 -24.25
CA GLY D 94 -16.85 -3.21 -24.37
C GLY D 94 -15.91 -3.08 -25.56
N MET D 95 -14.65 -3.49 -25.38
CA MET D 95 -13.63 -3.39 -26.42
C MET D 95 -12.64 -4.56 -26.38
N ALA D 96 -12.38 -5.15 -27.54
CA ALA D 96 -11.25 -6.06 -27.75
C ALA D 96 -10.36 -5.46 -28.83
N ALA D 97 -9.22 -4.92 -28.40
CA ALA D 97 -8.26 -4.27 -29.31
C ALA D 97 -6.92 -4.98 -29.31
N SER D 98 -6.24 -4.90 -30.45
CA SER D 98 -4.87 -5.42 -30.65
C SER D 98 -4.78 -6.92 -30.37
N MET D 99 -3.98 -7.30 -29.37
CA MET D 99 -3.82 -8.69 -28.95
C MET D 99 -5.11 -9.23 -28.30
N GLY D 100 -5.92 -8.32 -27.75
CA GLY D 100 -7.25 -8.65 -27.25
C GLY D 100 -8.17 -9.22 -28.33
N SER D 101 -8.19 -8.56 -29.48
CA SER D 101 -8.96 -9.02 -30.64
C SER D 101 -8.41 -10.30 -31.25
N PHE D 102 -7.09 -10.46 -31.19
CA PHE D 102 -6.40 -11.69 -31.64
C PHE D 102 -6.85 -12.89 -30.81
N LEU D 103 -6.88 -12.71 -29.48
CA LEU D 103 -7.33 -13.76 -28.56
C LEU D 103 -8.83 -14.03 -28.65
N LEU D 104 -9.60 -13.00 -28.98
CA LEU D 104 -11.04 -13.15 -29.28
C LEU D 104 -11.28 -14.07 -30.48
N ALA D 105 -10.51 -13.85 -31.55
CA ALA D 105 -10.55 -14.66 -32.77
C ALA D 105 -10.02 -16.10 -32.57
N ALA D 106 -9.31 -16.32 -31.46
CA ALA D 106 -8.68 -17.60 -31.13
C ALA D 106 -9.58 -18.56 -30.34
N GLY D 107 -10.78 -18.10 -30.00
CA GLY D 107 -11.77 -18.94 -29.32
C GLY D 107 -12.18 -20.15 -30.14
N ALA D 108 -12.74 -21.14 -29.46
CA ALA D 108 -13.25 -22.38 -30.09
C ALA D 108 -14.22 -22.06 -31.23
N LYS D 109 -14.07 -22.82 -32.32
CA LYS D 109 -14.86 -22.64 -33.54
C LYS D 109 -16.38 -22.69 -33.25
N GLY D 110 -17.09 -21.67 -33.72
CA GLY D 110 -18.53 -21.52 -33.46
C GLY D 110 -18.88 -20.92 -32.11
N LYS D 111 -17.87 -20.69 -31.28
CA LYS D 111 -18.08 -20.21 -29.91
C LYS D 111 -17.34 -18.90 -29.60
N ARG D 112 -17.26 -18.00 -30.58
CA ARG D 112 -16.68 -16.67 -30.40
C ARG D 112 -17.77 -15.62 -30.52
N PHE D 113 -17.94 -14.85 -29.44
CA PHE D 113 -19.08 -13.94 -29.27
C PHE D 113 -18.65 -12.49 -29.03
N ALA D 114 -19.54 -11.57 -29.37
CA ALA D 114 -19.43 -10.15 -29.00
C ALA D 114 -20.81 -9.54 -28.80
N LEU D 115 -20.93 -8.71 -27.77
CA LEU D 115 -22.19 -8.03 -27.45
C LEU D 115 -22.50 -6.94 -28.48
N PRO D 116 -23.79 -6.58 -28.68
CA PRO D 116 -24.18 -5.78 -29.87
C PRO D 116 -23.44 -4.46 -30.06
N ASN D 117 -23.09 -3.79 -28.96
CA ASN D 117 -22.41 -2.48 -29.03
C ASN D 117 -20.91 -2.54 -28.69
N ALA D 118 -20.40 -3.75 -28.49
CA ALA D 118 -18.97 -3.97 -28.24
C ALA D 118 -18.16 -3.70 -29.51
N GLU D 119 -16.98 -3.10 -29.33
CA GLU D 119 -16.10 -2.73 -30.44
C GLU D 119 -14.92 -3.67 -30.56
N VAL D 120 -14.45 -3.87 -31.78
CA VAL D 120 -13.28 -4.72 -32.06
C VAL D 120 -12.27 -3.90 -32.88
N MET D 121 -11.00 -3.93 -32.46
CA MET D 121 -9.93 -3.24 -33.20
C MET D 121 -8.78 -4.16 -33.58
N ILE D 122 -8.46 -4.18 -34.88
CA ILE D 122 -7.28 -4.90 -35.39
C ILE D 122 -6.20 -3.94 -35.89
N HIS D 123 -4.94 -4.29 -35.61
CA HIS D 123 -3.79 -3.45 -35.99
C HIS D 123 -2.52 -4.29 -36.19
N GLN D 124 -1.47 -3.64 -36.71
CA GLN D 124 -0.15 -4.27 -36.78
C GLN D 124 0.61 -4.07 -35.45
N PRO D 125 1.59 -4.96 -35.15
CA PRO D 125 2.33 -4.82 -33.88
C PRO D 125 3.18 -3.55 -33.78
N LEU D 126 3.28 -3.03 -32.55
CA LEU D 126 4.05 -1.82 -32.23
C LEU D 126 5.37 -2.17 -31.54
N GLY D 127 6.38 -1.34 -31.74
CA GLY D 127 7.68 -1.55 -31.12
C GLY D 127 8.62 -0.38 -31.27
N GLY D 128 9.92 -0.67 -31.29
CA GLY D 128 10.96 0.34 -31.40
C GLY D 128 12.37 -0.16 -31.15
N ALA D 129 13.34 0.58 -31.68
CA ALA D 129 14.77 0.34 -31.42
C ALA D 129 15.53 1.66 -31.47
N GLN D 130 16.58 1.75 -30.65
CA GLN D 130 17.45 2.91 -30.63
C GLN D 130 18.90 2.48 -30.44
N GLY D 131 19.71 2.76 -31.45
CA GLY D 131 21.14 2.44 -31.42
C GLY D 131 21.75 2.35 -32.82
N GLN D 132 22.61 1.36 -32.99
CA GLN D 132 23.34 1.14 -34.24
C GLN D 132 22.42 0.60 -35.34
N ALA D 133 22.82 0.82 -36.60
CA ALA D 133 22.10 0.33 -37.78
C ALA D 133 21.85 -1.17 -37.73
N THR D 134 22.88 -1.92 -37.31
CA THR D 134 22.80 -3.37 -37.11
C THR D 134 21.71 -3.74 -36.08
N GLU D 135 21.64 -2.99 -34.98
CA GLU D 135 20.63 -3.20 -33.94
C GLU D 135 19.20 -2.92 -34.45
N ILE D 136 19.06 -1.84 -35.21
CA ILE D 136 17.76 -1.44 -35.80
C ILE D 136 17.26 -2.48 -36.82
N GLU D 137 18.20 -3.03 -37.61
CA GLU D 137 17.89 -4.07 -38.61
C GLU D 137 17.29 -5.33 -37.96
N ILE D 138 17.94 -5.82 -36.91
CA ILE D 138 17.50 -7.01 -36.15
C ILE D 138 16.12 -6.82 -35.54
N ALA D 139 15.90 -5.66 -34.93
CA ALA D 139 14.63 -5.33 -34.28
C ALA D 139 13.50 -5.17 -35.30
N ALA D 140 13.83 -4.68 -36.49
CA ALA D 140 12.89 -4.58 -37.60
C ALA D 140 12.52 -5.96 -38.14
N ASN D 141 13.54 -6.79 -38.41
CA ASN D 141 13.34 -8.15 -38.91
C ASN D 141 12.52 -9.00 -37.93
N HIS D 142 12.75 -8.79 -36.64
CA HIS D 142 12.03 -9.48 -35.58
C HIS D 142 10.54 -9.09 -35.51
N ILE D 143 10.24 -7.79 -35.53
CA ILE D 143 8.86 -7.31 -35.51
C ILE D 143 8.08 -7.63 -36.80
N LEU D 144 8.78 -7.63 -37.93
CA LEU D 144 8.18 -8.05 -39.22
C LEU D 144 7.81 -9.52 -39.22
N LYS D 145 8.70 -10.38 -38.70
CA LYS D 145 8.45 -11.81 -38.58
C LYS D 145 7.30 -12.12 -37.60
N THR D 146 7.25 -11.36 -36.50
CA THR D 146 6.15 -11.42 -35.53
C THR D 146 4.80 -11.08 -36.19
N ARG D 147 4.79 -10.04 -37.04
CA ARG D 147 3.61 -9.66 -37.81
C ARG D 147 3.16 -10.78 -38.78
N GLU D 148 4.11 -11.37 -39.51
CA GLU D 148 3.86 -12.49 -40.40
C GLU D 148 3.27 -13.70 -39.66
N LYS D 149 3.70 -13.89 -38.41
CA LYS D 149 3.17 -14.93 -37.53
C LYS D 149 1.73 -14.65 -37.13
N LEU D 150 1.44 -13.40 -36.75
CA LEU D 150 0.09 -12.94 -36.38
C LEU D 150 -0.90 -13.03 -37.53
N ASN D 151 -0.46 -12.61 -38.72
CA ASN D 151 -1.28 -12.62 -39.92
C ASN D 151 -1.61 -14.02 -40.42
N ARG D 152 -0.65 -14.93 -40.29
CA ARG D 152 -0.80 -16.33 -40.67
C ARG D 152 -1.92 -17.00 -39.86
N ILE D 153 -1.91 -16.78 -38.55
CA ILE D 153 -2.91 -17.37 -37.63
C ILE D 153 -4.27 -16.72 -37.81
N LEU D 154 -4.30 -15.38 -37.89
CA LEU D 154 -5.53 -14.64 -38.18
C LEU D 154 -6.19 -15.05 -39.49
N SER D 155 -5.38 -15.38 -40.50
CA SER D 155 -5.85 -15.90 -41.78
C SER D 155 -6.61 -17.22 -41.61
N GLU D 156 -6.00 -18.14 -40.85
CA GLU D 156 -6.60 -19.45 -40.55
C GLU D 156 -7.89 -19.35 -39.71
N ARG D 157 -7.93 -18.36 -38.80
CA ARG D 157 -9.09 -18.16 -37.93
C ARG D 157 -10.27 -17.47 -38.62
N THR D 158 -9.97 -16.51 -39.51
CA THR D 158 -10.99 -15.67 -40.15
C THR D 158 -11.49 -16.16 -41.50
N GLY D 159 -10.60 -16.79 -42.29
CA GLY D 159 -10.88 -17.16 -43.68
C GLY D 159 -10.40 -16.12 -44.69
N GLN D 160 -10.02 -14.94 -44.20
CA GLN D 160 -9.41 -13.89 -45.00
C GLN D 160 -8.01 -14.34 -45.42
N SER D 161 -7.56 -13.88 -46.59
CA SER D 161 -6.19 -14.14 -47.06
C SER D 161 -5.16 -13.37 -46.21
N ILE D 162 -3.91 -13.86 -46.23
CA ILE D 162 -2.80 -13.19 -45.56
C ILE D 162 -2.60 -11.77 -46.12
N GLU D 163 -2.79 -11.62 -47.44
CA GLU D 163 -2.66 -10.33 -48.13
C GLU D 163 -3.71 -9.30 -47.72
N LYS D 164 -4.95 -9.74 -47.55
CA LYS D 164 -6.05 -8.85 -47.13
C LYS D 164 -5.85 -8.35 -45.68
N ILE D 165 -5.51 -9.26 -44.77
CA ILE D 165 -5.24 -8.90 -43.36
C ILE D 165 -4.08 -7.89 -43.25
N GLN D 166 -3.03 -8.08 -44.06
CA GLN D 166 -1.92 -7.14 -44.17
C GLN D 166 -2.39 -5.71 -44.49
N LYS D 167 -3.26 -5.60 -45.50
CA LYS D 167 -3.87 -4.35 -45.93
C LYS D 167 -4.79 -3.77 -44.86
N ASP D 168 -5.58 -4.66 -44.23
CA ASP D 168 -6.59 -4.27 -43.25
C ASP D 168 -6.03 -3.86 -41.89
N THR D 169 -4.79 -4.27 -41.60
CA THR D 169 -4.14 -3.99 -40.31
C THR D 169 -3.00 -2.97 -40.41
N ASP D 170 -2.76 -2.47 -41.64
CA ASP D 170 -1.71 -1.47 -41.90
C ASP D 170 -1.90 -0.23 -41.03
N ARG D 171 -3.15 0.21 -40.92
CA ARG D 171 -3.58 1.24 -39.98
C ARG D 171 -4.61 0.62 -39.03
N ASP D 172 -4.92 1.34 -37.95
CA ASP D 172 -5.96 0.91 -37.00
C ASP D 172 -7.31 0.78 -37.71
N ASN D 173 -7.92 -0.40 -37.56
CA ASN D 173 -9.20 -0.72 -38.18
C ASN D 173 -10.21 -1.03 -37.08
N PHE D 174 -11.22 -0.16 -36.98
CA PHE D 174 -12.28 -0.31 -35.98
C PHE D 174 -13.48 -1.02 -36.60
N LEU D 175 -13.92 -2.07 -35.93
CA LEU D 175 -15.04 -2.89 -36.39
C LEU D 175 -16.18 -2.90 -35.38
N THR D 176 -17.40 -2.79 -35.88
CA THR D 176 -18.60 -3.04 -35.09
C THR D 176 -18.71 -4.55 -34.84
N ALA D 177 -19.53 -4.95 -33.86
CA ALA D 177 -19.78 -6.37 -33.57
C ALA D 177 -20.25 -7.17 -34.79
N GLU D 178 -21.12 -6.56 -35.60
CA GLU D 178 -21.61 -7.16 -36.86
C GLU D 178 -20.51 -7.31 -37.92
N GLU D 179 -19.68 -6.27 -38.07
CA GLU D 179 -18.53 -6.27 -38.98
C GLU D 179 -17.49 -7.33 -38.62
N ALA D 180 -17.24 -7.48 -37.31
CA ALA D 180 -16.29 -8.47 -36.78
C ALA D 180 -16.76 -9.91 -37.03
N LYS D 181 -18.07 -10.12 -36.94
CA LYS D 181 -18.72 -11.39 -37.31
C LYS D 181 -18.50 -11.70 -38.79
N GLU D 182 -18.87 -10.75 -39.65
CA GLU D 182 -18.70 -10.85 -41.11
C GLU D 182 -17.24 -11.08 -41.51
N TYR D 183 -16.33 -10.43 -40.80
CA TYR D 183 -14.88 -10.55 -41.04
C TYR D 183 -14.31 -11.95 -40.77
N GLY D 184 -14.86 -12.64 -39.77
CA GLY D 184 -14.36 -13.96 -39.34
C GLY D 184 -13.66 -13.94 -37.98
N LEU D 185 -13.71 -12.80 -37.30
CA LEU D 185 -13.13 -12.64 -35.97
C LEU D 185 -14.01 -13.25 -34.88
N ILE D 186 -15.34 -13.18 -35.10
CA ILE D 186 -16.32 -13.87 -34.25
C ILE D 186 -17.37 -14.61 -35.09
N ASP D 187 -18.13 -15.49 -34.43
CA ASP D 187 -19.14 -16.33 -35.10
C ASP D 187 -20.56 -15.78 -34.92
N GLU D 188 -20.85 -15.25 -33.73
CA GLU D 188 -22.19 -14.76 -33.38
C GLU D 188 -22.13 -13.42 -32.67
N VAL D 189 -23.09 -12.55 -32.98
CA VAL D 189 -23.38 -11.37 -32.14
C VAL D 189 -24.41 -11.82 -31.11
N MET D 190 -24.05 -11.70 -29.83
CA MET D 190 -24.90 -12.17 -28.73
C MET D 190 -26.05 -11.19 -28.44
N VAL D 191 -27.27 -11.65 -28.71
CA VAL D 191 -28.50 -10.87 -28.56
C VAL D 191 -29.26 -11.36 -27.30
N PRO D 192 -29.80 -10.41 -26.49
CA PRO D 192 -30.59 -10.66 -25.27
C PRO D 192 -31.52 -11.88 -25.31
N LEU E 3 -4.36 -8.64 -7.52
CA LEU E 3 -5.53 -8.92 -8.39
C LEU E 3 -5.66 -10.39 -8.80
N ILE E 4 -4.73 -11.21 -8.30
CA ILE E 4 -4.67 -12.64 -8.65
C ILE E 4 -5.80 -13.45 -8.01
N PRO E 5 -6.42 -14.36 -8.78
CA PRO E 5 -7.65 -15.04 -8.32
C PRO E 5 -7.42 -16.10 -7.24
N THR E 6 -8.46 -16.35 -6.46
CA THR E 6 -8.45 -17.33 -5.39
C THR E 6 -9.25 -18.56 -5.85
N VAL E 7 -8.67 -19.74 -5.69
CA VAL E 7 -9.36 -20.99 -6.02
C VAL E 7 -9.69 -21.80 -4.77
N ILE E 8 -10.89 -22.37 -4.77
CA ILE E 8 -11.35 -23.23 -3.69
C ILE E 8 -11.23 -24.66 -4.19
N GLU E 9 -10.57 -25.50 -3.42
CA GLU E 9 -10.49 -26.85 -3.80
C GLU E 9 -10.80 -27.76 -2.65
N THR E 10 -11.54 -28.83 -2.94
CA THR E 10 -11.86 -29.82 -1.94
C THR E 10 -10.59 -30.67 -1.85
N THR E 11 -10.07 -30.85 -0.63
CA THR E 11 -8.83 -31.57 -0.34
C THR E 11 -9.02 -32.63 0.74
N ASN E 12 -8.04 -33.52 0.95
CA ASN E 12 -8.17 -34.59 1.95
C ASN E 12 -8.34 -34.11 3.40
N ARG E 13 -7.54 -33.12 3.81
CA ARG E 13 -7.65 -32.52 5.13
C ARG E 13 -8.92 -31.64 5.22
N GLY E 14 -9.36 -31.12 4.09
CA GLY E 14 -10.58 -30.37 4.01
C GLY E 14 -10.64 -29.35 2.90
N GLU E 15 -11.77 -28.71 2.74
CA GLU E 15 -11.94 -27.63 1.74
C GLU E 15 -10.99 -26.46 2.03
N ARG E 16 -10.31 -25.97 0.98
CA ARG E 16 -9.24 -24.99 1.16
C ARG E 16 -9.20 -23.91 0.08
N ALA E 17 -8.92 -22.69 0.52
CA ALA E 17 -8.77 -21.52 -0.35
C ALA E 17 -7.29 -21.23 -0.60
N TYR E 18 -6.91 -21.18 -1.88
CA TYR E 18 -5.55 -20.90 -2.32
C TYR E 18 -5.56 -19.75 -3.31
N ASP E 19 -4.53 -18.91 -3.27
CA ASP E 19 -4.20 -18.10 -4.44
C ASP E 19 -3.66 -19.05 -5.52
N ILE E 20 -3.93 -18.74 -6.79
CA ILE E 20 -3.70 -19.68 -7.90
C ILE E 20 -2.23 -20.15 -8.07
N TYR E 21 -1.27 -19.27 -7.78
CA TYR E 21 0.15 -19.62 -7.86
C TYR E 21 0.58 -20.62 -6.78
N SER E 22 0.06 -20.43 -5.57
CA SER E 22 0.27 -21.38 -4.46
C SER E 22 -0.39 -22.72 -4.73
N ARG E 23 -1.53 -22.69 -5.41
CA ARG E 23 -2.24 -23.90 -5.85
C ARG E 23 -1.42 -24.72 -6.84
N LEU E 24 -0.79 -24.07 -7.79
CA LEU E 24 0.07 -24.72 -8.73
C LEU E 24 1.30 -25.35 -8.05
N LEU E 25 1.84 -24.69 -7.04
CA LEU E 25 3.01 -25.17 -6.28
C LEU E 25 2.75 -26.53 -5.60
N LYS E 26 1.50 -26.72 -5.15
CA LYS E 26 1.01 -27.98 -4.60
C LYS E 26 1.25 -29.19 -5.52
N ASP E 27 1.19 -28.95 -6.83
CA ASP E 27 1.46 -29.99 -7.84
C ASP E 27 2.88 -29.93 -8.41
N ARG E 28 3.78 -29.24 -7.68
CA ARG E 28 5.23 -29.15 -7.96
C ARG E 28 5.58 -28.25 -9.17
N ILE E 29 4.72 -27.27 -9.44
CA ILE E 29 4.96 -26.27 -10.49
C ILE E 29 5.41 -24.94 -9.88
N ILE E 30 6.55 -24.44 -10.35
CA ILE E 30 7.07 -23.12 -9.98
C ILE E 30 6.94 -22.18 -11.16
N MET E 31 6.44 -20.97 -10.92
CA MET E 31 6.28 -19.94 -11.95
C MET E 31 7.46 -18.95 -11.93
N LEU E 32 8.17 -18.88 -13.04
CA LEU E 32 9.15 -17.84 -13.28
C LEU E 32 8.57 -16.92 -14.37
N GLY E 33 7.82 -15.92 -13.92
CA GLY E 33 7.03 -15.08 -14.82
C GLY E 33 7.25 -13.59 -14.70
N SER E 34 8.45 -13.20 -14.28
CA SER E 34 8.83 -11.78 -14.19
C SER E 34 10.31 -11.59 -14.47
N GLN E 35 10.77 -10.34 -14.47
CA GLN E 35 12.19 -10.01 -14.52
C GLN E 35 12.90 -10.71 -13.35
N ILE E 36 14.09 -11.24 -13.62
CA ILE E 36 14.86 -11.97 -12.62
C ILE E 36 15.69 -10.99 -11.81
N ASP E 37 15.25 -10.77 -10.57
CA ASP E 37 16.06 -10.07 -9.56
C ASP E 37 16.35 -11.00 -8.38
N ASP E 38 17.03 -10.49 -7.36
CA ASP E 38 17.34 -11.26 -6.15
C ASP E 38 16.12 -11.77 -5.39
N ASN E 39 15.07 -10.95 -5.31
CA ASN E 39 13.80 -11.35 -4.67
C ASN E 39 13.14 -12.56 -5.38
N VAL E 40 13.08 -12.49 -6.71
CA VAL E 40 12.52 -13.58 -7.53
C VAL E 40 13.36 -14.85 -7.36
N ALA E 41 14.68 -14.70 -7.49
CA ALA E 41 15.64 -15.81 -7.36
C ALA E 41 15.53 -16.57 -6.04
N ASN E 42 15.45 -15.82 -4.93
CA ASN E 42 15.34 -16.41 -3.58
C ASN E 42 14.00 -17.12 -3.36
N SER E 43 12.94 -16.60 -3.97
CA SER E 43 11.63 -17.25 -3.99
C SER E 43 11.69 -18.59 -4.72
N ILE E 44 12.31 -18.61 -5.90
CA ILE E 44 12.46 -19.83 -6.71
C ILE E 44 13.32 -20.87 -5.98
N VAL E 45 14.43 -20.41 -5.39
CA VAL E 45 15.36 -21.27 -4.65
C VAL E 45 14.64 -21.96 -3.50
N SER E 46 13.92 -21.18 -2.70
CA SER E 46 13.13 -21.69 -1.58
C SER E 46 12.13 -22.74 -2.04
N GLN E 47 11.45 -22.47 -3.16
CA GLN E 47 10.44 -23.37 -3.74
C GLN E 47 11.02 -24.72 -4.17
N LEU E 48 12.17 -24.68 -4.86
CA LEU E 48 12.89 -25.87 -5.31
C LEU E 48 13.39 -26.73 -4.14
N LEU E 49 13.83 -26.06 -3.07
CA LEU E 49 14.28 -26.72 -1.84
C LEU E 49 13.13 -27.32 -1.05
N PHE E 50 12.00 -26.62 -1.03
CA PHE E 50 10.77 -27.10 -0.40
C PHE E 50 10.23 -28.34 -1.11
N LEU E 51 10.29 -28.33 -2.45
CA LEU E 51 9.77 -29.44 -3.25
C LEU E 51 10.63 -30.71 -3.18
N GLN E 52 11.94 -30.55 -2.98
CA GLN E 52 12.83 -31.69 -2.73
C GLN E 52 12.56 -32.31 -1.35
N ALA E 53 12.38 -31.45 -0.34
CA ALA E 53 12.05 -31.89 1.03
C ALA E 53 10.76 -32.71 1.14
N GLN E 54 9.74 -32.31 0.38
CA GLN E 54 8.47 -33.04 0.29
C GLN E 54 8.64 -34.39 -0.41
N ASP E 55 9.38 -34.40 -1.52
CA ASP E 55 9.65 -35.61 -2.30
C ASP E 55 10.92 -35.44 -3.13
N SER E 56 11.90 -36.30 -2.83
CA SER E 56 13.22 -36.28 -3.46
C SER E 56 13.24 -36.96 -4.84
N GLU E 57 12.14 -37.61 -5.21
CA GLU E 57 12.07 -38.44 -6.42
C GLU E 57 11.25 -37.82 -7.56
N LYS E 58 10.09 -37.26 -7.21
CA LYS E 58 9.13 -36.72 -8.18
C LYS E 58 9.66 -35.49 -8.90
N ASP E 59 9.34 -35.40 -10.20
CA ASP E 59 9.75 -34.29 -11.05
C ASP E 59 9.19 -32.93 -10.59
N ILE E 60 9.95 -31.87 -10.88
CA ILE E 60 9.52 -30.49 -10.66
C ILE E 60 9.37 -29.82 -12.04
N TYR E 61 8.45 -28.86 -12.14
CA TYR E 61 8.13 -28.19 -13.41
C TYR E 61 8.24 -26.67 -13.29
N LEU E 62 9.22 -26.10 -14.00
CA LEU E 62 9.46 -24.66 -13.98
C LEU E 62 8.96 -24.03 -15.28
N TYR E 63 7.87 -23.27 -15.16
CA TYR E 63 7.31 -22.56 -16.31
C TYR E 63 7.98 -21.19 -16.40
N ILE E 64 8.45 -20.84 -17.60
CA ILE E 64 9.24 -19.63 -17.81
C ILE E 64 8.57 -18.67 -18.82
N ASN E 65 8.23 -17.48 -18.32
CA ASN E 65 7.82 -16.34 -19.15
C ASN E 65 8.54 -15.12 -18.58
N SER E 66 9.80 -14.98 -18.98
CA SER E 66 10.73 -14.06 -18.35
C SER E 66 11.60 -13.34 -19.39
N PRO E 67 11.86 -12.02 -19.18
CA PRO E 67 12.82 -11.31 -20.03
C PRO E 67 14.27 -11.46 -19.58
N GLY E 68 14.50 -12.23 -18.51
CA GLY E 68 15.81 -12.33 -17.88
C GLY E 68 15.95 -11.28 -16.79
N GLY E 69 17.19 -10.84 -16.53
CA GLY E 69 17.46 -9.79 -15.55
C GLY E 69 18.89 -9.84 -15.01
N SER E 70 19.01 -10.22 -13.74
CA SER E 70 20.31 -10.34 -13.07
C SER E 70 20.95 -11.69 -13.35
N VAL E 71 22.23 -11.68 -13.70
CA VAL E 71 22.98 -12.90 -14.01
C VAL E 71 23.28 -13.72 -12.73
N THR E 72 23.71 -13.05 -11.66
CA THR E 72 23.99 -13.73 -10.39
C THR E 72 22.73 -14.34 -9.76
N ALA E 73 21.62 -13.61 -9.83
CA ALA E 73 20.29 -14.11 -9.42
C ALA E 73 19.85 -15.31 -10.26
N GLY E 74 20.15 -15.25 -11.57
CA GLY E 74 19.94 -16.37 -12.47
C GLY E 74 20.76 -17.61 -12.12
N PHE E 75 21.99 -17.39 -11.66
CA PHE E 75 22.86 -18.50 -11.24
C PHE E 75 22.51 -19.11 -9.88
N ALA E 76 21.83 -18.34 -9.04
CA ALA E 76 21.25 -18.88 -7.80
C ALA E 76 20.18 -19.92 -8.12
N ILE E 77 19.36 -19.63 -9.14
CA ILE E 77 18.34 -20.57 -9.63
C ILE E 77 19.01 -21.75 -10.34
N TYR E 78 19.96 -21.47 -11.24
CA TYR E 78 20.71 -22.52 -11.96
C TYR E 78 21.35 -23.54 -11.02
N ASP E 79 22.16 -23.06 -10.07
CA ASP E 79 22.88 -23.92 -9.12
C ASP E 79 21.98 -24.77 -8.24
N THR E 80 20.82 -24.23 -7.86
CA THR E 80 19.82 -24.95 -7.08
C THR E 80 19.15 -26.08 -7.90
N ILE E 81 18.81 -25.78 -9.16
CA ILE E 81 18.29 -26.79 -10.10
C ILE E 81 19.24 -27.99 -10.22
N GLN E 82 20.52 -27.73 -10.43
CA GLN E 82 21.53 -28.78 -10.60
C GLN E 82 21.82 -29.54 -9.30
N HIS E 83 21.73 -28.84 -8.17
CA HIS E 83 22.06 -29.42 -6.85
C HIS E 83 21.05 -30.47 -6.37
N ILE E 84 19.76 -30.19 -6.56
CA ILE E 84 18.71 -31.08 -6.06
C ILE E 84 18.61 -32.37 -6.89
N LYS E 85 18.13 -33.43 -6.24
CA LYS E 85 17.98 -34.76 -6.88
C LYS E 85 16.89 -34.81 -7.98
N PRO E 86 15.67 -34.25 -7.72
CA PRO E 86 14.61 -34.32 -8.75
C PRO E 86 14.96 -33.64 -10.08
N ASP E 87 14.47 -34.22 -11.17
CA ASP E 87 14.53 -33.62 -12.50
C ASP E 87 13.67 -32.36 -12.53
N VAL E 88 14.26 -31.26 -13.02
CA VAL E 88 13.53 -30.01 -13.19
C VAL E 88 13.22 -29.82 -14.67
N GLN E 89 11.95 -29.98 -15.02
CA GLN E 89 11.46 -29.75 -16.38
C GLN E 89 11.29 -28.25 -16.60
N THR E 90 11.63 -27.78 -17.80
CA THR E 90 11.45 -26.36 -18.16
C THR E 90 10.51 -26.20 -19.35
N ILE E 91 9.54 -25.29 -19.21
CA ILE E 91 8.57 -25.00 -20.26
C ILE E 91 8.58 -23.51 -20.52
N CYS E 92 8.94 -23.13 -21.74
CA CYS E 92 8.88 -21.73 -22.17
C CYS E 92 7.48 -21.42 -22.67
N ILE E 93 6.82 -20.50 -21.97
CA ILE E 93 5.51 -19.98 -22.35
C ILE E 93 5.70 -18.49 -22.64
N GLY E 94 5.17 -18.03 -23.77
CA GLY E 94 5.33 -16.64 -24.19
C GLY E 94 6.73 -16.26 -24.64
N MET E 95 7.63 -16.02 -23.67
CA MET E 95 9.01 -15.57 -23.96
C MET E 95 10.03 -15.99 -22.89
N ALA E 96 11.13 -16.60 -23.34
CA ALA E 96 12.32 -16.78 -22.50
C ALA E 96 13.51 -16.08 -23.15
N ALA E 97 13.91 -14.96 -22.56
CA ALA E 97 14.98 -14.12 -23.09
C ALA E 97 16.12 -13.95 -22.09
N SER E 98 17.33 -13.83 -22.63
CA SER E 98 18.56 -13.57 -21.87
C SER E 98 18.84 -14.66 -20.83
N MET E 99 18.80 -14.30 -19.55
CA MET E 99 18.95 -15.28 -18.46
C MET E 99 17.76 -16.24 -18.38
N GLY E 100 16.60 -15.81 -18.88
CA GLY E 100 15.41 -16.66 -19.03
C GLY E 100 15.63 -17.84 -19.97
N SER E 101 16.29 -17.57 -21.10
CA SER E 101 16.66 -18.61 -22.07
C SER E 101 17.74 -19.55 -21.54
N PHE E 102 18.67 -19.00 -20.75
CA PHE E 102 19.71 -19.79 -20.07
C PHE E 102 19.10 -20.82 -19.11
N LEU E 103 18.13 -20.40 -18.31
CA LEU E 103 17.44 -21.28 -17.35
C LEU E 103 16.54 -22.31 -18.02
N LEU E 104 15.95 -21.94 -19.17
CA LEU E 104 15.22 -22.88 -20.03
C LEU E 104 16.13 -24.04 -20.47
N ALA E 105 17.32 -23.69 -20.98
CA ALA E 105 18.35 -24.65 -21.41
C ALA E 105 18.89 -25.51 -20.27
N ALA E 106 18.73 -25.02 -19.04
CA ALA E 106 19.22 -25.66 -17.81
C ALA E 106 18.39 -26.85 -17.30
N GLY E 107 17.20 -27.02 -17.86
CA GLY E 107 16.28 -28.11 -17.48
C GLY E 107 16.87 -29.48 -17.75
N ALA E 108 16.33 -30.49 -17.06
CA ALA E 108 16.78 -31.88 -17.22
C ALA E 108 16.64 -32.31 -18.67
N LYS E 109 17.67 -32.98 -19.19
CA LYS E 109 17.75 -33.36 -20.60
C LYS E 109 16.61 -34.27 -21.01
N GLY E 110 15.96 -33.93 -22.12
CA GLY E 110 14.77 -34.63 -22.60
C GLY E 110 13.47 -34.03 -22.09
N LYS E 111 13.59 -33.03 -21.22
CA LYS E 111 12.42 -32.43 -20.54
C LYS E 111 12.40 -30.91 -20.63
N ARG E 112 12.96 -30.38 -21.72
CA ARG E 112 12.93 -28.94 -22.00
C ARG E 112 12.00 -28.68 -23.17
N PHE E 113 11.00 -27.83 -22.92
CA PHE E 113 9.90 -27.61 -23.86
C PHE E 113 9.70 -26.12 -24.16
N ALA E 114 9.18 -25.86 -25.36
CA ALA E 114 8.59 -24.56 -25.69
C ALA E 114 7.26 -24.79 -26.38
N LEU E 115 6.29 -23.93 -26.08
CA LEU E 115 5.00 -23.94 -26.77
C LEU E 115 5.19 -23.43 -28.22
N PRO E 116 4.29 -23.81 -29.16
CA PRO E 116 4.49 -23.52 -30.59
C PRO E 116 4.89 -22.07 -30.94
N ASN E 117 4.23 -21.09 -30.34
CA ASN E 117 4.43 -19.67 -30.68
C ASN E 117 5.30 -18.90 -29.65
N ALA E 118 5.94 -19.64 -28.74
CA ALA E 118 6.82 -19.07 -27.72
C ALA E 118 8.11 -18.55 -28.33
N GLU E 119 8.63 -17.47 -27.77
CA GLU E 119 9.88 -16.86 -28.24
C GLU E 119 11.05 -17.16 -27.32
N VAL E 120 12.21 -17.40 -27.93
CA VAL E 120 13.46 -17.59 -27.22
C VAL E 120 14.47 -16.59 -27.76
N MET E 121 15.07 -15.80 -26.87
CA MET E 121 16.12 -14.84 -27.24
C MET E 121 17.42 -15.08 -26.47
N ILE E 122 18.53 -15.14 -27.21
CA ILE E 122 19.87 -15.28 -26.64
C ILE E 122 20.73 -14.06 -26.96
N HIS E 123 21.51 -13.62 -25.97
CA HIS E 123 22.39 -12.45 -26.11
C HIS E 123 23.55 -12.48 -25.10
N GLN E 124 24.47 -11.52 -25.24
CA GLN E 124 25.60 -11.39 -24.29
C GLN E 124 25.20 -10.56 -23.05
N PRO E 125 25.95 -10.72 -21.93
CA PRO E 125 25.63 -9.96 -20.71
C PRO E 125 25.68 -8.43 -20.88
N LEU E 126 24.84 -7.73 -20.12
CA LEU E 126 24.81 -6.26 -20.10
C LEU E 126 25.34 -5.74 -18.77
N GLY E 127 26.08 -4.63 -18.84
CA GLY E 127 26.68 -4.03 -17.65
C GLY E 127 27.10 -2.59 -17.81
N GLY E 128 27.97 -2.15 -16.91
CA GLY E 128 28.46 -0.78 -16.91
C GLY E 128 29.56 -0.50 -15.90
N ALA E 129 30.32 0.56 -16.19
CA ALA E 129 31.35 1.10 -15.30
C ALA E 129 31.54 2.57 -15.60
N GLN E 130 31.66 3.36 -14.53
CA GLN E 130 31.92 4.78 -14.65
C GLN E 130 32.98 5.17 -13.61
N GLY E 131 34.12 5.66 -14.10
CA GLY E 131 35.20 6.10 -13.22
C GLY E 131 36.59 6.03 -13.85
N GLN E 132 37.57 5.68 -13.00
CA GLN E 132 38.99 5.57 -13.39
C GLN E 132 39.22 4.41 -14.36
N ALA E 133 40.31 4.49 -15.12
CA ALA E 133 40.70 3.44 -16.09
C ALA E 133 40.91 2.06 -15.43
N THR E 134 41.47 2.06 -14.22
CA THR E 134 41.63 0.86 -13.39
C THR E 134 40.28 0.21 -13.05
N GLU E 135 39.30 1.04 -12.66
CA GLU E 135 37.94 0.58 -12.31
C GLU E 135 37.21 -0.03 -13.51
N ILE E 136 37.35 0.62 -14.67
CA ILE E 136 36.72 0.17 -15.93
C ILE E 136 37.35 -1.14 -16.40
N GLU E 137 38.66 -1.28 -16.18
CA GLU E 137 39.39 -2.52 -16.47
C GLU E 137 38.81 -3.71 -15.68
N ILE E 138 38.59 -3.49 -14.39
CA ILE E 138 38.06 -4.52 -13.48
C ILE E 138 36.66 -4.98 -13.89
N ALA E 139 35.77 -4.02 -14.17
CA ALA E 139 34.38 -4.33 -14.57
C ALA E 139 34.29 -4.98 -15.96
N ALA E 140 35.18 -4.58 -16.87
CA ALA E 140 35.30 -5.20 -18.20
C ALA E 140 35.78 -6.65 -18.10
N ASN E 141 36.83 -6.87 -17.30
CA ASN E 141 37.37 -8.22 -17.06
C ASN E 141 36.37 -9.12 -16.34
N HIS E 142 35.58 -8.53 -15.42
CA HIS E 142 34.55 -9.26 -14.69
C HIS E 142 33.39 -9.71 -15.60
N ILE E 143 32.86 -8.80 -16.41
CA ILE E 143 31.75 -9.12 -17.31
C ILE E 143 32.18 -10.03 -18.47
N LEU E 144 33.44 -9.92 -18.89
CA LEU E 144 34.00 -10.81 -19.91
C LEU E 144 34.15 -12.25 -19.39
N LYS E 145 34.57 -12.39 -18.13
CA LYS E 145 34.66 -13.71 -17.50
C LYS E 145 33.27 -14.32 -17.26
N THR E 146 32.30 -13.45 -16.95
CA THR E 146 30.88 -13.81 -16.81
C THR E 146 30.31 -14.35 -18.13
N ARG E 147 30.66 -13.72 -19.25
CA ARG E 147 30.27 -14.20 -20.58
C ARG E 147 30.90 -15.57 -20.91
N GLU E 148 32.16 -15.75 -20.55
CA GLU E 148 32.85 -17.04 -20.72
C GLU E 148 32.19 -18.16 -19.93
N LYS E 149 31.79 -17.87 -18.69
CA LYS E 149 31.10 -18.83 -17.82
C LYS E 149 29.75 -19.25 -18.39
N LEU E 150 28.97 -18.27 -18.88
CA LEU E 150 27.67 -18.52 -19.52
C LEU E 150 27.77 -19.32 -20.82
N ASN E 151 28.79 -19.02 -21.63
CA ASN E 151 29.00 -19.67 -22.91
C ASN E 151 29.47 -21.13 -22.77
N ARG E 152 30.38 -21.36 -21.83
CA ARG E 152 30.91 -22.69 -21.50
C ARG E 152 29.81 -23.65 -21.05
N ILE E 153 28.91 -23.16 -20.18
CA ILE E 153 27.77 -23.94 -19.71
C ILE E 153 26.75 -24.17 -20.83
N LEU E 154 26.46 -23.12 -21.61
CA LEU E 154 25.56 -23.22 -22.77
C LEU E 154 26.06 -24.22 -23.82
N SER E 155 27.38 -24.28 -23.98
CA SER E 155 28.03 -25.25 -24.88
C SER E 155 27.73 -26.68 -24.46
N GLU E 156 27.85 -26.93 -23.16
CA GLU E 156 27.55 -28.23 -22.58
C GLU E 156 26.09 -28.60 -22.74
N ARG E 157 25.22 -27.66 -22.45
CA ARG E 157 23.79 -27.84 -22.56
C ARG E 157 23.17 -27.97 -23.93
N THR E 158 23.66 -27.21 -24.88
CA THR E 158 23.09 -27.28 -26.20
C THR E 158 23.79 -28.17 -27.21
N GLY E 159 25.02 -28.55 -26.93
CA GLY E 159 25.80 -29.32 -27.86
C GLY E 159 26.46 -28.52 -28.94
N GLN E 160 26.49 -27.21 -28.82
CA GLN E 160 27.15 -26.34 -29.75
C GLN E 160 28.51 -25.90 -29.20
N SER E 161 29.42 -25.51 -30.07
CA SER E 161 30.74 -25.03 -29.63
C SER E 161 30.63 -23.63 -29.00
N ILE E 162 31.59 -23.32 -28.12
CA ILE E 162 31.76 -21.99 -27.52
C ILE E 162 31.89 -20.92 -28.62
N GLU E 163 32.65 -21.25 -29.66
CA GLU E 163 32.85 -20.41 -30.86
C GLU E 163 31.54 -20.01 -31.54
N LYS E 164 30.65 -20.97 -31.76
CA LYS E 164 29.34 -20.72 -32.39
C LYS E 164 28.44 -19.86 -31.50
N ILE E 165 28.38 -20.17 -30.20
CA ILE E 165 27.59 -19.43 -29.22
C ILE E 165 28.03 -17.96 -29.14
N GLN E 166 29.34 -17.74 -29.08
CA GLN E 166 29.96 -16.41 -29.09
C GLN E 166 29.49 -15.56 -30.28
N LYS E 167 29.52 -16.15 -31.47
CA LYS E 167 29.10 -15.48 -32.71
C LYS E 167 27.58 -15.23 -32.72
N ASP E 168 26.81 -16.21 -32.26
CA ASP E 168 25.35 -16.16 -32.27
C ASP E 168 24.72 -15.29 -31.19
N THR E 169 25.49 -14.96 -30.15
CA THR E 169 25.01 -14.12 -29.03
C THR E 169 25.60 -12.70 -29.04
N ASP E 170 26.48 -12.43 -30.01
CA ASP E 170 27.13 -11.11 -30.16
C ASP E 170 26.10 -9.97 -30.20
N ARG E 171 25.06 -10.16 -31.02
CA ARG E 171 23.89 -9.30 -31.02
C ARG E 171 22.67 -10.11 -30.57
N ASP E 172 21.57 -9.43 -30.25
CA ASP E 172 20.29 -10.07 -29.92
C ASP E 172 19.89 -11.06 -31.03
N ASN E 173 19.60 -12.28 -30.62
CA ASN E 173 19.21 -13.35 -31.53
C ASN E 173 17.85 -13.92 -31.11
N PHE E 174 16.84 -13.65 -31.93
CA PHE E 174 15.49 -14.17 -31.68
C PHE E 174 15.29 -15.48 -32.44
N LEU E 175 14.85 -16.49 -31.70
CA LEU E 175 14.64 -17.84 -32.22
C LEU E 175 13.20 -18.27 -32.00
N THR E 176 12.63 -18.89 -33.03
CA THR E 176 11.33 -19.57 -32.91
C THR E 176 11.51 -20.85 -32.05
N ALA E 177 10.40 -21.42 -31.59
CA ALA E 177 10.42 -22.69 -30.82
C ALA E 177 11.14 -23.82 -31.54
N GLU E 178 10.85 -23.98 -32.85
CA GLU E 178 11.51 -24.97 -33.70
C GLU E 178 13.01 -24.68 -33.87
N GLU E 179 13.36 -23.40 -33.98
CA GLU E 179 14.76 -22.95 -34.05
C GLU E 179 15.52 -23.22 -32.75
N ALA E 180 14.83 -23.05 -31.62
CA ALA E 180 15.37 -23.38 -30.30
C ALA E 180 15.64 -24.88 -30.15
N LYS E 181 14.79 -25.71 -30.75
CA LYS E 181 14.94 -27.17 -30.76
C LYS E 181 16.16 -27.62 -31.57
N GLU E 182 16.31 -27.09 -32.78
CA GLU E 182 17.47 -27.35 -33.65
C GLU E 182 18.78 -26.92 -33.00
N TYR E 183 18.74 -25.80 -32.26
CA TYR E 183 19.90 -25.29 -31.54
C TYR E 183 20.31 -26.14 -30.36
N GLY E 184 19.34 -26.80 -29.74
CA GLY E 184 19.57 -27.61 -28.54
C GLY E 184 19.32 -26.88 -27.23
N LEU E 185 18.65 -25.72 -27.32
CA LEU E 185 18.20 -24.98 -26.13
C LEU E 185 17.03 -25.71 -25.45
N ILE E 186 16.11 -26.23 -26.28
CA ILE E 186 15.02 -27.09 -25.83
C ILE E 186 15.15 -28.47 -26.48
N ASP E 187 14.39 -29.44 -25.97
CA ASP E 187 14.35 -30.79 -26.52
C ASP E 187 13.16 -31.03 -27.43
N GLU E 188 12.03 -30.40 -27.10
CA GLU E 188 10.76 -30.68 -27.78
C GLU E 188 9.89 -29.44 -27.91
N VAL E 189 9.20 -29.32 -29.04
CA VAL E 189 8.11 -28.34 -29.19
C VAL E 189 6.84 -29.04 -28.70
N MET E 190 6.20 -28.46 -27.69
CA MET E 190 5.00 -29.03 -27.08
C MET E 190 3.81 -28.96 -28.03
N VAL E 191 3.37 -30.15 -28.46
CA VAL E 191 2.27 -30.31 -29.40
C VAL E 191 0.93 -30.17 -28.65
N PRO E 192 -0.06 -29.47 -29.25
CA PRO E 192 -1.44 -29.54 -28.76
C PRO E 192 -1.89 -31.00 -28.62
N GLU E 193 -2.27 -31.36 -27.39
CA GLU E 193 -2.36 -32.74 -26.88
C GLU E 193 -2.86 -33.82 -27.84
N LEU F 3 3.69 -11.44 -3.07
CA LEU F 3 4.58 -11.97 -4.09
C LEU F 3 5.26 -13.26 -3.60
N ILE F 4 5.05 -13.58 -2.35
CA ILE F 4 5.63 -14.77 -1.75
C ILE F 4 4.63 -15.89 -1.67
N PRO F 5 5.01 -17.07 -2.16
CA PRO F 5 4.14 -18.23 -2.17
C PRO F 5 3.86 -18.77 -0.81
N THR F 6 2.72 -19.43 -0.68
CA THR F 6 2.23 -19.99 0.56
C THR F 6 2.24 -21.50 0.52
N VAL F 7 2.71 -22.13 1.59
CA VAL F 7 2.76 -23.58 1.64
C VAL F 7 1.97 -24.12 2.83
N ILE F 8 1.36 -25.28 2.65
CA ILE F 8 0.59 -25.90 3.70
C ILE F 8 1.35 -27.06 4.28
N GLU F 9 1.42 -27.11 5.61
CA GLU F 9 2.16 -28.14 6.35
C GLU F 9 1.34 -29.01 7.26
N THR F 10 1.68 -30.29 7.32
CA THR F 10 0.92 -31.24 8.11
C THR F 10 1.71 -32.07 9.14
N THR F 11 1.18 -32.15 10.37
CA THR F 11 1.78 -32.86 11.51
C THR F 11 0.75 -33.39 12.50
N ASN F 12 1.17 -33.55 13.76
CA ASN F 12 0.33 -33.89 14.92
C ASN F 12 -0.67 -32.75 15.19
N ARG F 13 -0.18 -31.53 14.97
CA ARG F 13 -0.90 -30.30 15.17
C ARG F 13 -1.75 -29.89 14.00
N GLY F 14 -1.84 -30.71 12.96
CA GLY F 14 -2.69 -30.38 11.85
C GLY F 14 -2.16 -29.65 10.65
N GLU F 15 -3.05 -28.86 10.07
CA GLU F 15 -2.79 -28.08 8.88
C GLU F 15 -2.40 -26.66 9.21
N ARG F 16 -1.25 -26.26 8.72
CA ARG F 16 -0.75 -24.92 8.94
C ARG F 16 -0.27 -24.31 7.65
N ALA F 17 -0.65 -23.05 7.43
CA ALA F 17 -0.26 -22.33 6.25
C ALA F 17 0.92 -21.43 6.54
N TYR F 18 1.92 -21.49 5.69
CA TYR F 18 3.11 -20.71 5.88
C TYR F 18 3.53 -19.96 4.68
N ASP F 19 4.15 -18.82 4.88
CA ASP F 19 4.83 -18.17 3.77
C ASP F 19 6.13 -18.98 3.63
N ILE F 20 6.64 -19.04 2.44
CA ILE F 20 7.79 -19.94 2.20
C ILE F 20 9.02 -19.66 3.08
N TYR F 21 9.31 -18.40 3.38
CA TYR F 21 10.46 -18.05 4.22
C TYR F 21 10.25 -18.43 5.69
N SER F 22 9.04 -18.21 6.20
CA SER F 22 8.64 -18.67 7.54
C SER F 22 8.70 -20.20 7.68
N ARG F 23 8.39 -20.90 6.60
CA ARG F 23 8.48 -22.37 6.52
C ARG F 23 9.92 -22.86 6.63
N LEU F 24 10.82 -22.19 5.95
CA LEU F 24 12.24 -22.49 5.99
C LEU F 24 12.81 -22.23 7.39
N LEU F 25 12.35 -21.18 8.03
CA LEU F 25 12.76 -20.80 9.40
C LEU F 25 12.41 -21.86 10.46
N LYS F 26 11.29 -22.56 10.25
CA LYS F 26 10.88 -23.69 11.09
C LYS F 26 11.92 -24.82 11.11
N ASP F 27 12.64 -24.96 9.98
CA ASP F 27 13.76 -25.90 9.87
C ASP F 27 15.13 -25.23 10.09
N ARG F 28 15.13 -24.10 10.80
CA ARG F 28 16.35 -23.37 11.23
C ARG F 28 17.16 -22.73 10.09
N ILE F 29 16.48 -22.40 8.99
CA ILE F 29 17.09 -21.68 7.87
C ILE F 29 16.70 -20.20 7.91
N ILE F 30 17.71 -19.34 7.86
CA ILE F 30 17.51 -17.90 7.76
C ILE F 30 17.97 -17.44 6.37
N MET F 31 17.10 -16.68 5.69
CA MET F 31 17.42 -16.11 4.38
C MET F 31 17.99 -14.70 4.50
N LEU F 32 19.22 -14.55 4.04
CA LEU F 32 19.86 -13.23 3.90
C LEU F 32 19.93 -12.93 2.40
N GLY F 33 18.79 -12.48 1.85
CA GLY F 33 18.62 -12.35 0.42
C GLY F 33 18.28 -10.97 -0.11
N SER F 34 18.85 -9.94 0.50
CA SER F 34 18.61 -8.55 0.11
C SER F 34 19.80 -7.64 0.47
N GLN F 35 19.67 -6.34 0.17
CA GLN F 35 20.60 -5.31 0.64
C GLN F 35 20.55 -5.24 2.16
N ILE F 36 21.71 -5.09 2.79
CA ILE F 36 21.79 -5.08 4.25
C ILE F 36 21.60 -3.67 4.80
N ASP F 37 20.42 -3.43 5.37
CA ASP F 37 20.14 -2.23 6.17
C ASP F 37 19.75 -2.63 7.60
N ASP F 38 19.33 -1.65 8.40
CA ASP F 38 18.98 -1.91 9.80
C ASP F 38 17.77 -2.83 9.99
N ASN F 39 16.75 -2.67 9.12
CA ASN F 39 15.55 -3.52 9.15
C ASN F 39 15.86 -5.02 8.90
N VAL F 40 16.69 -5.29 7.89
CA VAL F 40 17.12 -6.65 7.53
C VAL F 40 17.93 -7.25 8.68
N ALA F 41 18.92 -6.49 9.17
CA ALA F 41 19.78 -6.88 10.29
C ALA F 41 18.99 -7.26 11.53
N ASN F 42 18.01 -6.43 11.90
CA ASN F 42 17.17 -6.66 13.08
C ASN F 42 16.27 -7.88 12.93
N SER F 43 15.84 -8.17 11.70
CA SER F 43 15.13 -9.41 11.39
C SER F 43 16.05 -10.61 11.62
N ILE F 44 17.24 -10.59 11.00
CA ILE F 44 18.24 -11.66 11.14
C ILE F 44 18.60 -11.88 12.61
N VAL F 45 18.89 -10.80 13.34
CA VAL F 45 19.28 -10.85 14.76
C VAL F 45 18.19 -11.53 15.59
N SER F 46 16.94 -11.11 15.38
CA SER F 46 15.78 -11.68 16.08
C SER F 46 15.58 -13.16 15.74
N GLN F 47 15.80 -13.52 14.49
CA GLN F 47 15.69 -14.92 14.02
C GLN F 47 16.76 -15.80 14.64
N LEU F 48 18.00 -15.30 14.70
CA LEU F 48 19.12 -16.02 15.32
C LEU F 48 18.88 -16.28 16.81
N LEU F 49 18.39 -15.26 17.53
CA LEU F 49 18.11 -15.36 18.96
C LEU F 49 16.93 -16.29 19.28
N PHE F 50 15.91 -16.27 18.42
CA PHE F 50 14.74 -17.17 18.54
C PHE F 50 15.12 -18.65 18.39
N LEU F 51 15.95 -18.95 17.38
CA LEU F 51 16.39 -20.32 17.11
C LEU F 51 17.30 -20.90 18.20
N GLN F 52 18.10 -20.04 18.84
CA GLN F 52 18.90 -20.45 20.00
C GLN F 52 18.01 -20.79 21.19
N ALA F 53 17.00 -19.97 21.42
CA ALA F 53 15.99 -20.21 22.46
C ALA F 53 15.24 -21.53 22.23
N GLN F 54 14.92 -21.82 20.98
CA GLN F 54 14.27 -23.08 20.59
C GLN F 54 15.15 -24.30 20.87
N ASP F 55 16.41 -24.22 20.44
CA ASP F 55 17.41 -25.27 20.63
C ASP F 55 18.80 -24.66 20.53
N SER F 56 19.57 -24.76 21.61
CA SER F 56 20.92 -24.20 21.67
C SER F 56 22.02 -25.14 21.15
N GLU F 57 21.63 -26.36 20.75
CA GLU F 57 22.59 -27.35 20.23
C GLU F 57 22.57 -27.50 18.70
N LYS F 58 21.36 -27.57 18.13
CA LYS F 58 21.15 -27.78 16.69
C LYS F 58 21.73 -26.63 15.86
N ASP F 59 22.29 -26.99 14.70
CA ASP F 59 22.87 -26.01 13.77
C ASP F 59 21.84 -25.06 13.20
N ILE F 60 22.30 -23.84 12.90
CA ILE F 60 21.54 -22.84 12.16
C ILE F 60 22.17 -22.69 10.77
N TYR F 61 21.36 -22.32 9.79
CA TYR F 61 21.79 -22.21 8.39
C TYR F 61 21.43 -20.84 7.83
N LEU F 62 22.45 -20.09 7.42
CA LEU F 62 22.26 -18.77 6.83
C LEU F 62 22.60 -18.79 5.33
N TYR F 63 21.54 -18.66 4.52
CA TYR F 63 21.69 -18.61 3.06
C TYR F 63 21.87 -17.17 2.61
N ILE F 64 22.93 -16.92 1.86
CA ILE F 64 23.36 -15.56 1.53
C ILE F 64 23.32 -15.29 0.02
N ASN F 65 22.45 -14.35 -0.36
CA ASN F 65 22.42 -13.78 -1.70
C ASN F 65 22.25 -12.27 -1.54
N SER F 66 23.38 -11.59 -1.37
CA SER F 66 23.41 -10.21 -0.90
C SER F 66 24.54 -9.37 -1.51
N PRO F 67 24.25 -8.11 -1.90
CA PRO F 67 25.29 -7.18 -2.34
C PRO F 67 25.89 -6.34 -1.19
N GLY F 68 25.62 -6.73 0.05
CA GLY F 68 26.07 -5.99 1.23
C GLY F 68 25.19 -4.80 1.51
N GLY F 69 25.78 -3.73 2.05
CA GLY F 69 25.06 -2.48 2.34
C GLY F 69 25.66 -1.70 3.49
N SER F 70 24.98 -1.72 4.64
CA SER F 70 25.43 -1.03 5.85
C SER F 70 26.39 -1.90 6.65
N VAL F 71 27.53 -1.31 7.05
CA VAL F 71 28.57 -1.99 7.81
C VAL F 71 28.12 -2.29 9.25
N THR F 72 27.54 -1.29 9.92
CA THR F 72 27.05 -1.44 11.30
C THR F 72 25.92 -2.49 11.39
N ALA F 73 25.03 -2.50 10.40
CA ALA F 73 23.97 -3.51 10.27
C ALA F 73 24.53 -4.92 10.15
N GLY F 74 25.55 -5.08 9.30
CA GLY F 74 26.25 -6.36 9.12
C GLY F 74 26.90 -6.85 10.40
N PHE F 75 27.50 -5.92 11.16
CA PHE F 75 28.14 -6.23 12.43
C PHE F 75 27.19 -6.65 13.54
N ALA F 76 25.96 -6.13 13.50
CA ALA F 76 24.87 -6.58 14.38
C ALA F 76 24.58 -8.06 14.14
N ILE F 77 24.59 -8.48 12.87
CA ILE F 77 24.42 -9.89 12.49
C ILE F 77 25.66 -10.68 12.90
N TYR F 78 26.84 -10.16 12.57
CA TYR F 78 28.12 -10.79 12.86
C TYR F 78 28.25 -11.16 14.34
N ASP F 79 28.07 -10.16 15.22
CA ASP F 79 28.23 -10.34 16.65
C ASP F 79 27.21 -11.31 17.24
N THR F 80 26.01 -11.34 16.65
CA THR F 80 24.95 -12.26 17.07
C THR F 80 25.30 -13.70 16.71
N ILE F 81 25.84 -13.93 15.50
CA ILE F 81 26.37 -15.24 15.08
C ILE F 81 27.39 -15.77 16.10
N GLN F 82 28.37 -14.93 16.43
CA GLN F 82 29.46 -15.32 17.33
C GLN F 82 28.99 -15.57 18.76
N HIS F 83 28.04 -14.75 19.23
CA HIS F 83 27.53 -14.81 20.60
C HIS F 83 26.77 -16.10 20.93
N ILE F 84 25.84 -16.49 20.05
CA ILE F 84 24.99 -17.66 20.28
C ILE F 84 25.78 -18.98 20.22
N LYS F 85 25.31 -19.96 20.98
CA LYS F 85 25.96 -21.27 21.12
C LYS F 85 25.98 -22.14 19.85
N PRO F 86 24.84 -22.23 19.10
CA PRO F 86 24.84 -23.12 17.92
C PRO F 86 25.84 -22.70 16.84
N ASP F 87 26.36 -23.69 16.11
CA ASP F 87 27.11 -23.45 14.88
C ASP F 87 26.18 -22.84 13.83
N VAL F 88 26.64 -21.75 13.21
CA VAL F 88 25.90 -21.07 12.14
C VAL F 88 26.62 -21.35 10.82
N GLN F 89 26.01 -22.23 10.01
CA GLN F 89 26.54 -22.56 8.69
C GLN F 89 26.17 -21.46 7.71
N THR F 90 27.05 -21.19 6.75
CA THR F 90 26.79 -20.19 5.71
C THR F 90 26.91 -20.78 4.32
N ILE F 91 25.96 -20.42 3.46
CA ILE F 91 25.91 -20.91 2.08
C ILE F 91 25.70 -19.71 1.15
N CYS F 92 26.66 -19.48 0.27
CA CYS F 92 26.55 -18.45 -0.76
C CYS F 92 25.86 -18.98 -2.00
N ILE F 93 24.67 -18.43 -2.28
CA ILE F 93 23.94 -18.70 -3.51
C ILE F 93 23.90 -17.45 -4.38
N GLY F 94 24.32 -17.57 -5.64
CA GLY F 94 24.33 -16.45 -6.57
C GLY F 94 25.45 -15.44 -6.35
N MET F 95 25.30 -14.60 -5.33
CA MET F 95 26.28 -13.54 -5.01
C MET F 95 26.34 -13.21 -3.53
N ALA F 96 27.55 -13.21 -2.98
CA ALA F 96 27.84 -12.57 -1.70
C ALA F 96 28.90 -11.50 -1.93
N ALA F 97 28.46 -10.24 -1.94
CA ALA F 97 29.34 -9.11 -2.16
C ALA F 97 29.41 -8.24 -0.92
N SER F 98 30.58 -7.65 -0.69
CA SER F 98 30.83 -6.66 0.37
C SER F 98 30.62 -7.24 1.78
N MET F 99 29.67 -6.69 2.54
CA MET F 99 29.31 -7.21 3.87
C MET F 99 28.66 -8.59 3.79
N GLY F 100 28.04 -8.89 2.64
CA GLY F 100 27.55 -10.23 2.32
C GLY F 100 28.64 -11.29 2.34
N SER F 101 29.80 -10.96 1.76
CA SER F 101 30.97 -11.85 1.76
C SER F 101 31.63 -11.93 3.14
N PHE F 102 31.64 -10.80 3.87
CA PHE F 102 32.12 -10.75 5.26
C PHE F 102 31.34 -11.71 6.15
N LEU F 103 30.02 -11.71 6.00
CA LEU F 103 29.12 -12.56 6.78
C LEU F 103 29.19 -14.03 6.36
N LEU F 104 29.53 -14.27 5.08
CA LEU F 104 29.79 -15.61 4.57
C LEU F 104 31.02 -16.23 5.25
N ALA F 105 32.08 -15.43 5.37
CA ALA F 105 33.30 -15.81 6.08
C ALA F 105 33.11 -15.91 7.60
N ALA F 106 32.00 -15.36 8.09
CA ALA F 106 31.68 -15.31 9.52
C ALA F 106 31.10 -16.62 10.08
N GLY F 107 30.63 -17.49 9.18
CA GLY F 107 30.06 -18.79 9.56
C GLY F 107 31.05 -19.72 10.24
N ALA F 108 30.53 -20.71 10.97
CA ALA F 108 31.36 -21.66 11.73
C ALA F 108 32.36 -22.39 10.83
N LYS F 109 33.62 -22.43 11.28
CA LYS F 109 34.74 -23.00 10.52
C LYS F 109 34.51 -24.46 10.18
N GLY F 110 34.67 -24.78 8.89
CA GLY F 110 34.36 -26.12 8.36
C GLY F 110 32.98 -26.22 7.74
N LYS F 111 32.14 -25.21 8.00
CA LYS F 111 30.73 -25.22 7.59
C LYS F 111 30.32 -24.00 6.74
N ARG F 112 31.30 -23.43 6.02
CA ARG F 112 31.06 -22.34 5.08
C ARG F 112 31.12 -22.86 3.64
N PHE F 113 30.04 -22.60 2.90
CA PHE F 113 29.85 -23.16 1.57
C PHE F 113 29.56 -22.09 0.52
N ALA F 114 29.82 -22.42 -0.75
CA ALA F 114 29.30 -21.67 -1.90
C ALA F 114 28.97 -22.64 -3.02
N LEU F 115 27.92 -22.34 -3.77
CA LEU F 115 27.53 -23.15 -4.91
C LEU F 115 28.45 -22.86 -6.11
N PRO F 116 28.70 -23.87 -6.99
CA PRO F 116 29.81 -23.81 -7.96
C PRO F 116 29.91 -22.55 -8.82
N ASN F 117 28.77 -21.91 -9.09
CA ASN F 117 28.72 -20.73 -9.95
C ASN F 117 28.44 -19.43 -9.19
N ALA F 118 28.41 -19.51 -7.86
CA ALA F 118 28.20 -18.34 -7.01
C ALA F 118 29.41 -17.40 -7.04
N GLU F 119 29.12 -16.10 -7.10
CA GLU F 119 30.15 -15.06 -7.09
C GLU F 119 30.40 -14.54 -5.68
N VAL F 120 31.67 -14.24 -5.40
CA VAL F 120 32.08 -13.63 -4.13
C VAL F 120 32.88 -12.36 -4.44
N MET F 121 32.47 -11.23 -3.87
CA MET F 121 33.18 -9.96 -4.06
C MET F 121 33.64 -9.37 -2.72
N ILE F 122 34.91 -8.97 -2.68
CA ILE F 122 35.50 -8.30 -1.52
C ILE F 122 35.98 -6.89 -1.86
N HIS F 123 35.71 -5.95 -0.96
CA HIS F 123 36.07 -4.55 -1.15
C HIS F 123 36.36 -3.82 0.18
N GLN F 124 36.82 -2.58 0.07
CA GLN F 124 36.95 -1.67 1.21
C GLN F 124 35.62 -0.93 1.45
N PRO F 125 35.33 -0.52 2.71
CA PRO F 125 34.07 0.19 2.99
C PRO F 125 33.92 1.52 2.27
N LEU F 126 32.66 1.91 2.05
CA LEU F 126 32.34 3.12 1.31
C LEU F 126 31.64 4.14 2.19
N GLY F 127 31.94 5.41 1.95
CA GLY F 127 31.35 6.51 2.72
C GLY F 127 31.43 7.86 2.03
N GLY F 128 31.21 8.89 2.83
CA GLY F 128 31.22 10.26 2.35
C GLY F 128 31.33 11.28 3.47
N ALA F 129 31.81 12.47 3.12
CA ALA F 129 31.90 13.59 4.04
C ALA F 129 31.78 14.91 3.28
N GLN F 130 30.99 15.83 3.82
CA GLN F 130 30.86 17.18 3.27
C GLN F 130 30.87 18.20 4.40
N GLY F 131 31.69 19.23 4.25
CA GLY F 131 31.77 20.33 5.20
C GLY F 131 33.19 20.78 5.53
N GLN F 132 33.40 21.16 6.79
CA GLN F 132 34.68 21.69 7.28
C GLN F 132 35.80 20.64 7.24
N ALA F 133 37.05 21.11 7.19
CA ALA F 133 38.24 20.26 7.19
C ALA F 133 38.30 19.31 8.39
N THR F 134 37.91 19.81 9.57
CA THR F 134 37.82 19.03 10.81
C THR F 134 36.74 17.92 10.72
N GLU F 135 35.60 18.26 10.12
CA GLU F 135 34.50 17.29 9.90
C GLU F 135 34.91 16.14 8.97
N ILE F 136 35.67 16.50 7.92
CA ILE F 136 36.17 15.55 6.92
C ILE F 136 37.24 14.63 7.54
N GLU F 137 38.10 15.21 8.38
CA GLU F 137 39.14 14.48 9.12
C GLU F 137 38.53 13.37 10.00
N ILE F 138 37.51 13.73 10.77
CA ILE F 138 36.81 12.81 11.68
C ILE F 138 36.16 11.64 10.93
N ALA F 139 35.48 11.97 9.82
CA ALA F 139 34.82 10.97 8.97
C ALA F 139 35.84 10.05 8.30
N ALA F 140 36.95 10.62 7.84
CA ALA F 140 38.07 9.86 7.28
C ALA F 140 38.64 8.90 8.30
N ASN F 141 38.88 9.40 9.51
CA ASN F 141 39.42 8.60 10.60
C ASN F 141 38.50 7.45 11.03
N HIS F 142 37.19 7.72 11.02
CA HIS F 142 36.18 6.71 11.35
C HIS F 142 36.16 5.56 10.34
N ILE F 143 36.07 5.90 9.05
CA ILE F 143 36.02 4.88 7.99
C ILE F 143 37.34 4.11 7.82
N LEU F 144 38.46 4.74 8.19
CA LEU F 144 39.75 4.07 8.18
C LEU F 144 39.84 3.04 9.32
N LYS F 145 39.36 3.43 10.50
CA LYS F 145 39.30 2.53 11.66
C LYS F 145 38.27 1.42 11.49
N THR F 146 37.15 1.74 10.83
CA THR F 146 36.16 0.73 10.43
C THR F 146 36.81 -0.30 9.49
N ARG F 147 37.59 0.17 8.51
CA ARG F 147 38.34 -0.71 7.60
C ARG F 147 39.37 -1.60 8.32
N GLU F 148 40.09 -1.02 9.29
CA GLU F 148 41.03 -1.78 10.14
C GLU F 148 40.35 -2.94 10.85
N LYS F 149 39.17 -2.68 11.41
CA LYS F 149 38.34 -3.67 12.11
C LYS F 149 37.89 -4.80 11.18
N LEU F 150 37.47 -4.43 9.97
CA LEU F 150 37.05 -5.41 8.96
C LEU F 150 38.19 -6.31 8.50
N ASN F 151 39.35 -5.70 8.24
CA ASN F 151 40.55 -6.42 7.81
C ASN F 151 41.10 -7.34 8.90
N ARG F 152 41.06 -6.88 10.14
CA ARG F 152 41.51 -7.65 11.31
C ARG F 152 40.69 -8.92 11.51
N ILE F 153 39.36 -8.78 11.41
CA ILE F 153 38.44 -9.91 11.55
C ILE F 153 38.56 -10.86 10.36
N LEU F 154 38.54 -10.33 9.14
CA LEU F 154 38.75 -11.12 7.91
C LEU F 154 40.05 -11.92 7.90
N SER F 155 41.09 -11.38 8.55
CA SER F 155 42.38 -12.07 8.73
C SER F 155 42.22 -13.37 9.52
N GLU F 156 41.51 -13.29 10.65
CA GLU F 156 41.22 -14.43 11.53
C GLU F 156 40.42 -15.53 10.82
N ARG F 157 39.36 -15.12 10.11
CA ARG F 157 38.43 -16.06 9.47
C ARG F 157 38.98 -16.75 8.22
N THR F 158 39.93 -16.10 7.54
CA THR F 158 40.45 -16.62 6.26
C THR F 158 41.84 -17.27 6.37
N GLY F 159 42.65 -16.77 7.29
CA GLY F 159 44.04 -17.23 7.44
C GLY F 159 45.02 -16.44 6.57
N GLN F 160 44.56 -15.30 6.06
CA GLN F 160 45.38 -14.36 5.29
C GLN F 160 45.87 -13.26 6.22
N SER F 161 46.96 -12.59 5.84
CA SER F 161 47.46 -11.43 6.58
C SER F 161 46.59 -10.19 6.35
N ILE F 162 46.63 -9.26 7.31
CA ILE F 162 45.98 -7.95 7.21
C ILE F 162 46.52 -7.19 5.99
N GLU F 163 47.83 -7.32 5.74
CA GLU F 163 48.52 -6.72 4.60
C GLU F 163 47.99 -7.20 3.24
N LYS F 164 47.79 -8.51 3.11
CA LYS F 164 47.24 -9.10 1.88
C LYS F 164 45.79 -8.67 1.66
N ILE F 165 45.00 -8.69 2.73
CA ILE F 165 43.59 -8.28 2.70
C ILE F 165 43.46 -6.80 2.31
N GLN F 166 44.28 -5.95 2.92
CA GLN F 166 44.36 -4.51 2.57
C GLN F 166 44.61 -4.31 1.07
N LYS F 167 45.60 -5.03 0.53
CA LYS F 167 45.99 -4.96 -0.88
C LYS F 167 44.90 -5.49 -1.83
N ASP F 168 44.32 -6.63 -1.48
CA ASP F 168 43.29 -7.27 -2.30
C ASP F 168 41.94 -6.54 -2.27
N THR F 169 41.68 -5.78 -1.20
CA THR F 169 40.41 -5.04 -1.04
C THR F 169 40.46 -3.57 -1.46
N ASP F 170 41.65 -3.11 -1.90
CA ASP F 170 41.87 -1.74 -2.38
C ASP F 170 40.91 -1.37 -3.52
N ARG F 171 40.70 -2.33 -4.41
CA ARG F 171 39.71 -2.24 -5.50
C ARG F 171 38.73 -3.39 -5.36
N ASP F 172 37.58 -3.30 -6.04
CA ASP F 172 36.59 -4.39 -6.06
C ASP F 172 37.22 -5.66 -6.62
N ASN F 173 37.17 -6.73 -5.82
CA ASN F 173 37.81 -7.99 -6.17
C ASN F 173 36.77 -9.10 -6.24
N PHE F 174 36.50 -9.55 -7.48
CA PHE F 174 35.54 -10.61 -7.76
C PHE F 174 36.24 -11.96 -7.76
N LEU F 175 35.59 -12.95 -7.15
CA LEU F 175 36.11 -14.30 -7.01
C LEU F 175 35.07 -15.33 -7.42
N THR F 176 35.55 -16.43 -8.00
CA THR F 176 34.74 -17.64 -8.18
C THR F 176 34.59 -18.36 -6.84
N ALA F 177 33.74 -19.39 -6.81
CA ALA F 177 33.57 -20.26 -5.63
C ALA F 177 34.89 -20.93 -5.25
N GLU F 178 35.59 -21.49 -6.25
CA GLU F 178 36.90 -22.10 -6.05
C GLU F 178 37.94 -21.12 -5.49
N GLU F 179 38.00 -19.92 -6.07
CA GLU F 179 38.90 -18.86 -5.61
C GLU F 179 38.58 -18.39 -4.19
N ALA F 180 37.30 -18.42 -3.82
CA ALA F 180 36.83 -18.10 -2.46
C ALA F 180 37.27 -19.17 -1.44
N LYS F 181 37.30 -20.42 -1.89
CA LYS F 181 37.77 -21.55 -1.08
C LYS F 181 39.29 -21.49 -0.86
N GLU F 182 40.03 -21.19 -1.93
CA GLU F 182 41.48 -21.00 -1.90
C GLU F 182 41.86 -19.82 -0.99
N TYR F 183 40.99 -18.81 -0.94
CA TYR F 183 41.20 -17.61 -0.13
C TYR F 183 40.91 -17.81 1.37
N GLY F 184 40.04 -18.76 1.70
CA GLY F 184 39.63 -19.01 3.09
C GLY F 184 38.32 -18.34 3.50
N LEU F 185 37.64 -17.74 2.53
CA LEU F 185 36.32 -17.14 2.75
C LEU F 185 35.25 -18.21 2.96
N ILE F 186 35.39 -19.32 2.23
CA ILE F 186 34.57 -20.53 2.41
C ILE F 186 35.48 -21.75 2.60
N ASP F 187 34.90 -22.84 3.11
CA ASP F 187 35.63 -24.10 3.31
C ASP F 187 35.42 -25.07 2.16
N GLU F 188 34.23 -25.05 1.56
CA GLU F 188 33.83 -26.06 0.60
C GLU F 188 33.02 -25.46 -0.54
N VAL F 189 33.25 -25.96 -1.75
CA VAL F 189 32.36 -25.74 -2.88
C VAL F 189 31.34 -26.89 -2.85
N MET F 190 30.05 -26.53 -2.83
CA MET F 190 28.97 -27.53 -2.70
C MET F 190 28.70 -28.29 -3.99
N VAL F 191 29.02 -29.58 -3.97
CA VAL F 191 28.92 -30.48 -5.13
C VAL F 191 27.48 -30.95 -5.33
N PRO F 192 26.93 -30.78 -6.57
CA PRO F 192 25.54 -31.16 -6.92
C PRO F 192 25.20 -32.64 -6.81
N GLU F 193 23.90 -32.95 -6.79
CA GLU F 193 23.38 -34.31 -6.87
C GLU F 193 22.81 -34.56 -8.27
N LEU G 3 8.61 -8.95 4.41
CA LEU G 3 9.96 -9.48 4.76
C LEU G 3 10.05 -9.94 6.22
N ILE G 4 9.01 -9.64 7.01
CA ILE G 4 8.94 -9.94 8.45
C ILE G 4 8.45 -11.39 8.72
N PRO G 5 9.35 -12.26 9.26
CA PRO G 5 9.03 -13.68 9.38
C PRO G 5 8.05 -14.03 10.51
N THR G 6 7.34 -15.13 10.32
CA THR G 6 6.36 -15.67 11.28
C THR G 6 6.92 -16.92 11.97
N VAL G 7 6.69 -17.02 13.27
CA VAL G 7 7.11 -18.18 14.08
C VAL G 7 5.95 -18.85 14.82
N ILE G 8 6.11 -20.15 15.11
CA ILE G 8 5.08 -20.96 15.78
C ILE G 8 5.61 -21.50 17.11
N GLU G 9 4.79 -21.34 18.17
CA GLU G 9 5.13 -21.79 19.53
C GLU G 9 4.34 -23.04 19.96
N THR G 10 4.99 -23.88 20.76
CA THR G 10 4.38 -25.10 21.33
C THR G 10 4.36 -25.01 22.86
N THR G 11 3.18 -24.72 23.42
CA THR G 11 3.00 -24.61 24.88
C THR G 11 1.81 -25.44 25.36
N GLY G 14 -2.77 -24.92 23.35
CA GLY G 14 -2.72 -24.99 21.89
C GLY G 14 -1.47 -24.40 21.29
N GLU G 15 -1.60 -23.85 20.08
CA GLU G 15 -0.50 -23.23 19.34
C GLU G 15 -0.85 -21.81 18.88
N ARG G 16 0.17 -20.96 18.76
CA ARG G 16 -0.02 -19.58 18.31
C ARG G 16 1.06 -19.08 17.35
N ALA G 17 0.64 -18.25 16.40
CA ALA G 17 1.52 -17.64 15.41
C ALA G 17 1.90 -16.22 15.82
N TYR G 18 3.20 -15.93 15.75
CA TYR G 18 3.74 -14.61 16.10
C TYR G 18 4.62 -14.10 14.98
N ASP G 19 4.56 -12.79 14.72
CA ASP G 19 5.67 -12.13 14.03
C ASP G 19 6.85 -12.09 15.02
N ILE G 20 8.07 -12.11 14.49
CA ILE G 20 9.27 -12.25 15.32
C ILE G 20 9.38 -11.21 16.46
N TYR G 21 9.06 -9.95 16.16
CA TYR G 21 9.17 -8.88 17.16
C TYR G 21 8.16 -8.99 18.28
N SER G 22 6.93 -9.40 17.96
CA SER G 22 5.90 -9.69 18.97
C SER G 22 6.28 -10.88 19.85
N ARG G 23 6.93 -11.88 19.25
CA ARG G 23 7.45 -13.04 19.98
C ARG G 23 8.51 -12.64 21.02
N LEU G 24 9.42 -11.75 20.66
CA LEU G 24 10.40 -11.27 21.61
C LEU G 24 9.74 -10.46 22.74
N LEU G 25 8.77 -9.64 22.39
CA LEU G 25 8.03 -8.85 23.38
C LEU G 25 7.36 -9.70 24.45
N LYS G 26 6.96 -10.92 24.08
CA LYS G 26 6.43 -11.94 24.99
C LYS G 26 7.41 -12.27 26.13
N ASP G 27 8.72 -12.24 25.83
CA ASP G 27 9.79 -12.46 26.80
C ASP G 27 10.39 -11.14 27.35
N ARG G 28 9.61 -10.06 27.23
CA ARG G 28 9.95 -8.71 27.75
C ARG G 28 11.14 -8.01 27.05
N ILE G 29 11.34 -8.34 25.77
CA ILE G 29 12.32 -7.67 24.92
C ILE G 29 11.63 -6.62 24.05
N ILE G 30 12.11 -5.38 24.11
CA ILE G 30 11.68 -4.32 23.22
C ILE G 30 12.77 -4.05 22.19
N MET G 31 12.38 -3.95 20.92
CA MET G 31 13.30 -3.62 19.84
C MET G 31 13.20 -2.14 19.48
N LEU G 32 14.33 -1.43 19.62
CA LEU G 32 14.49 -0.09 19.10
C LEU G 32 15.51 -0.16 17.97
N GLY G 33 15.00 -0.43 16.77
CA GLY G 33 15.84 -0.71 15.61
C GLY G 33 15.64 0.18 14.41
N SER G 34 15.21 1.42 14.65
CA SER G 34 15.00 2.40 13.58
C SER G 34 15.28 3.83 14.06
N GLN G 35 15.20 4.77 13.11
CA GLN G 35 15.26 6.20 13.41
C GLN G 35 14.16 6.55 14.42
N ILE G 36 14.54 7.29 15.46
CA ILE G 36 13.62 7.66 16.54
C ILE G 36 12.76 8.86 16.12
N ASP G 37 11.49 8.59 15.86
CA ASP G 37 10.48 9.62 15.63
C ASP G 37 9.33 9.48 16.63
N ASP G 38 8.25 10.24 16.43
CA ASP G 38 7.07 10.20 17.30
C ASP G 38 6.38 8.83 17.34
N ASN G 39 6.16 8.23 16.17
CA ASN G 39 5.56 6.89 16.04
C ASN G 39 6.35 5.82 16.80
N VAL G 40 7.67 5.83 16.63
CA VAL G 40 8.58 4.90 17.32
C VAL G 40 8.51 5.11 18.83
N ALA G 41 8.62 6.38 19.27
CA ALA G 41 8.58 6.73 20.69
C ALA G 41 7.31 6.27 21.39
N ASN G 42 6.16 6.55 20.78
CA ASN G 42 4.85 6.19 21.33
C ASN G 42 4.63 4.67 21.39
N SER G 43 5.20 3.95 20.41
CA SER G 43 5.23 2.49 20.40
C SER G 43 6.05 1.94 21.59
N ILE G 44 7.30 2.40 21.73
CA ILE G 44 8.19 1.96 22.82
C ILE G 44 7.62 2.27 24.20
N VAL G 45 7.06 3.48 24.37
CA VAL G 45 6.42 3.91 25.63
C VAL G 45 5.27 2.96 26.01
N SER G 46 4.38 2.70 25.04
CA SER G 46 3.26 1.78 25.22
C SER G 46 3.73 0.37 25.60
N GLN G 47 4.81 -0.07 24.95
CA GLN G 47 5.44 -1.36 25.24
C GLN G 47 6.00 -1.44 26.66
N LEU G 48 6.68 -0.37 27.09
CA LEU G 48 7.26 -0.28 28.43
C LEU G 48 6.20 -0.29 29.53
N LEU G 49 5.11 0.45 29.29
CA LEU G 49 3.97 0.50 30.20
C LEU G 49 3.20 -0.81 30.28
N PHE G 50 3.05 -1.50 29.15
CA PHE G 50 2.39 -2.81 29.09
C PHE G 50 3.15 -3.88 29.88
N LEU G 51 4.48 -3.91 29.71
CA LEU G 51 5.32 -4.88 30.40
C LEU G 51 5.34 -4.68 31.92
N GLN G 52 5.29 -3.42 32.37
CA GLN G 52 5.13 -3.13 33.79
C GLN G 52 3.78 -3.61 34.33
N ALA G 53 2.72 -3.38 33.56
CA ALA G 53 1.36 -3.85 33.91
C ALA G 53 1.27 -5.37 34.08
N GLN G 54 2.01 -6.11 33.25
CA GLN G 54 2.14 -7.57 33.35
C GLN G 54 2.91 -8.01 34.60
N ASP G 55 4.05 -7.35 34.85
CA ASP G 55 4.95 -7.69 35.95
C ASP G 55 5.86 -6.49 36.24
N SER G 56 5.74 -5.96 37.46
CA SER G 56 6.51 -4.78 37.90
C SER G 56 7.81 -5.15 38.60
N GLU G 57 8.09 -6.46 38.72
CA GLU G 57 9.30 -6.97 39.38
C GLU G 57 10.36 -7.38 38.36
N LYS G 58 9.92 -8.05 37.30
CA LYS G 58 10.79 -8.63 36.28
C LYS G 58 11.46 -7.57 35.40
N ASP G 59 12.72 -7.84 35.05
CA ASP G 59 13.51 -6.98 34.16
C ASP G 59 12.91 -6.85 32.75
N ILE G 60 13.13 -5.68 32.15
CA ILE G 60 12.79 -5.42 30.74
C ILE G 60 14.12 -5.23 29.99
N TYR G 61 14.13 -5.60 28.70
CA TYR G 61 15.33 -5.60 27.88
C TYR G 61 15.10 -4.78 26.61
N LEU G 62 15.85 -3.69 26.47
CA LEU G 62 15.76 -2.79 25.33
C LEU G 62 16.97 -2.95 24.39
N TYR G 63 16.75 -3.60 23.25
CA TYR G 63 17.81 -3.80 22.25
C TYR G 63 17.86 -2.60 21.31
N ILE G 64 19.07 -2.05 21.15
CA ILE G 64 19.24 -0.78 20.43
C ILE G 64 20.15 -0.89 19.20
N ASN G 65 19.54 -0.66 18.04
CA ASN G 65 20.26 -0.47 16.77
C ASN G 65 19.60 0.72 16.07
N SER G 66 20.05 1.91 16.44
CA SER G 66 19.37 3.16 16.06
C SER G 66 20.35 4.30 15.77
N PRO G 67 20.06 5.13 14.73
CA PRO G 67 20.86 6.33 14.49
C PRO G 67 20.36 7.57 15.27
N GLY G 68 19.38 7.37 16.16
CA GLY G 68 18.75 8.46 16.90
C GLY G 68 17.66 9.11 16.07
N GLY G 69 17.45 10.41 16.28
CA GLY G 69 16.43 11.16 15.54
C GLY G 69 15.90 12.37 16.29
N SER G 70 14.63 12.31 16.68
CA SER G 70 14.00 13.39 17.45
C SER G 70 14.37 13.31 18.93
N VAL G 71 14.83 14.44 19.46
CA VAL G 71 15.28 14.55 20.85
C VAL G 71 14.11 14.42 21.84
N THR G 72 12.97 15.04 21.51
CA THR G 72 11.76 14.96 22.35
C THR G 72 11.16 13.56 22.35
N ALA G 73 11.18 12.90 21.18
CA ALA G 73 10.77 11.50 21.05
C ALA G 73 11.67 10.59 21.89
N GLY G 74 12.98 10.83 21.83
CA GLY G 74 13.96 10.16 22.69
C GLY G 74 13.68 10.36 24.17
N PHE G 75 13.34 11.59 24.55
CA PHE G 75 13.03 11.95 25.94
C PHE G 75 11.74 11.32 26.47
N ALA G 76 10.76 11.12 25.59
CA ALA G 76 9.54 10.38 25.89
C ALA G 76 9.85 8.93 26.30
N ILE G 77 10.79 8.30 25.59
CA ILE G 77 11.29 6.97 25.92
C ILE G 77 12.11 7.00 27.22
N TYR G 78 13.03 7.97 27.32
CA TYR G 78 13.88 8.16 28.49
C TYR G 78 13.07 8.26 29.79
N ASP G 79 12.09 9.17 29.82
CA ASP G 79 11.26 9.42 31.00
C ASP G 79 10.43 8.21 31.41
N THR G 80 9.98 7.41 30.43
CA THR G 80 9.22 6.19 30.69
C THR G 80 10.07 5.08 31.33
N ILE G 81 11.30 4.91 30.84
CA ILE G 81 12.30 4.01 31.44
C ILE G 81 12.48 4.29 32.94
N GLN G 82 12.68 5.57 33.28
CA GLN G 82 12.96 5.98 34.67
C GLN G 82 11.73 5.93 35.59
N HIS G 83 10.55 6.19 35.02
CA HIS G 83 9.30 6.20 35.79
C HIS G 83 8.88 4.81 36.28
N ILE G 84 9.03 3.81 35.41
CA ILE G 84 8.58 2.44 35.70
C ILE G 84 9.47 1.73 36.72
N LYS G 85 8.84 0.84 37.50
CA LYS G 85 9.53 0.04 38.52
C LYS G 85 10.60 -0.95 38.01
N PRO G 86 10.32 -1.71 36.91
CA PRO G 86 11.34 -2.67 36.44
C PRO G 86 12.64 -2.02 35.98
N ASP G 87 13.75 -2.72 36.19
CA ASP G 87 15.03 -2.35 35.61
C ASP G 87 14.97 -2.57 34.10
N VAL G 88 15.39 -1.57 33.35
CA VAL G 88 15.47 -1.66 31.89
C VAL G 88 16.93 -1.84 31.50
N GLN G 89 17.27 -3.06 31.07
CA GLN G 89 18.59 -3.36 30.53
C GLN G 89 18.67 -2.82 29.10
N THR G 90 19.84 -2.27 28.75
CA THR G 90 20.07 -1.78 27.39
C THR G 90 21.23 -2.53 26.74
N ILE G 91 21.03 -2.94 25.49
CA ILE G 91 22.01 -3.72 24.73
C ILE G 91 22.16 -3.09 23.35
N CYS G 92 23.38 -2.64 23.06
CA CYS G 92 23.73 -2.04 21.77
C CYS G 92 24.24 -3.09 20.79
N ILE G 93 23.47 -3.26 19.72
CA ILE G 93 23.85 -4.14 18.61
C ILE G 93 24.03 -3.27 17.36
N GLY G 94 25.15 -3.45 16.67
CA GLY G 94 25.46 -2.66 15.48
C GLY G 94 25.86 -1.21 15.73
N MET G 95 24.87 -0.36 16.04
CA MET G 95 25.09 1.09 16.27
C MET G 95 24.05 1.74 17.19
N ALA G 96 24.54 2.49 18.17
CA ALA G 96 23.72 3.44 18.92
C ALA G 96 24.32 4.84 18.81
N ALA G 97 23.66 5.68 18.02
CA ALA G 97 24.12 7.03 17.71
C ALA G 97 23.10 8.08 18.14
N SER G 98 23.59 9.25 18.53
CA SER G 98 22.76 10.40 18.89
C SER G 98 21.86 10.08 20.08
N MET G 99 20.53 10.15 19.89
CA MET G 99 19.56 9.77 20.92
C MET G 99 19.60 8.27 21.26
N GLY G 100 20.11 7.47 20.32
CA GLY G 100 20.32 6.04 20.52
C GLY G 100 21.37 5.72 21.57
N SER G 101 22.48 6.47 21.55
CA SER G 101 23.53 6.34 22.56
C SER G 101 23.09 6.88 23.92
N PHE G 102 22.28 7.94 23.90
CA PHE G 102 21.72 8.56 25.10
C PHE G 102 20.83 7.58 25.87
N LEU G 103 20.02 6.82 25.11
CA LEU G 103 19.11 5.84 25.67
C LEU G 103 19.83 4.56 26.14
N LEU G 104 20.94 4.25 25.46
CA LEU G 104 21.82 3.16 25.87
C LEU G 104 22.40 3.40 27.26
N ALA G 105 22.85 4.64 27.49
CA ALA G 105 23.37 5.08 28.80
C ALA G 105 22.28 5.24 29.87
N ALA G 106 21.03 5.29 29.44
CA ALA G 106 19.86 5.44 30.32
C ALA G 106 19.37 4.12 30.95
N GLY G 107 19.96 3.00 30.55
CA GLY G 107 19.65 1.69 31.12
C GLY G 107 20.07 1.59 32.59
N ALA G 108 19.46 0.64 33.30
CA ALA G 108 19.74 0.44 34.74
C ALA G 108 21.23 0.18 34.99
N LYS G 109 21.77 0.81 36.03
CA LYS G 109 23.19 0.74 36.37
C LYS G 109 23.65 -0.70 36.61
N GLY G 110 24.76 -1.06 35.99
CA GLY G 110 25.27 -2.44 36.00
C GLY G 110 24.74 -3.30 34.86
N LYS G 111 23.73 -2.79 34.15
CA LYS G 111 22.99 -3.57 33.14
C LYS G 111 22.92 -2.89 31.76
N ARG G 112 24.00 -2.18 31.40
CA ARG G 112 24.12 -1.58 30.07
C ARG G 112 25.26 -2.27 29.33
N PHE G 113 24.93 -2.82 28.17
CA PHE G 113 25.84 -3.65 27.39
C PHE G 113 26.01 -3.17 25.96
N ALA G 114 27.11 -3.61 25.35
CA ALA G 114 27.31 -3.51 23.91
C ALA G 114 28.07 -4.74 23.44
N LEU G 115 27.68 -5.27 22.29
CA LEU G 115 28.39 -6.37 21.65
C LEU G 115 29.77 -5.89 21.16
N PRO G 116 30.76 -6.82 20.99
CA PRO G 116 32.16 -6.43 20.79
C PRO G 116 32.43 -5.46 19.63
N ASN G 117 31.66 -5.60 18.55
CA ASN G 117 31.87 -4.78 17.35
C ASN G 117 30.77 -3.73 17.14
N ALA G 118 29.94 -3.53 18.17
CA ALA G 118 28.92 -2.48 18.15
C ALA G 118 29.59 -1.11 18.25
N GLU G 119 29.02 -0.13 17.56
CA GLU G 119 29.55 1.23 17.56
C GLU G 119 28.65 2.18 18.34
N VAL G 120 29.27 3.06 19.11
CA VAL G 120 28.55 4.08 19.87
C VAL G 120 29.03 5.44 19.38
N MET G 121 28.08 6.28 18.95
CA MET G 121 28.38 7.65 18.56
C MET G 121 27.64 8.66 19.44
N ILE G 122 28.38 9.65 19.93
CA ILE G 122 27.81 10.76 20.70
C ILE G 122 28.06 12.07 19.95
N HIS G 123 27.07 12.97 20.01
CA HIS G 123 27.10 14.23 19.26
C HIS G 123 26.25 15.30 19.94
N GLN G 124 26.39 16.54 19.49
CA GLN G 124 25.48 17.60 19.93
C GLN G 124 24.23 17.62 19.06
N PRO G 125 23.08 18.02 19.64
CA PRO G 125 21.80 18.03 18.90
C PRO G 125 21.77 19.00 17.71
N LEU G 126 20.96 18.66 16.72
CA LEU G 126 20.87 19.40 15.46
C LEU G 126 19.52 20.09 15.31
N GLY G 127 19.51 21.22 14.62
CA GLY G 127 18.28 21.98 14.39
C GLY G 127 18.35 23.01 13.28
N GLY G 128 17.37 23.92 13.29
CA GLY G 128 17.27 24.97 12.28
C GLY G 128 16.43 26.16 12.72
N ALA G 129 16.75 27.32 12.15
CA ALA G 129 16.01 28.57 12.41
C ALA G 129 15.92 29.41 11.15
N GLN G 130 14.72 29.93 10.89
CA GLN G 130 14.46 30.83 9.78
C GLN G 130 13.70 32.05 10.26
N GLY G 131 13.97 33.20 9.65
CA GLY G 131 13.20 34.42 9.89
C GLY G 131 13.94 35.53 10.60
N GLN G 132 13.20 36.24 11.46
CA GLN G 132 13.68 37.42 12.18
C GLN G 132 14.73 37.06 13.24
N ALA G 133 15.55 38.06 13.60
CA ALA G 133 16.60 37.91 14.63
C ALA G 133 16.08 37.34 15.96
N THR G 134 14.96 37.88 16.45
CA THR G 134 14.35 37.42 17.71
C THR G 134 13.83 35.99 17.63
N GLU G 135 13.33 35.60 16.44
CA GLU G 135 12.90 34.22 16.17
C GLU G 135 14.09 33.25 16.17
N ILE G 136 15.21 33.70 15.61
CA ILE G 136 16.47 32.93 15.60
C ILE G 136 17.05 32.85 17.03
N GLU G 137 16.89 33.94 17.80
CA GLU G 137 17.32 34.00 19.21
C GLU G 137 16.59 32.97 20.08
N ILE G 138 15.27 32.87 19.91
CA ILE G 138 14.44 31.90 20.65
C ILE G 138 14.83 30.46 20.28
N ALA G 139 14.94 30.19 18.98
CA ALA G 139 15.34 28.87 18.48
C ALA G 139 16.73 28.44 18.97
N ALA G 140 17.68 29.37 19.00
CA ALA G 140 19.03 29.13 19.51
C ALA G 140 19.06 28.84 21.02
N ASN G 141 18.34 29.65 21.80
CA ASN G 141 18.24 29.48 23.24
C ASN G 141 17.57 28.15 23.63
N HIS G 142 16.55 27.77 22.87
CA HIS G 142 15.84 26.50 23.05
C HIS G 142 16.76 25.28 22.86
N ILE G 143 17.48 25.24 21.73
CA ILE G 143 18.37 24.13 21.41
C ILE G 143 19.60 24.05 22.33
N LEU G 144 20.09 25.21 22.79
CA LEU G 144 21.19 25.28 23.75
C LEU G 144 20.78 24.74 25.12
N LYS G 145 19.56 25.05 25.54
CA LYS G 145 19.00 24.55 26.81
C LYS G 145 18.71 23.05 26.72
N THR G 146 18.27 22.60 25.55
CA THR G 146 18.07 21.18 25.24
C THR G 146 19.41 20.42 25.36
N ARG G 147 20.48 21.02 24.85
CA ARG G 147 21.83 20.45 24.96
C ARG G 147 22.32 20.38 26.42
N GLU G 148 22.09 21.46 27.18
CA GLU G 148 22.40 21.52 28.61
C GLU G 148 21.73 20.37 29.36
N LYS G 149 20.43 20.18 29.09
CA LYS G 149 19.61 19.09 29.64
C LYS G 149 20.19 17.71 29.31
N LEU G 150 20.63 17.53 28.05
CA LEU G 150 21.27 16.29 27.60
C LEU G 150 22.61 16.05 28.28
N ASN G 151 23.44 17.10 28.33
CA ASN G 151 24.78 17.03 28.91
C ASN G 151 24.75 16.74 30.42
N ARG G 152 23.80 17.36 31.12
CA ARG G 152 23.59 17.13 32.55
C ARG G 152 23.26 15.66 32.86
N ILE G 153 22.29 15.11 32.14
CA ILE G 153 21.84 13.72 32.33
C ILE G 153 22.96 12.73 31.98
N LEU G 154 23.61 12.94 30.83
CA LEU G 154 24.77 12.14 30.43
C LEU G 154 25.92 12.17 31.44
N SER G 155 26.17 13.36 32.01
CA SER G 155 27.17 13.54 33.08
C SER G 155 26.88 12.64 34.27
N GLU G 156 25.63 12.70 34.75
CA GLU G 156 25.13 11.89 35.85
C GLU G 156 25.18 10.38 35.60
N ARG G 157 24.97 9.98 34.34
CA ARG G 157 24.93 8.57 33.97
C ARG G 157 26.31 7.97 33.67
N THR G 158 27.24 8.79 33.16
CA THR G 158 28.60 8.34 32.80
C THR G 158 29.61 8.51 33.93
N GLY G 159 29.39 9.54 34.75
CA GLY G 159 30.35 9.94 35.78
C GLY G 159 31.29 11.03 35.30
N GLN G 160 31.22 11.36 34.01
CA GLN G 160 32.06 12.39 33.41
C GLN G 160 31.51 13.78 33.71
N SER G 161 32.38 14.78 33.75
CA SER G 161 31.97 16.17 33.97
C SER G 161 31.19 16.74 32.77
N ILE G 162 30.36 17.74 33.05
CA ILE G 162 29.52 18.40 32.02
C ILE G 162 30.37 18.99 30.88
N GLU G 163 31.48 19.62 31.24
CA GLU G 163 32.41 20.23 30.27
C GLU G 163 33.17 19.22 29.40
N LYS G 164 33.53 18.08 29.97
CA LYS G 164 34.16 16.97 29.21
C LYS G 164 33.18 16.45 28.15
N ILE G 165 31.91 16.31 28.54
CA ILE G 165 30.86 15.89 27.61
C ILE G 165 30.60 16.97 26.55
N GLN G 166 30.58 18.24 26.97
CA GLN G 166 30.52 19.39 26.04
C GLN G 166 31.66 19.34 25.00
N LYS G 167 32.86 19.01 25.46
CA LYS G 167 34.04 18.89 24.60
C LYS G 167 33.98 17.66 23.67
N ASP G 168 33.56 16.52 24.22
CA ASP G 168 33.53 15.25 23.46
C ASP G 168 32.33 15.10 22.51
N THR G 169 31.31 15.94 22.67
CA THR G 169 30.14 15.93 21.78
C THR G 169 30.10 17.11 20.81
N ASP G 170 31.03 18.04 20.95
CA ASP G 170 31.15 19.22 20.08
C ASP G 170 31.21 18.82 18.59
N ARG G 171 32.03 17.80 18.30
CA ARG G 171 32.05 17.16 17.00
C ARG G 171 31.57 15.71 17.17
N ASP G 172 31.21 15.06 16.06
CA ASP G 172 30.84 13.64 16.08
C ASP G 172 31.97 12.81 16.68
N ASN G 173 31.63 11.99 17.67
CA ASN G 173 32.59 11.17 18.39
C ASN G 173 32.18 9.70 18.28
N PHE G 174 33.02 8.92 17.59
CA PHE G 174 32.79 7.49 17.40
C PHE G 174 33.63 6.70 18.39
N LEU G 175 32.98 5.83 19.15
CA LEU G 175 33.65 5.02 20.17
C LEU G 175 33.40 3.53 19.93
N THR G 176 34.43 2.74 20.19
CA THR G 176 34.29 1.27 20.21
C THR G 176 33.52 0.86 21.47
N ALA G 177 33.14 -0.42 21.55
CA ALA G 177 32.45 -0.95 22.73
C ALA G 177 33.28 -0.80 24.01
N GLU G 178 34.57 -1.09 23.91
CA GLU G 178 35.52 -0.94 25.02
C GLU G 178 35.66 0.53 25.46
N GLU G 179 35.76 1.43 24.48
CA GLU G 179 35.84 2.87 24.74
C GLU G 179 34.58 3.42 25.40
N ALA G 180 33.42 2.90 24.99
CA ALA G 180 32.13 3.27 25.60
C ALA G 180 32.01 2.80 27.05
N LYS G 181 32.57 1.62 27.33
CA LYS G 181 32.65 1.06 28.69
C LYS G 181 33.53 1.93 29.58
N GLU G 182 34.75 2.22 29.10
CA GLU G 182 35.72 3.11 29.75
C GLU G 182 35.14 4.50 30.00
N TYR G 183 34.39 5.02 29.03
CA TYR G 183 33.72 6.33 29.13
C TYR G 183 32.57 6.34 30.15
N GLY G 184 31.93 5.19 30.33
CA GLY G 184 30.81 5.07 31.29
C GLY G 184 29.43 5.09 30.66
N LEU G 185 29.39 5.03 29.33
CA LEU G 185 28.13 4.95 28.58
C LEU G 185 27.48 3.57 28.73
N ILE G 186 28.32 2.55 28.88
CA ILE G 186 27.89 1.18 29.20
C ILE G 186 28.67 0.63 30.40
N ASP G 187 28.25 -0.54 30.89
CA ASP G 187 28.90 -1.19 32.01
C ASP G 187 29.79 -2.36 31.60
N GLU G 188 29.34 -3.12 30.59
CA GLU G 188 30.03 -4.35 30.16
C GLU G 188 30.05 -4.50 28.64
N VAL G 189 31.12 -5.09 28.13
CA VAL G 189 31.16 -5.58 26.75
C VAL G 189 30.71 -7.05 26.76
N MET G 190 29.61 -7.34 26.05
CA MET G 190 29.03 -8.68 26.01
C MET G 190 29.86 -9.61 25.13
N VAL G 191 30.63 -10.48 25.78
CA VAL G 191 31.53 -11.44 25.15
C VAL G 191 30.77 -12.78 24.88
N PRO G 192 31.12 -13.50 23.77
CA PRO G 192 30.61 -14.86 23.56
C PRO G 192 30.71 -15.77 24.79
N GLU G 193 29.63 -16.50 25.06
CA GLU G 193 29.38 -17.28 26.29
C GLU G 193 30.59 -18.04 26.86
#